data_7RLV
#
_entry.id   7RLV
#
_cell.length_a   71.487
_cell.length_b   81.425
_cell.length_c   82.263
_cell.angle_alpha   94.588
_cell.angle_beta   114.097
_cell.angle_gamma   111.599
#
_symmetry.space_group_name_H-M   'P 1'
#
loop_
_entity.id
_entity.type
_entity.pdbx_description
1 polymer '2F2 Fab light chain'
2 polymer 'peptide from Circumsporozoite protein variant VK210'
3 polymer '2F2 Fab heavy chain'
4 non-polymer 1,2-ETHANEDIOL
5 water water
#
loop_
_entity_poly.entity_id
_entity_poly.type
_entity_poly.pdbx_seq_one_letter_code
_entity_poly.pdbx_strand_id
1 'polypeptide(L)'
;NSDIVMTQTPLSLSVTIGQPASISCKSSQSLLHSNGKTYLNWLQQRPGQAPKILMYLVSKLDPGIPDRFSGSGSETDFTL
KISRVEAEDLGVYYCLQGTYYPFTFGSGTKLEIKRTVAAPSVFIFPPSDEQLKSGTASVVCLLNNFYPREAKVQWKVDNA
LQSGNSQESVTEQDSKDSTYSLSSTLTLSKADYEKHKVYACEVTHQGLSSPVTKSFNRGEC
;
B,D,F
2 'polypeptide(L)' GDRADGQPAGDRADGQPA P,R,Q
3 'polypeptide(L)'
;NSQLQQSGPELVKPGASVKISCKASGYSFTGYYMHWVKQSHVKSLEWIGRIDPYDGATSYNQNFKDKASLTVDKSSTTGF
MELHSLTSEDSAVYYCAREGHWDGDWYFDVWGAGTTVTVSSASTKGPSVFPLAPSSKSTSGGTAALGCLVKDYFPEPVTV
SWNSGALTSGVHTFPAVLQSSGLYSLSSVVTVPSSSLGTQTYICNVNHKPSNTKVDKKVEPKSC
;
A,C,E
#
# COMPACT_ATOMS: atom_id res chain seq x y z
N ASP A 3 17.18 48.32 -14.27
CA ASP A 3 17.36 46.88 -14.16
C ASP A 3 16.24 46.14 -14.90
N ILE A 4 16.58 44.97 -15.47
CA ILE A 4 15.58 44.21 -16.20
C ILE A 4 14.58 43.61 -15.23
N VAL A 5 13.30 43.80 -15.52
CA VAL A 5 12.22 43.20 -14.74
C VAL A 5 11.88 41.84 -15.34
N MET A 6 11.93 40.82 -14.51
CA MET A 6 11.60 39.46 -14.91
C MET A 6 10.25 39.10 -14.32
N THR A 7 9.28 38.82 -15.18
CA THR A 7 7.92 38.49 -14.75
C THR A 7 7.63 37.04 -15.11
N GLN A 8 7.27 36.24 -14.10
CA GLN A 8 6.99 34.82 -14.26
C GLN A 8 5.49 34.57 -14.19
N THR A 9 5.04 33.52 -14.91
CA THR A 9 3.63 33.15 -15.06
C THR A 9 3.50 31.62 -15.12
N PRO A 10 2.68 31.01 -14.26
CA PRO A 10 1.99 31.62 -13.12
C PRO A 10 2.95 31.70 -11.94
N LEU A 11 2.52 32.28 -10.82
CA LEU A 11 3.35 32.34 -9.63
C LEU A 11 3.23 31.09 -8.76
N SER A 12 2.24 30.23 -9.02
CA SER A 12 2.10 28.98 -8.28
C SER A 12 1.28 28.04 -9.15
N LEU A 13 1.62 26.75 -9.15
CA LEU A 13 0.83 25.78 -9.89
C LEU A 13 0.99 24.40 -9.26
N SER A 14 -0.07 23.58 -9.35
CA SER A 14 -0.07 22.22 -8.85
C SER A 14 -0.30 21.24 -10.00
N VAL A 15 0.45 20.13 -9.99
CA VAL A 15 0.40 19.15 -11.08
C VAL A 15 0.41 17.74 -10.50
N THR A 16 -0.30 16.84 -11.18
CA THR A 16 -0.27 15.44 -10.80
C THR A 16 1.05 14.84 -11.27
N ILE A 17 1.61 13.94 -10.45
CA ILE A 17 2.81 13.24 -10.87
C ILE A 17 2.56 12.59 -12.22
N GLY A 18 3.46 12.81 -13.17
CA GLY A 18 3.32 12.28 -14.51
C GLY A 18 2.72 13.23 -15.53
N GLN A 19 2.14 14.35 -15.10
CA GLN A 19 1.60 15.32 -16.04
C GLN A 19 2.66 16.35 -16.38
N PRO A 20 2.50 17.05 -17.51
CA PRO A 20 3.47 18.08 -17.88
C PRO A 20 3.26 19.36 -17.08
N ALA A 21 4.31 20.16 -17.01
CA ALA A 21 4.27 21.47 -16.37
C ALA A 21 5.02 22.47 -17.23
N SER A 22 4.52 23.70 -17.27
CA SER A 22 5.17 24.77 -18.00
C SER A 22 5.16 26.04 -17.16
N ILE A 23 6.27 26.77 -17.19
CA ILE A 23 6.40 28.06 -16.52
C ILE A 23 6.88 29.08 -17.54
N SER A 24 6.26 30.24 -17.55
CA SER A 24 6.60 31.30 -18.49
C SER A 24 7.37 32.41 -17.76
N CYS A 25 8.31 33.04 -18.49
CA CYS A 25 9.07 34.19 -18.01
C CYS A 25 9.11 35.24 -19.12
N LYS A 26 8.78 36.48 -18.77
CA LYS A 26 8.80 37.62 -19.69
C LYS A 26 9.71 38.70 -19.12
N SER A 27 10.62 39.20 -19.95
CA SER A 27 11.57 40.22 -19.54
C SER A 27 11.17 41.58 -20.11
N SER A 28 11.50 42.64 -19.38
CA SER A 28 11.13 43.98 -19.81
C SER A 28 11.89 44.43 -21.06
N GLN A 29 13.01 43.79 -21.38
CA GLN A 29 13.75 44.06 -22.59
C GLN A 29 14.28 42.76 -23.16
N SER A 30 14.53 42.76 -24.47
CA SER A 30 15.12 41.60 -25.11
C SER A 30 16.44 41.25 -24.42
N LEU A 31 16.60 39.97 -24.07
CA LEU A 31 17.81 39.46 -23.42
C LEU A 31 18.87 39.03 -24.42
N LEU A 32 18.67 39.32 -25.70
CA LEU A 32 19.68 39.06 -26.72
C LEU A 32 20.80 40.08 -26.55
N HIS A 33 21.98 39.58 -26.19
CA HIS A 33 23.17 40.42 -26.03
C HIS A 33 23.76 40.74 -27.40
N SER A 34 24.56 41.80 -27.44
CA SER A 34 25.22 42.16 -28.70
C SER A 34 26.14 41.05 -29.20
N ASN A 35 26.65 40.20 -28.30
CA ASN A 35 27.61 39.18 -28.69
C ASN A 35 26.97 37.92 -29.27
N GLY A 36 25.64 37.90 -29.42
CA GLY A 36 24.90 36.82 -30.03
C GLY A 36 24.24 35.86 -29.05
N LYS A 37 24.78 35.75 -27.84
CA LYS A 37 24.26 34.81 -26.85
C LYS A 37 23.08 35.40 -26.10
N THR A 38 22.18 34.52 -25.66
CA THR A 38 20.99 34.91 -24.91
C THR A 38 21.13 34.35 -23.48
N TYR A 39 21.46 35.22 -22.52
CA TYR A 39 21.80 34.77 -21.17
C TYR A 39 20.54 34.67 -20.29
N LEU A 40 19.70 33.68 -20.60
CA LEU A 40 18.55 33.35 -19.76
C LEU A 40 18.80 32.03 -19.03
N ASN A 41 18.67 32.08 -17.71
CA ASN A 41 18.90 30.94 -16.84
C ASN A 41 17.62 30.57 -16.10
N TRP A 42 17.42 29.27 -15.87
CA TRP A 42 16.35 28.77 -15.03
C TRP A 42 16.94 28.08 -13.81
N LEU A 43 16.37 28.33 -12.64
CA LEU A 43 16.87 27.74 -11.39
C LEU A 43 15.72 27.08 -10.64
N GLN A 44 16.07 26.03 -9.90
CA GLN A 44 15.17 25.33 -9.01
C GLN A 44 15.67 25.46 -7.57
N GLN A 45 14.77 25.74 -6.63
CA GLN A 45 15.14 25.74 -5.22
C GLN A 45 14.22 24.79 -4.46
N ARG A 46 14.76 23.69 -3.99
CA ARG A 46 13.98 22.76 -3.19
C ARG A 46 13.90 23.25 -1.75
N PRO A 47 12.88 22.81 -1.01
CA PRO A 47 12.73 23.26 0.38
C PRO A 47 14.02 23.05 1.17
N GLY A 48 14.51 24.13 1.78
CA GLY A 48 15.69 24.07 2.63
C GLY A 48 17.03 24.10 1.93
N GLN A 49 17.07 24.06 0.61
CA GLN A 49 18.34 23.99 -0.11
C GLN A 49 18.61 25.28 -0.86
N ALA A 50 19.85 25.42 -1.31
CA ALA A 50 20.25 26.53 -2.17
C ALA A 50 19.64 26.39 -3.56
N PRO A 51 19.49 27.49 -4.29
CA PRO A 51 19.10 27.39 -5.69
C PRO A 51 20.13 26.61 -6.49
N LYS A 52 19.68 26.04 -7.60
CA LYS A 52 20.55 25.22 -8.44
C LYS A 52 20.21 25.49 -9.89
N ILE A 53 21.24 25.69 -10.71
CA ILE A 53 21.01 25.90 -12.12
C ILE A 53 20.41 24.63 -12.74
N LEU A 54 19.35 24.80 -13.52
CA LEU A 54 18.80 23.76 -14.37
C LEU A 54 19.31 23.88 -15.79
N MET A 55 19.26 25.08 -16.36
CA MET A 55 19.78 25.32 -17.70
C MET A 55 20.21 26.78 -17.82
N TYR A 56 21.09 27.01 -18.78
CA TYR A 56 21.68 28.31 -19.07
C TYR A 56 21.57 28.55 -20.58
N LEU A 57 21.76 29.80 -21.00
CA LEU A 57 21.60 30.19 -22.40
C LEU A 57 20.28 29.65 -22.96
N VAL A 58 19.20 29.88 -22.22
CA VAL A 58 17.83 29.57 -22.62
C VAL A 58 17.48 28.09 -22.44
N SER A 59 18.29 27.21 -23.02
CA SER A 59 17.89 25.82 -23.15
C SER A 59 19.02 24.83 -22.96
N LYS A 60 20.23 25.28 -22.64
CA LYS A 60 21.34 24.35 -22.48
C LYS A 60 21.30 23.82 -21.05
N LEU A 61 21.08 22.51 -20.93
CA LEU A 61 20.99 21.87 -19.63
C LEU A 61 22.36 21.64 -19.02
N ASP A 62 22.50 22.00 -17.75
CA ASP A 62 23.62 21.55 -16.95
C ASP A 62 23.64 20.03 -16.89
N PRO A 63 24.77 19.38 -17.14
CA PRO A 63 24.83 17.93 -17.02
C PRO A 63 24.36 17.52 -15.63
N GLY A 64 23.71 16.37 -15.56
CA GLY A 64 23.15 15.90 -14.30
C GLY A 64 21.74 16.36 -14.02
N ILE A 65 21.20 17.25 -14.85
CA ILE A 65 19.80 17.65 -14.75
C ILE A 65 19.01 16.69 -15.63
N PRO A 66 17.93 16.08 -15.13
CA PRO A 66 17.22 15.08 -15.92
C PRO A 66 16.69 15.66 -17.23
N ASP A 67 16.66 14.82 -18.27
CA ASP A 67 16.25 15.25 -19.59
C ASP A 67 14.78 15.66 -19.66
N ARG A 68 14.00 15.41 -18.62
CA ARG A 68 12.61 15.85 -18.66
C ARG A 68 12.48 17.37 -18.56
N PHE A 69 13.54 18.07 -18.15
CA PHE A 69 13.55 19.53 -18.16
C PHE A 69 14.00 20.06 -19.52
N SER A 70 13.30 21.07 -20.03
CA SER A 70 13.70 21.71 -21.27
C SER A 70 13.23 23.17 -21.24
N GLY A 71 13.98 24.01 -21.94
CA GLY A 71 13.65 25.42 -22.03
C GLY A 71 13.62 25.87 -23.47
N SER A 72 12.84 26.94 -23.70
CA SER A 72 12.76 27.55 -25.02
C SER A 72 12.42 29.02 -24.86
N GLY A 73 12.23 29.70 -25.99
CA GLY A 73 11.96 31.11 -26.03
C GLY A 73 13.08 31.88 -26.70
N SER A 74 12.86 33.18 -26.84
CA SER A 74 13.88 34.08 -27.37
C SER A 74 13.49 35.51 -27.01
N GLU A 75 14.44 36.43 -27.19
CA GLU A 75 14.18 37.85 -27.02
C GLU A 75 13.56 38.19 -25.67
N THR A 76 12.22 38.24 -25.58
CA THR A 76 11.58 38.64 -24.33
C THR A 76 10.68 37.57 -23.71
N ASP A 77 10.48 36.43 -24.36
CA ASP A 77 9.55 35.41 -23.90
C ASP A 77 10.25 34.07 -23.81
N PHE A 78 10.13 33.43 -22.63
CA PHE A 78 10.81 32.16 -22.37
C PHE A 78 9.90 31.22 -21.60
N THR A 79 10.07 29.91 -21.85
CA THR A 79 9.26 28.90 -21.20
C THR A 79 10.15 27.78 -20.67
N LEU A 80 9.91 27.39 -19.41
CA LEU A 80 10.48 26.19 -18.84
C LEU A 80 9.41 25.09 -18.83
N LYS A 81 9.77 23.90 -19.31
CA LYS A 81 8.84 22.78 -19.34
C LYS A 81 9.45 21.57 -18.66
N ILE A 82 8.62 20.85 -17.91
CA ILE A 82 8.93 19.52 -17.40
C ILE A 82 8.01 18.56 -18.11
N SER A 83 8.58 17.64 -18.88
CA SER A 83 7.76 16.77 -19.71
C SER A 83 6.82 15.93 -18.86
N ARG A 84 7.35 15.31 -17.81
CA ARG A 84 6.58 14.49 -16.89
C ARG A 84 7.08 14.77 -15.49
N VAL A 85 6.21 15.34 -14.65
CA VAL A 85 6.62 15.79 -13.32
C VAL A 85 6.87 14.59 -12.43
N GLU A 86 7.93 14.66 -11.65
CA GLU A 86 8.22 13.67 -10.62
C GLU A 86 8.07 14.31 -9.25
N ALA A 87 7.99 13.46 -8.22
CA ALA A 87 7.74 13.94 -6.87
C ALA A 87 8.84 14.89 -6.41
N GLU A 88 10.08 14.66 -6.83
CA GLU A 88 11.24 15.44 -6.45
C GLU A 88 11.30 16.81 -7.14
N ASP A 89 10.37 17.11 -8.04
CA ASP A 89 10.36 18.38 -8.75
C ASP A 89 9.69 19.51 -7.98
N LEU A 90 9.15 19.23 -6.81
CA LEU A 90 8.50 20.28 -6.05
C LEU A 90 9.54 21.30 -5.60
N GLY A 91 9.11 22.54 -5.51
CA GLY A 91 9.99 23.60 -5.08
C GLY A 91 9.65 24.87 -5.80
N VAL A 92 10.58 25.80 -5.78
CA VAL A 92 10.39 27.12 -6.37
C VAL A 92 11.33 27.25 -7.57
N TYR A 93 10.79 27.75 -8.68
CA TYR A 93 11.51 27.92 -9.93
C TYR A 93 11.68 29.40 -10.25
N TYR A 94 12.88 29.77 -10.67
CA TYR A 94 13.22 31.16 -10.96
C TYR A 94 13.84 31.25 -12.34
N CYS A 95 13.48 32.28 -13.07
CA CYS A 95 14.27 32.67 -14.22
C CYS A 95 15.25 33.75 -13.78
N LEU A 96 16.40 33.79 -14.46
CA LEU A 96 17.46 34.73 -14.13
C LEU A 96 18.09 35.22 -15.42
N GLN A 97 18.13 36.54 -15.62
CA GLN A 97 18.73 37.11 -16.82
C GLN A 97 20.15 37.56 -16.52
N GLY A 98 21.07 37.25 -17.43
CA GLY A 98 22.46 37.61 -17.25
C GLY A 98 22.95 38.49 -18.38
N THR A 99 22.03 39.18 -19.05
CA THR A 99 22.39 40.00 -20.19
C THR A 99 22.74 41.43 -19.77
N TYR A 100 21.90 42.04 -18.95
CA TYR A 100 22.06 43.45 -18.59
C TYR A 100 22.43 43.54 -17.11
N TYR A 101 23.51 44.26 -16.85
CA TYR A 101 23.90 44.53 -15.48
C TYR A 101 22.83 45.40 -14.82
N PRO A 102 22.38 45.06 -13.61
CA PRO A 102 22.82 43.88 -12.85
C PRO A 102 21.94 42.62 -13.06
N PHE A 103 22.49 41.45 -12.78
CA PHE A 103 21.67 40.23 -12.69
C PHE A 103 20.33 40.51 -12.01
N THR A 104 19.25 40.00 -12.60
CA THR A 104 17.96 40.07 -11.94
C THR A 104 17.24 38.73 -12.08
N PHE A 105 16.61 38.31 -11.00
CA PHE A 105 15.73 37.15 -10.97
C PHE A 105 14.29 37.60 -11.10
N GLY A 106 13.44 36.67 -11.54
CA GLY A 106 12.01 36.86 -11.37
C GLY A 106 11.58 36.45 -9.97
N SER A 107 10.36 36.82 -9.60
CA SER A 107 9.72 36.24 -8.43
C SER A 107 9.44 34.77 -8.72
N GLY A 108 9.80 33.89 -7.78
CA GLY A 108 9.74 32.47 -8.05
C GLY A 108 8.33 31.97 -8.32
N THR A 109 8.26 30.87 -9.07
CA THR A 109 7.03 30.10 -9.25
C THR A 109 7.08 28.84 -8.41
N LYS A 110 6.10 28.67 -7.51
CA LYS A 110 6.04 27.50 -6.65
C LYS A 110 5.30 26.36 -7.34
N LEU A 111 5.95 25.21 -7.44
CA LEU A 111 5.37 24.00 -8.04
C LEU A 111 5.02 23.02 -6.91
N GLU A 112 3.73 22.76 -6.75
CA GLU A 112 3.18 21.80 -5.80
C GLU A 112 2.69 20.55 -6.55
N ILE A 113 2.74 19.40 -5.86
CA ILE A 113 2.30 18.14 -6.42
C ILE A 113 0.89 17.85 -5.94
N LYS A 114 0.00 17.52 -6.88
CA LYS A 114 -1.29 16.94 -6.55
C LYS A 114 -1.14 15.43 -6.43
N ARG A 115 -1.76 14.84 -5.39
CA ARG A 115 -1.78 13.39 -5.21
C ARG A 115 -3.12 13.00 -4.60
N THR A 116 -3.34 11.69 -4.42
CA THR A 116 -4.60 11.22 -3.88
C THR A 116 -4.69 11.50 -2.38
N VAL A 117 -5.93 11.63 -1.90
CA VAL A 117 -6.16 11.77 -0.47
C VAL A 117 -5.41 10.68 0.27
N ALA A 118 -4.87 11.01 1.44
CA ALA A 118 -4.20 10.08 2.33
C ALA A 118 -4.52 10.47 3.77
N ALA A 119 -4.96 9.51 4.58
CA ALA A 119 -5.36 9.81 5.94
C ALA A 119 -4.13 9.90 6.84
N PRO A 120 -4.12 10.82 7.79
CA PRO A 120 -3.00 10.89 8.73
C PRO A 120 -3.09 9.75 9.72
N SER A 121 -1.94 9.26 10.16
CA SER A 121 -1.89 8.51 11.41
C SER A 121 -1.64 9.53 12.52
N VAL A 122 -2.31 9.34 13.66
CA VAL A 122 -2.37 10.36 14.70
C VAL A 122 -1.73 9.81 15.97
N PHE A 123 -0.88 10.63 16.60
CA PHE A 123 -0.22 10.31 17.85
C PHE A 123 -0.34 11.48 18.80
N ILE A 124 -0.44 11.16 20.09
CA ILE A 124 -0.53 12.16 21.14
C ILE A 124 0.57 11.88 22.15
N PHE A 125 1.23 12.95 22.60
CA PHE A 125 2.35 12.86 23.53
C PHE A 125 2.06 13.68 24.78
N PRO A 126 2.10 13.08 25.96
CA PRO A 126 1.96 13.87 27.19
C PRO A 126 3.21 14.69 27.42
N PRO A 127 3.10 15.76 28.20
CA PRO A 127 4.30 16.51 28.57
C PRO A 127 5.23 15.61 29.36
N SER A 128 6.53 15.86 29.23
CA SER A 128 7.53 15.14 30.01
C SER A 128 7.58 15.69 31.44
N ASP A 129 7.99 14.83 32.38
CA ASP A 129 8.18 15.27 33.76
C ASP A 129 9.24 16.37 33.85
N GLU A 130 10.32 16.23 33.08
CA GLU A 130 11.37 17.24 33.08
C GLU A 130 10.79 18.63 32.81
N GLN A 131 9.97 18.76 31.77
CA GLN A 131 9.37 20.06 31.47
C GLN A 131 8.43 20.49 32.57
N LEU A 132 7.64 19.55 33.12
CA LEU A 132 6.74 19.90 34.21
C LEU A 132 7.49 20.42 35.42
N LYS A 133 8.79 20.11 35.56
CA LYS A 133 9.57 20.63 36.68
C LYS A 133 9.74 22.15 36.63
N SER A 134 9.82 22.71 35.42
CA SER A 134 9.56 24.13 35.26
C SER A 134 8.04 24.30 35.30
N GLY A 135 7.54 25.51 35.06
CA GLY A 135 6.13 25.71 35.29
C GLY A 135 5.18 25.45 34.14
N THR A 136 5.59 24.71 33.10
CA THR A 136 4.81 24.63 31.87
C THR A 136 4.63 23.19 31.41
N ALA A 137 3.49 22.94 30.75
CA ALA A 137 3.17 21.63 30.17
C ALA A 137 2.78 21.83 28.72
N SER A 138 3.45 21.11 27.82
CA SER A 138 3.18 21.12 26.39
C SER A 138 2.65 19.76 25.96
N VAL A 139 1.45 19.72 25.39
CA VAL A 139 0.86 18.49 24.89
C VAL A 139 0.88 18.55 23.37
N VAL A 140 1.42 17.51 22.74
CA VAL A 140 1.71 17.50 21.31
C VAL A 140 0.87 16.43 20.64
N CYS A 141 0.19 16.82 19.56
CA CYS A 141 -0.52 15.92 18.68
C CYS A 141 0.20 15.92 17.34
N LEU A 142 0.53 14.74 16.83
CA LEU A 142 1.21 14.56 15.56
C LEU A 142 0.27 13.92 14.53
N LEU A 143 0.17 14.53 13.35
CA LEU A 143 -0.53 13.94 12.20
C LEU A 143 0.50 13.67 11.12
N ASN A 144 0.67 12.41 10.75
CA ASN A 144 1.80 11.99 9.92
C ASN A 144 1.36 11.57 8.52
N ASN A 145 2.00 12.16 7.50
CA ASN A 145 1.95 11.68 6.12
C ASN A 145 0.54 11.65 5.56
N PHE A 146 -0.06 12.83 5.48
CA PHE A 146 -1.42 12.95 4.96
C PHE A 146 -1.47 13.90 3.76
N TYR A 147 -2.62 13.90 3.08
CA TYR A 147 -2.94 14.78 1.97
C TYR A 147 -4.44 14.80 1.82
N PRO A 148 -5.07 15.96 1.58
CA PRO A 148 -4.42 17.26 1.38
C PRO A 148 -4.00 17.93 2.67
N ARG A 149 -3.48 19.16 2.54
CA ARG A 149 -2.90 19.88 3.66
C ARG A 149 -3.96 20.25 4.69
N GLU A 150 -5.18 20.55 4.24
CA GLU A 150 -6.25 20.98 5.13
C GLU A 150 -6.58 19.90 6.15
N ALA A 151 -6.61 20.29 7.42
CA ALA A 151 -6.93 19.38 8.51
C ALA A 151 -7.50 20.20 9.65
N LYS A 152 -8.42 19.60 10.40
CA LYS A 152 -8.94 20.22 11.60
C LYS A 152 -8.49 19.38 12.78
N VAL A 153 -7.72 20.00 13.68
CA VAL A 153 -7.26 19.35 14.90
C VAL A 153 -7.87 20.11 16.06
N GLN A 154 -8.70 19.44 16.85
CA GLN A 154 -9.31 20.03 18.02
C GLN A 154 -8.83 19.36 19.29
N TRP A 155 -8.50 20.16 20.30
CA TRP A 155 -8.10 19.69 21.62
C TRP A 155 -9.28 19.70 22.57
N LYS A 156 -9.45 18.61 23.30
CA LYS A 156 -10.47 18.50 24.33
C LYS A 156 -9.78 18.11 25.63
N VAL A 157 -10.05 18.88 26.69
CA VAL A 157 -9.54 18.58 28.02
C VAL A 157 -10.72 18.30 28.93
N ASP A 158 -10.76 17.09 29.48
CA ASP A 158 -11.95 16.61 30.19
C ASP A 158 -13.20 16.96 29.39
N ASN A 159 -13.12 16.78 28.06
CA ASN A 159 -14.21 16.96 27.12
C ASN A 159 -14.57 18.41 26.82
N ALA A 160 -13.83 19.39 27.32
CA ALA A 160 -14.11 20.79 27.04
C ALA A 160 -13.25 21.24 25.87
N LEU A 161 -13.89 21.69 24.79
CA LEU A 161 -13.14 22.15 23.62
C LEU A 161 -12.23 23.31 23.96
N GLN A 162 -10.96 23.17 23.60
CA GLN A 162 -9.97 24.20 23.85
C GLN A 162 -9.92 25.16 22.68
N SER A 163 -9.66 26.43 22.99
CA SER A 163 -9.58 27.46 21.97
C SER A 163 -8.56 28.49 22.41
N GLY A 164 -7.65 28.84 21.50
CA GLY A 164 -6.73 29.95 21.71
C GLY A 164 -5.47 29.61 22.49
N ASN A 165 -5.24 28.34 22.80
CA ASN A 165 -4.05 27.94 23.56
C ASN A 165 -3.28 26.83 22.85
N SER A 166 -3.45 26.68 21.54
CA SER A 166 -2.71 25.67 20.78
C SER A 166 -2.11 26.31 19.54
N GLN A 167 -1.08 25.66 19.01
CA GLN A 167 -0.31 26.20 17.91
C GLN A 167 0.10 25.05 17.00
N GLU A 168 -0.01 25.28 15.68
CA GLU A 168 0.25 24.25 14.70
C GLU A 168 1.49 24.55 13.86
N SER A 169 2.12 23.49 13.39
CA SER A 169 3.20 23.63 12.43
C SER A 169 3.03 22.52 11.39
N VAL A 170 3.24 22.87 10.13
CA VAL A 170 3.04 21.96 9.01
C VAL A 170 4.37 21.86 8.26
N THR A 171 4.78 20.65 7.94
CA THR A 171 5.99 20.49 7.14
C THR A 171 5.70 20.93 5.70
N GLU A 172 6.78 21.13 4.94
CA GLU A 172 6.64 21.25 3.50
C GLU A 172 6.24 19.89 2.91
N GLN A 173 5.76 19.92 1.67
CA GLN A 173 5.34 18.71 0.99
C GLN A 173 6.54 17.74 0.88
N ASP A 174 6.32 16.49 1.23
CA ASP A 174 7.40 15.53 1.19
C ASP A 174 7.86 15.32 -0.25
N SER A 175 9.17 15.30 -0.46
CA SER A 175 9.69 15.17 -1.82
C SER A 175 9.61 13.75 -2.37
N LYS A 176 9.12 12.79 -1.59
CA LYS A 176 9.02 11.40 -2.00
C LYS A 176 7.58 10.96 -2.20
N ASP A 177 6.70 11.18 -1.22
CA ASP A 177 5.30 10.77 -1.33
C ASP A 177 4.33 11.95 -1.39
N SER A 178 4.84 13.18 -1.37
CA SER A 178 4.04 14.39 -1.59
C SER A 178 3.02 14.64 -0.52
N THR A 179 3.19 14.04 0.66
CA THR A 179 2.28 14.22 1.78
C THR A 179 2.81 15.33 2.68
N TYR A 180 1.98 15.66 3.67
CA TYR A 180 2.32 16.63 4.70
C TYR A 180 2.30 15.94 6.05
N SER A 181 2.98 16.57 7.03
CA SER A 181 2.84 16.20 8.42
C SER A 181 2.56 17.46 9.23
N LEU A 182 1.88 17.29 10.35
CA LEU A 182 1.42 18.42 11.11
C LEU A 182 1.56 18.12 12.59
N SER A 183 2.01 19.12 13.33
CA SER A 183 2.04 19.09 14.78
C SER A 183 1.12 20.15 15.35
N SER A 184 0.38 19.80 16.39
CA SER A 184 -0.41 20.73 17.17
C SER A 184 0.05 20.65 18.62
N THR A 185 0.42 21.80 19.19
CA THR A 185 0.95 21.87 20.55
C THR A 185 -0.02 22.66 21.42
N LEU A 186 -0.59 21.99 22.42
CA LEU A 186 -1.42 22.63 23.43
C LEU A 186 -0.50 23.01 24.60
N THR A 187 -0.50 24.30 24.95
CA THR A 187 0.39 24.83 25.97
C THR A 187 -0.42 25.26 27.19
N LEU A 188 -0.05 24.73 28.35
CA LEU A 188 -0.74 25.02 29.60
C LEU A 188 0.26 25.27 30.73
N SER A 189 -0.16 26.05 31.71
CA SER A 189 0.63 26.14 32.93
C SER A 189 0.59 24.78 33.63
N LYS A 190 1.62 24.51 34.44
CA LYS A 190 1.62 23.24 35.16
C LYS A 190 0.35 23.08 35.99
N ALA A 191 -0.11 24.17 36.61
CA ALA A 191 -1.29 24.12 37.47
C ALA A 191 -2.55 23.77 36.67
N ASP A 192 -2.75 24.39 35.50
CA ASP A 192 -3.91 24.03 34.69
C ASP A 192 -3.81 22.58 34.25
N TYR A 193 -2.61 22.13 33.89
CA TYR A 193 -2.45 20.75 33.46
C TYR A 193 -2.85 19.79 34.58
N GLU A 194 -2.44 20.11 35.82
CA GLU A 194 -2.68 19.23 36.97
C GLU A 194 -4.13 19.23 37.43
N LYS A 195 -4.93 20.23 37.06
CA LYS A 195 -6.35 20.27 37.39
C LYS A 195 -7.23 19.40 36.49
N HIS A 196 -6.68 18.69 35.50
CA HIS A 196 -7.52 17.90 34.60
C HIS A 196 -6.94 16.50 34.36
N LYS A 197 -7.80 15.60 33.90
CA LYS A 197 -7.45 14.20 33.74
C LYS A 197 -7.31 13.79 32.27
N VAL A 198 -8.35 13.98 31.47
CA VAL A 198 -8.38 13.44 30.12
C VAL A 198 -7.96 14.51 29.13
N TYR A 199 -6.92 14.22 28.34
CA TYR A 199 -6.43 15.07 27.27
C TYR A 199 -6.56 14.34 25.95
N ALA A 200 -7.18 14.99 24.97
CA ALA A 200 -7.46 14.33 23.70
C ALA A 200 -7.28 15.32 22.55
N CYS A 201 -6.70 14.84 21.44
CA CYS A 201 -6.80 15.56 20.18
C CYS A 201 -7.69 14.77 19.24
N GLU A 202 -8.61 15.49 18.62
CA GLU A 202 -9.59 14.96 17.68
C GLU A 202 -9.27 15.51 16.31
N VAL A 203 -9.09 14.62 15.33
CA VAL A 203 -8.63 14.96 13.99
C VAL A 203 -9.75 14.70 13.00
N THR A 204 -10.06 15.73 12.20
CA THR A 204 -10.98 15.62 11.08
C THR A 204 -10.19 15.86 9.79
N HIS A 205 -10.39 14.99 8.82
CA HIS A 205 -9.60 15.08 7.60
C HIS A 205 -10.31 14.38 6.45
N GLN A 206 -10.07 14.88 5.24
CA GLN A 206 -10.73 14.35 4.05
C GLN A 206 -10.54 12.84 3.92
N GLY A 207 -9.38 12.33 4.36
CA GLY A 207 -9.06 10.91 4.28
C GLY A 207 -9.67 10.02 5.34
N LEU A 208 -10.35 10.60 6.33
CA LEU A 208 -10.96 9.87 7.44
C LEU A 208 -12.48 9.88 7.27
N SER A 209 -13.08 8.69 7.21
CA SER A 209 -14.55 8.63 7.09
C SER A 209 -15.23 9.27 8.29
N SER A 210 -14.59 9.27 9.45
CA SER A 210 -15.11 9.97 10.62
C SER A 210 -13.95 10.37 11.51
N PRO A 211 -14.17 11.31 12.43
CA PRO A 211 -13.04 11.89 13.19
C PRO A 211 -12.28 10.84 13.99
N VAL A 212 -10.97 11.04 14.10
CA VAL A 212 -10.09 10.19 14.90
C VAL A 212 -9.69 10.94 16.16
N THR A 213 -9.76 10.24 17.30
CA THR A 213 -9.37 10.79 18.60
C THR A 213 -8.28 9.94 19.22
N LYS A 214 -7.20 10.60 19.67
CA LYS A 214 -6.16 9.99 20.49
C LYS A 214 -6.12 10.72 21.83
N SER A 215 -6.03 9.97 22.93
CA SER A 215 -6.13 10.58 24.25
C SER A 215 -5.28 9.84 25.27
N PHE A 216 -5.00 10.51 26.38
CA PHE A 216 -4.36 9.89 27.54
C PHE A 216 -4.95 10.45 28.82
N ASN A 217 -4.77 9.70 29.90
CA ASN A 217 -5.10 10.15 31.25
C ASN A 217 -3.82 10.63 31.91
N ARG A 218 -3.84 11.85 32.41
CA ARG A 218 -2.67 12.39 33.09
C ARG A 218 -2.24 11.45 34.20
N GLY A 219 -0.99 11.01 34.13
CA GLY A 219 -0.46 10.14 35.17
C GLY A 219 -0.83 8.69 35.05
N GLU A 220 -1.00 8.17 33.82
CA GLU A 220 -1.27 6.75 33.59
C GLU A 220 -0.38 6.28 32.44
N CYS A 221 0.81 5.78 32.78
CA CYS A 221 1.77 5.33 31.78
C CYS A 221 1.34 4.00 31.17
N ASP B 2 44.60 30.48 -15.88
CA ASP B 2 43.39 31.00 -16.52
C ASP B 2 42.64 31.95 -15.60
N ARG B 3 41.99 32.94 -16.17
CA ARG B 3 41.30 33.99 -15.42
C ARG B 3 39.78 33.82 -15.52
N ALA B 4 39.09 34.34 -14.51
CA ALA B 4 37.65 34.19 -14.45
C ALA B 4 36.98 34.98 -15.56
N ASP B 5 35.88 34.43 -16.08
CA ASP B 5 34.95 35.11 -16.96
C ASP B 5 33.54 34.79 -16.46
N GLY B 6 32.53 35.43 -17.04
CA GLY B 6 31.19 35.24 -16.52
C GLY B 6 30.16 35.93 -17.38
N GLN B 7 28.90 35.73 -17.02
CA GLN B 7 27.83 36.35 -17.79
C GLN B 7 27.92 37.87 -17.65
N PRO B 8 27.59 38.61 -18.71
CA PRO B 8 27.87 40.05 -18.74
C PRO B 8 27.11 40.87 -17.70
N ALA B 9 25.98 40.38 -17.20
CA ALA B 9 25.21 41.16 -16.22
C ALA B 9 25.98 41.36 -14.92
N GLY B 10 27.13 40.70 -14.75
CA GLY B 10 27.96 40.85 -13.58
C GLY B 10 28.93 42.01 -13.60
N ASP B 11 28.98 42.78 -14.69
CA ASP B 11 29.94 43.88 -14.83
C ASP B 11 29.29 45.03 -15.59
N ARG B 12 29.50 46.25 -15.09
CA ARG B 12 28.88 47.43 -15.70
C ARG B 12 29.18 47.54 -17.19
N ALA B 13 30.31 47.02 -17.65
CA ALA B 13 30.61 46.99 -19.08
C ALA B 13 29.98 45.78 -19.79
N GLN C 3 33.03 21.76 -2.25
CA GLN C 3 32.91 22.98 -3.04
C GLN C 3 32.94 24.26 -2.18
N LEU C 4 31.78 24.72 -1.74
CA LEU C 4 31.68 25.98 -1.00
C LEU C 4 31.05 25.75 0.37
N GLN C 5 31.77 26.14 1.41
CA GLN C 5 31.33 25.97 2.80
C GLN C 5 31.20 27.35 3.43
N GLN C 6 29.97 27.74 3.74
CA GLN C 6 29.69 29.05 4.34
C GLN C 6 29.74 28.98 5.86
N SER C 7 29.99 30.14 6.49
CA SER C 7 30.03 30.22 7.94
C SER C 7 28.62 30.14 8.53
N GLY C 8 28.57 30.02 9.88
CA GLY C 8 27.34 29.70 10.59
C GLY C 8 26.44 30.91 10.79
N PRO C 9 25.24 30.65 11.35
CA PRO C 9 24.23 31.72 11.48
C PRO C 9 24.71 32.85 12.40
N GLU C 10 24.20 34.05 12.14
CA GLU C 10 24.63 35.28 12.81
C GLU C 10 23.44 35.99 13.45
N LEU C 11 23.63 36.43 14.69
CA LEU C 11 22.71 37.36 15.35
C LEU C 11 23.42 38.70 15.50
N VAL C 12 22.89 39.75 14.85
CA VAL C 12 23.56 41.04 14.71
C VAL C 12 22.64 42.15 15.21
N LYS C 13 23.21 43.12 15.96
CA LYS C 13 22.41 44.26 16.42
C LYS C 13 22.19 45.27 15.31
N PRO C 14 21.05 45.95 15.29
CA PRO C 14 20.84 47.01 14.30
C PRO C 14 21.97 48.02 14.39
N GLY C 15 22.44 48.48 13.23
CA GLY C 15 23.53 49.44 13.19
C GLY C 15 24.92 48.86 13.28
N ALA C 16 25.07 47.62 13.75
CA ALA C 16 26.37 46.97 13.76
C ALA C 16 26.66 46.44 12.36
N SER C 17 27.83 45.87 12.16
CA SER C 17 28.16 45.26 10.88
C SER C 17 28.47 43.77 11.10
N VAL C 18 28.51 43.01 10.01
CA VAL C 18 28.78 41.58 10.10
C VAL C 18 29.54 41.13 8.86
N LYS C 19 30.48 40.22 9.06
CA LYS C 19 31.27 39.65 7.97
C LYS C 19 31.04 38.14 7.92
N ILE C 20 30.53 37.65 6.81
CA ILE C 20 30.28 36.23 6.64
C ILE C 20 31.23 35.71 5.57
N SER C 21 31.48 34.41 5.60
CA SER C 21 32.57 33.85 4.82
C SER C 21 32.12 32.62 4.06
N CYS C 22 32.90 32.28 3.05
CA CYS C 22 32.61 31.20 2.13
C CYS C 22 33.95 30.56 1.79
N LYS C 23 34.22 29.39 2.34
CA LYS C 23 35.49 28.70 2.15
C LYS C 23 35.38 27.80 0.93
N ALA C 24 36.27 28.01 -0.04
CA ALA C 24 36.31 27.23 -1.27
C ALA C 24 37.37 26.15 -1.17
N SER C 25 37.10 24.99 -1.76
CA SER C 25 38.04 23.88 -1.75
C SER C 25 37.81 23.01 -2.97
N GLY C 26 38.86 22.28 -3.37
CA GLY C 26 38.75 21.31 -4.44
C GLY C 26 38.74 21.87 -5.84
N TYR C 27 38.96 23.17 -6.02
CA TYR C 27 39.11 23.75 -7.35
C TYR C 27 40.03 24.97 -7.25
N SER C 28 40.40 25.52 -8.41
CA SER C 28 41.36 26.62 -8.46
C SER C 28 40.66 27.92 -8.08
N PHE C 29 40.83 28.31 -6.81
CA PHE C 29 40.09 29.43 -6.22
C PHE C 29 40.15 30.69 -7.09
N THR C 30 41.31 30.98 -7.67
CA THR C 30 41.54 32.23 -8.39
C THR C 30 41.08 32.20 -9.84
N GLY C 31 40.52 31.10 -10.32
CA GLY C 31 40.04 31.02 -11.67
C GLY C 31 38.56 31.31 -11.88
N TYR C 32 37.82 31.63 -10.82
CA TYR C 32 36.37 31.72 -10.92
C TYR C 32 35.84 32.86 -10.07
N TYR C 33 34.87 33.58 -10.62
CA TYR C 33 34.15 34.60 -9.86
C TYR C 33 33.39 33.97 -8.70
N MET C 34 33.40 34.65 -7.56
CA MET C 34 32.51 34.34 -6.45
C MET C 34 31.45 35.43 -6.39
N HIS C 35 30.17 35.03 -6.44
CA HIS C 35 29.03 35.93 -6.37
C HIS C 35 28.28 35.71 -5.06
N TRP C 36 27.50 36.72 -4.65
CA TRP C 36 26.67 36.63 -3.46
C TRP C 36 25.24 37.02 -3.78
N VAL C 37 24.30 36.32 -3.16
CA VAL C 37 22.88 36.43 -3.45
C VAL C 37 22.11 36.54 -2.15
N LYS C 38 21.10 37.42 -2.12
CA LYS C 38 20.27 37.63 -0.95
C LYS C 38 18.90 36.99 -1.17
N GLN C 39 18.43 36.23 -0.18
CA GLN C 39 17.08 35.68 -0.17
C GLN C 39 16.37 36.21 1.08
N SER C 40 15.43 37.12 0.85
CA SER C 40 14.77 37.85 1.92
C SER C 40 13.45 37.20 2.35
N HIS C 41 12.70 36.67 1.39
CA HIS C 41 11.46 35.98 1.64
C HIS C 41 11.50 34.64 0.90
N VAL C 42 10.44 33.84 1.06
CA VAL C 42 10.45 32.50 0.50
C VAL C 42 10.64 32.47 -1.01
N LYS C 43 10.38 33.58 -1.71
CA LYS C 43 10.49 33.58 -3.17
C LYS C 43 11.11 34.87 -3.68
N SER C 44 12.21 35.30 -3.07
CA SER C 44 12.85 36.56 -3.45
C SER C 44 14.36 36.35 -3.48
N LEU C 45 14.96 36.58 -4.65
CA LEU C 45 16.40 36.45 -4.82
C LEU C 45 16.95 37.73 -5.43
N GLU C 46 18.02 38.25 -4.85
CA GLU C 46 18.70 39.43 -5.37
C GLU C 46 20.20 39.16 -5.47
N TRP C 47 20.76 39.46 -6.63
CA TRP C 47 22.20 39.38 -6.82
C TRP C 47 22.86 40.62 -6.19
N ILE C 48 23.86 40.38 -5.36
CA ILE C 48 24.53 41.45 -4.61
C ILE C 48 25.73 41.99 -5.34
N GLY C 49 26.57 41.11 -5.86
CA GLY C 49 27.81 41.52 -6.48
C GLY C 49 28.69 40.30 -6.66
N ARG C 50 29.86 40.54 -7.25
CA ARG C 50 30.83 39.48 -7.47
C ARG C 50 32.24 39.99 -7.21
N ILE C 51 33.14 39.04 -6.96
CA ILE C 51 34.55 39.35 -6.76
C ILE C 51 35.37 38.39 -7.59
N ASP C 52 36.46 38.91 -8.17
CA ASP C 52 37.47 38.11 -8.84
C ASP C 52 38.52 37.78 -7.80
N PRO C 53 38.60 36.54 -7.30
CA PRO C 53 39.52 36.24 -6.20
C PRO C 53 40.98 36.45 -6.55
N TYR C 54 41.34 36.52 -7.83
CA TYR C 54 42.74 36.67 -8.21
C TYR C 54 43.29 38.03 -7.81
N ASP C 55 42.56 39.11 -8.11
CA ASP C 55 43.05 40.45 -7.84
C ASP C 55 42.10 41.24 -6.95
N GLY C 56 41.03 40.63 -6.46
CA GLY C 56 40.13 41.31 -5.56
C GLY C 56 39.21 42.30 -6.21
N ALA C 57 39.16 42.36 -7.53
CA ALA C 57 38.29 43.30 -8.21
C ALA C 57 36.83 42.94 -7.98
N THR C 58 36.01 43.95 -7.70
CA THR C 58 34.62 43.76 -7.32
C THR C 58 33.67 44.48 -8.27
N SER C 59 32.41 44.04 -8.25
CA SER C 59 31.33 44.62 -9.04
C SER C 59 30.05 44.45 -8.23
N TYR C 60 29.36 45.55 -7.95
CA TYR C 60 28.24 45.56 -7.03
C TYR C 60 26.95 45.89 -7.76
N ASN C 61 25.88 45.18 -7.40
CA ASN C 61 24.55 45.71 -7.62
C ASN C 61 24.48 47.08 -6.97
N GLN C 62 24.02 48.08 -7.71
CA GLN C 62 24.04 49.45 -7.17
C GLN C 62 23.22 49.52 -5.89
N ASN C 63 22.21 48.65 -5.74
CA ASN C 63 21.43 48.62 -4.52
C ASN C 63 22.25 48.20 -3.32
N PHE C 64 23.46 47.65 -3.52
CA PHE C 64 24.27 47.15 -2.42
C PHE C 64 25.64 47.81 -2.32
N LYS C 65 25.95 48.84 -3.12
CA LYS C 65 27.32 49.33 -3.17
C LYS C 65 27.77 49.89 -1.83
N ASP C 66 26.85 50.40 -1.03
CA ASP C 66 27.19 50.87 0.31
C ASP C 66 26.88 49.84 1.39
N LYS C 67 25.97 48.91 1.12
CA LYS C 67 25.57 47.95 2.14
C LYS C 67 26.59 46.84 2.30
N ALA C 68 27.22 46.40 1.21
CA ALA C 68 28.06 45.20 1.20
C ALA C 68 29.46 45.51 0.70
N SER C 69 30.44 44.81 1.28
CA SER C 69 31.84 44.87 0.87
C SER C 69 32.34 43.43 0.69
N LEU C 70 32.86 43.12 -0.50
CA LEU C 70 33.36 41.79 -0.81
C LEU C 70 34.90 41.79 -0.79
N THR C 71 35.48 40.79 -0.12
CA THR C 71 36.93 40.58 -0.09
C THR C 71 37.21 39.10 -0.27
N VAL C 72 38.50 38.78 -0.50
CA VAL C 72 38.96 37.39 -0.47
C VAL C 72 40.26 37.31 0.31
N ASP C 73 40.57 36.09 0.76
CA ASP C 73 41.84 35.71 1.33
C ASP C 73 42.36 34.56 0.48
N LYS C 74 43.36 34.84 -0.36
CA LYS C 74 43.89 33.87 -1.31
C LYS C 74 44.55 32.69 -0.61
N SER C 75 45.21 32.95 0.53
CA SER C 75 45.91 31.87 1.24
C SER C 75 44.93 30.81 1.72
N SER C 76 43.80 31.23 2.28
CA SER C 76 42.82 30.30 2.80
C SER C 76 41.67 30.07 1.83
N THR C 77 41.81 30.49 0.58
CA THR C 77 40.79 30.37 -0.45
C THR C 77 39.38 30.57 0.10
N THR C 78 39.19 31.74 0.71
CA THR C 78 37.93 32.08 1.36
C THR C 78 37.47 33.44 0.85
N GLY C 79 36.18 33.53 0.54
CA GLY C 79 35.55 34.79 0.20
C GLY C 79 34.75 35.32 1.38
N PHE C 80 34.61 36.64 1.44
CA PHE C 80 33.92 37.29 2.54
C PHE C 80 32.96 38.31 1.99
N MET C 81 31.79 38.43 2.63
CA MET C 81 30.91 39.55 2.40
C MET C 81 30.65 40.21 3.75
N GLU C 82 30.97 41.50 3.84
CA GLU C 82 30.65 42.30 5.01
C GLU C 82 29.45 43.19 4.70
N LEU C 83 28.44 43.15 5.56
CA LEU C 83 27.30 44.04 5.48
C LEU C 83 27.42 45.11 6.56
N HIS C 84 27.21 46.37 6.18
CA HIS C 84 27.42 47.50 7.08
C HIS C 84 26.08 48.05 7.57
N SER C 85 26.09 48.60 8.79
CA SER C 85 24.97 49.36 9.33
C SER C 85 23.63 48.63 9.14
N LEU C 86 23.52 47.47 9.78
CA LEU C 86 22.40 46.60 9.45
C LEU C 86 21.08 47.15 9.99
N THR C 87 20.02 46.93 9.23
CA THR C 87 18.65 47.14 9.66
C THR C 87 17.90 45.80 9.57
N SER C 88 16.62 45.82 9.95
CA SER C 88 15.84 44.58 9.87
C SER C 88 15.68 44.11 8.43
N GLU C 89 15.75 45.04 7.46
CA GLU C 89 15.71 44.68 6.04
C GLU C 89 16.88 43.83 5.61
N ASP C 90 17.92 43.71 6.43
CA ASP C 90 19.08 42.90 6.09
C ASP C 90 19.00 41.48 6.65
N SER C 91 18.03 41.19 7.52
CA SER C 91 17.83 39.81 7.93
C SER C 91 17.39 38.98 6.73
N ALA C 92 18.11 37.90 6.48
CA ALA C 92 17.87 37.11 5.28
C ALA C 92 18.85 35.94 5.29
N VAL C 93 18.69 35.06 4.31
CA VAL C 93 19.69 34.04 4.02
C VAL C 93 20.57 34.59 2.91
N TYR C 94 21.89 34.50 3.08
CA TYR C 94 22.86 34.95 2.10
C TYR C 94 23.65 33.76 1.55
N TYR C 95 23.72 33.64 0.22
CA TYR C 95 24.44 32.56 -0.45
C TYR C 95 25.66 33.09 -1.19
N CYS C 96 26.74 32.31 -1.19
CA CYS C 96 27.85 32.47 -2.14
C CYS C 96 27.70 31.42 -3.23
N ALA C 97 28.10 31.79 -4.44
CA ALA C 97 27.99 30.87 -5.57
C ALA C 97 29.20 31.06 -6.47
N ARG C 98 29.62 29.97 -7.11
CA ARG C 98 30.72 30.02 -8.05
C ARG C 98 30.15 30.09 -9.47
N GLU C 99 30.66 31.02 -10.26
CA GLU C 99 30.36 31.05 -11.69
C GLU C 99 31.41 30.18 -12.37
N GLY C 100 31.05 28.91 -12.61
CA GLY C 100 31.90 27.99 -13.31
C GLY C 100 31.56 27.97 -14.80
N HIS C 101 32.27 27.12 -15.52
CA HIS C 101 32.11 27.08 -16.97
C HIS C 101 32.06 25.63 -17.42
N TRP C 102 31.18 25.36 -18.37
CA TRP C 102 31.09 24.04 -18.97
C TRP C 102 31.09 24.23 -20.48
N ASP C 103 32.14 23.76 -21.14
CA ASP C 103 32.19 23.72 -22.60
C ASP C 103 32.01 25.12 -23.20
N GLY C 104 32.69 26.11 -22.62
CA GLY C 104 32.70 27.45 -23.17
C GLY C 104 31.65 28.40 -22.63
N ASP C 105 30.73 27.94 -21.80
CA ASP C 105 29.70 28.79 -21.24
C ASP C 105 29.85 28.86 -19.72
N TRP C 106 29.40 29.97 -19.13
CA TRP C 106 29.56 30.22 -17.71
C TRP C 106 28.19 30.33 -17.05
N TYR C 107 28.08 29.77 -15.85
CA TYR C 107 26.85 29.87 -15.07
C TYR C 107 27.15 29.47 -13.63
N PHE C 108 26.21 29.76 -12.74
CA PHE C 108 26.36 29.43 -11.33
C PHE C 108 26.20 27.92 -11.16
N ASP C 109 27.33 27.22 -11.01
CA ASP C 109 27.34 25.76 -10.98
C ASP C 109 27.65 25.18 -9.61
N VAL C 110 27.95 26.00 -8.61
CA VAL C 110 28.19 25.55 -7.24
C VAL C 110 27.66 26.61 -6.29
N TRP C 111 26.94 26.17 -5.26
CA TRP C 111 26.43 27.08 -4.24
C TRP C 111 26.77 26.59 -2.84
N GLY C 112 27.07 27.52 -1.94
CA GLY C 112 27.10 27.23 -0.52
C GLY C 112 25.69 27.02 0.04
N ALA C 113 25.63 26.50 1.26
CA ALA C 113 24.33 26.14 1.81
C ALA C 113 23.60 27.33 2.40
N GLY C 114 24.19 28.51 2.41
CA GLY C 114 23.48 29.66 2.93
C GLY C 114 23.87 29.98 4.35
N THR C 115 23.89 31.27 4.67
CA THR C 115 24.12 31.75 6.03
C THR C 115 22.92 32.59 6.43
N THR C 116 22.31 32.26 7.56
CA THR C 116 21.16 33.00 8.05
C THR C 116 21.65 34.13 8.94
N VAL C 117 21.33 35.37 8.59
CA VAL C 117 21.68 36.55 9.37
C VAL C 117 20.37 37.09 9.95
N THR C 118 20.32 37.22 11.27
CA THR C 118 19.16 37.79 11.98
C THR C 118 19.61 39.10 12.64
N VAL C 119 19.08 40.21 12.17
CA VAL C 119 19.37 41.52 12.77
C VAL C 119 18.35 41.75 13.88
N SER C 120 18.82 41.91 15.11
CA SER C 120 17.93 41.95 16.25
C SER C 120 18.65 42.58 17.43
N SER C 121 17.88 43.28 18.26
CA SER C 121 18.39 43.81 19.53
C SER C 121 18.43 42.76 20.64
N ALA C 122 17.79 41.61 20.45
CA ALA C 122 17.65 40.63 21.52
C ALA C 122 18.92 39.79 21.68
N SER C 123 19.03 39.13 22.82
CA SER C 123 20.15 38.27 23.17
C SER C 123 19.93 36.81 22.69
N THR C 124 21.02 36.05 22.62
CA THR C 124 20.93 34.65 22.21
C THR C 124 20.49 33.77 23.38
N LYS C 125 19.67 32.75 23.07
CA LYS C 125 19.23 31.79 24.08
C LYS C 125 19.16 30.40 23.48
N GLY C 126 19.77 29.43 24.16
CA GLY C 126 19.75 28.05 23.73
C GLY C 126 18.47 27.37 24.12
N PRO C 127 18.08 26.34 23.38
CA PRO C 127 16.80 25.68 23.66
C PRO C 127 16.97 24.71 24.82
N SER C 128 15.86 24.45 25.51
CA SER C 128 15.75 23.24 26.31
C SER C 128 15.12 22.15 25.45
N VAL C 129 15.48 20.88 25.70
CA VAL C 129 15.06 19.76 24.85
C VAL C 129 14.35 18.73 25.71
N PHE C 130 13.09 18.47 25.38
CA PHE C 130 12.26 17.56 26.14
C PHE C 130 11.86 16.37 25.28
N PRO C 131 11.79 15.17 25.86
CA PRO C 131 11.42 14.00 25.06
C PRO C 131 9.93 13.98 24.75
N LEU C 132 9.60 13.50 23.54
CA LEU C 132 8.23 13.13 23.17
C LEU C 132 8.20 11.60 23.16
N ALA C 133 7.68 11.01 24.24
CA ALA C 133 7.86 9.58 24.47
C ALA C 133 6.74 8.80 23.82
N PRO C 134 7.07 7.72 23.10
CA PRO C 134 6.12 6.81 22.46
C PRO C 134 5.32 5.99 23.47
N GLY C 142 1.01 -1.01 14.34
CA GLY C 142 2.40 -1.46 14.37
C GLY C 142 3.42 -0.34 14.33
N THR C 143 2.97 0.88 14.04
CA THR C 143 3.87 2.02 13.93
C THR C 143 3.82 2.86 15.20
N ALA C 144 4.99 3.24 15.70
CA ALA C 144 5.09 4.14 16.84
C ALA C 144 5.71 5.45 16.38
N ALA C 145 5.43 6.52 17.12
CA ALA C 145 6.07 7.79 16.88
C ALA C 145 6.73 8.28 18.16
N LEU C 146 7.92 8.85 18.04
CA LEU C 146 8.62 9.44 19.15
C LEU C 146 9.33 10.69 18.64
N GLY C 147 9.79 11.53 19.55
CA GLY C 147 10.37 12.78 19.09
C GLY C 147 11.02 13.57 20.21
N CYS C 148 11.40 14.81 19.87
CA CYS C 148 12.04 15.75 20.77
C CYS C 148 11.37 17.10 20.59
N LEU C 149 11.04 17.74 21.70
CA LEU C 149 10.51 19.10 21.69
C LEU C 149 11.67 20.03 22.02
N VAL C 150 11.96 20.96 21.10
CA VAL C 150 13.09 21.88 21.19
C VAL C 150 12.53 23.27 21.43
N LYS C 151 12.63 23.77 22.66
CA LYS C 151 11.79 24.85 23.14
C LYS C 151 12.59 26.06 23.60
N ASP C 152 12.13 27.25 23.20
CA ASP C 152 12.54 28.55 23.75
C ASP C 152 13.97 28.90 23.37
N TYR C 153 14.23 29.08 22.09
CA TYR C 153 15.55 29.46 21.63
C TYR C 153 15.45 30.70 20.75
N PHE C 154 16.58 31.39 20.63
CA PHE C 154 16.65 32.53 19.74
C PHE C 154 18.10 32.73 19.38
N PRO C 155 18.43 33.03 18.13
CA PRO C 155 17.54 33.13 16.98
C PRO C 155 17.43 31.79 16.27
N GLU C 156 16.84 31.80 15.08
CA GLU C 156 16.99 30.69 14.16
C GLU C 156 18.41 30.66 13.60
N PRO C 157 18.89 29.50 13.14
CA PRO C 157 18.21 28.20 13.15
C PRO C 157 18.71 27.23 14.23
N VAL C 158 17.94 26.15 14.41
CA VAL C 158 18.33 24.95 15.12
C VAL C 158 18.36 23.83 14.08
N THR C 159 19.31 22.91 14.19
CA THR C 159 19.28 21.68 13.40
C THR C 159 19.08 20.48 14.32
N VAL C 160 18.32 19.51 13.83
CA VAL C 160 18.04 18.29 14.57
C VAL C 160 18.38 17.11 13.68
N SER C 161 19.14 16.17 14.22
CA SER C 161 19.34 14.89 13.57
C SER C 161 19.01 13.79 14.57
N TRP C 162 18.85 12.56 14.06
CA TRP C 162 18.55 11.42 14.90
C TRP C 162 19.65 10.39 14.78
N ASN C 163 20.10 9.89 15.95
CA ASN C 163 21.16 8.89 16.01
C ASN C 163 22.34 9.28 15.13
N SER C 164 22.73 10.56 15.22
CA SER C 164 23.92 11.12 14.56
C SER C 164 23.89 11.03 13.04
N GLY C 165 22.69 11.05 12.46
CA GLY C 165 22.55 11.02 11.02
C GLY C 165 22.26 9.65 10.45
N ALA C 166 22.37 8.59 11.26
CA ALA C 166 22.10 7.24 10.77
C ALA C 166 20.60 6.98 10.62
N LEU C 167 19.75 7.73 11.32
CA LEU C 167 18.31 7.56 11.23
C LEU C 167 17.76 8.77 10.49
N THR C 168 17.27 8.55 9.27
CA THR C 168 16.77 9.62 8.42
C THR C 168 15.37 9.32 7.88
N SER C 169 15.08 8.04 7.67
CA SER C 169 13.80 7.67 7.12
C SER C 169 12.70 7.84 8.16
N GLY C 170 11.60 8.48 7.77
CA GLY C 170 10.51 8.74 8.67
C GLY C 170 10.70 9.93 9.58
N VAL C 171 11.74 10.73 9.39
CA VAL C 171 11.99 11.90 10.24
C VAL C 171 11.23 13.10 9.71
N HIS C 172 10.55 13.83 10.60
CA HIS C 172 9.97 15.12 10.28
C HIS C 172 10.42 16.13 11.31
N THR C 173 11.18 17.13 10.86
CA THR C 173 11.56 18.26 11.71
C THR C 173 10.71 19.45 11.25
N PHE C 174 9.79 19.86 12.12
CA PHE C 174 8.79 20.86 11.78
C PHE C 174 9.43 22.25 11.73
N PRO C 175 8.90 23.15 10.91
CA PRO C 175 9.33 24.55 10.97
C PRO C 175 9.12 25.12 12.37
N ALA C 176 10.04 25.97 12.81
CA ALA C 176 9.87 26.65 14.09
C ALA C 176 8.61 27.51 14.07
N VAL C 177 7.93 27.57 15.21
CA VAL C 177 6.88 28.56 15.44
C VAL C 177 7.35 29.53 16.52
N LEU C 178 6.80 30.74 16.49
CA LEU C 178 7.03 31.75 17.51
C LEU C 178 6.03 31.59 18.64
N GLN C 179 6.52 31.65 19.88
CA GLN C 179 5.69 31.65 21.07
C GLN C 179 5.42 33.08 21.53
N SER C 180 4.48 33.21 22.48
CA SER C 180 4.15 34.53 23.04
C SER C 180 5.33 35.19 23.72
N SER C 181 6.36 34.41 24.08
CA SER C 181 7.57 34.95 24.66
C SER C 181 8.48 35.62 23.64
N GLY C 182 8.21 35.51 22.33
CA GLY C 182 9.11 35.99 21.31
C GLY C 182 10.22 35.03 20.93
N LEU C 183 10.21 33.82 21.46
CA LEU C 183 11.24 32.83 21.21
C LEU C 183 10.67 31.72 20.34
N TYR C 184 11.56 31.04 19.63
CA TYR C 184 11.16 29.98 18.73
C TYR C 184 11.03 28.65 19.47
N SER C 185 10.26 27.75 18.87
CA SER C 185 10.10 26.40 19.38
C SER C 185 9.75 25.51 18.19
N LEU C 186 10.26 24.28 18.21
CA LEU C 186 9.92 23.28 17.20
C LEU C 186 9.91 21.89 17.81
N SER C 187 9.35 20.95 17.07
CA SER C 187 9.48 19.53 17.38
CA SER C 187 9.47 19.53 17.38
C SER C 187 10.07 18.79 16.19
N SER C 188 10.81 17.73 16.48
CA SER C 188 11.26 16.77 15.49
C SER C 188 10.77 15.40 15.91
N VAL C 189 10.13 14.68 14.99
CA VAL C 189 9.55 13.38 15.28
C VAL C 189 10.03 12.39 14.23
N VAL C 190 9.93 11.13 14.59
CA VAL C 190 10.23 10.03 13.68
C VAL C 190 9.25 8.91 13.99
N THR C 191 8.78 8.26 12.95
CA THR C 191 7.92 7.10 13.08
C THR C 191 8.79 5.87 12.84
N VAL C 192 8.67 4.88 13.71
CA VAL C 192 9.52 3.69 13.66
C VAL C 192 8.65 2.48 13.94
N PRO C 193 9.15 1.29 13.63
CA PRO C 193 8.40 0.08 14.00
C PRO C 193 8.23 0.01 15.51
N SER C 194 7.01 -0.28 15.96
CA SER C 194 6.78 -0.49 17.38
C SER C 194 7.65 -1.62 17.92
N SER C 195 7.91 -2.64 17.10
CA SER C 195 8.73 -3.78 17.50
C SER C 195 10.20 -3.43 17.77
N SER C 196 10.63 -2.21 17.45
CA SER C 196 11.99 -1.76 17.71
C SER C 196 12.16 -1.00 19.01
N LEU C 197 11.08 -0.47 19.57
CA LEU C 197 11.11 0.14 20.89
C LEU C 197 11.55 -0.90 21.91
N GLY C 198 12.70 -0.68 22.56
CA GLY C 198 13.22 -1.59 23.54
C GLY C 198 14.52 -2.28 23.13
N THR C 199 14.69 -2.53 21.84
CA THR C 199 15.97 -3.00 21.31
C THR C 199 16.76 -1.91 20.62
N GLN C 200 16.10 -0.89 20.09
CA GLN C 200 16.75 0.16 19.32
C GLN C 200 16.73 1.46 20.12
N THR C 201 17.90 2.06 20.29
CA THR C 201 18.03 3.34 20.96
C THR C 201 17.80 4.48 19.99
N TYR C 202 17.05 5.49 20.43
CA TYR C 202 16.74 6.65 19.62
C TYR C 202 17.23 7.90 20.36
N ILE C 203 18.09 8.66 19.70
CA ILE C 203 18.66 9.89 20.25
C ILE C 203 18.51 11.00 19.22
N CYS C 204 17.89 12.10 19.62
CA CYS C 204 17.87 13.28 18.78
C CYS C 204 19.07 14.13 19.17
N ASN C 205 19.83 14.54 18.16
CA ASN C 205 20.99 15.40 18.36
C ASN C 205 20.57 16.80 17.96
N VAL C 206 20.55 17.73 18.92
CA VAL C 206 20.06 19.08 18.68
C VAL C 206 21.27 20.01 18.73
N ASN C 207 21.35 20.93 17.77
CA ASN C 207 22.46 21.86 17.68
C ASN C 207 21.90 23.25 17.36
N HIS C 208 22.17 24.21 18.23
CA HIS C 208 21.80 25.61 18.06
C HIS C 208 23.11 26.36 18.12
N LYS C 209 23.74 26.54 16.95
CA LYS C 209 25.08 27.10 16.90
C LYS C 209 25.18 28.49 17.50
N PRO C 210 24.18 29.38 17.38
CA PRO C 210 24.34 30.72 17.95
C PRO C 210 24.59 30.71 19.44
N SER C 211 24.13 29.70 20.17
CA SER C 211 24.36 29.65 21.61
C SER C 211 25.37 28.59 22.02
N ASN C 212 26.00 27.91 21.07
CA ASN C 212 26.92 26.81 21.35
C ASN C 212 26.22 25.72 22.16
N THR C 213 24.97 25.47 21.84
CA THR C 213 24.17 24.44 22.50
C THR C 213 24.18 23.20 21.60
N LYS C 214 24.71 22.10 22.11
CA LYS C 214 24.66 20.79 21.46
C LYS C 214 24.09 19.80 22.47
N VAL C 215 22.91 19.28 22.19
CA VAL C 215 22.21 18.36 23.10
C VAL C 215 21.96 17.04 22.40
N ASP C 216 22.16 15.94 23.12
CA ASP C 216 21.80 14.59 22.68
C ASP C 216 20.80 14.04 23.68
N LYS C 217 19.55 13.85 23.27
CA LYS C 217 18.52 13.41 24.21
C LYS C 217 18.03 12.02 23.81
N LYS C 218 18.22 11.05 24.70
CA LYS C 218 17.70 9.71 24.48
C LYS C 218 16.20 9.71 24.74
N VAL C 219 15.43 9.18 23.81
CA VAL C 219 13.97 9.15 23.92
C VAL C 219 13.54 7.69 24.08
N GLU C 220 12.87 7.40 25.18
CA GLU C 220 12.44 6.03 25.46
C GLU C 220 11.00 6.02 25.95
N PRO C 221 10.32 4.88 25.85
CA PRO C 221 8.93 4.79 26.34
C PRO C 221 8.86 4.99 27.85
N LYS C 222 7.80 5.65 28.30
CA LYS C 222 7.62 5.91 29.73
C LYS C 222 6.55 5.00 30.34
N ASP D 3 14.30 -13.95 -17.64
CA ASP D 3 13.08 -13.74 -18.40
C ASP D 3 13.39 -13.13 -19.77
N ILE D 4 12.58 -13.45 -20.78
CA ILE D 4 12.77 -12.90 -22.11
C ILE D 4 12.40 -11.42 -22.12
N VAL D 5 13.27 -10.60 -22.69
CA VAL D 5 12.94 -9.19 -22.92
C VAL D 5 12.33 -9.05 -24.31
N MET D 6 11.14 -8.47 -24.37
CA MET D 6 10.44 -8.21 -25.62
C MET D 6 10.47 -6.70 -25.90
N THR D 7 11.05 -6.33 -27.05
CA THR D 7 11.24 -4.93 -27.47
C THR D 7 10.39 -4.63 -28.70
N GLN D 8 9.52 -3.63 -28.59
CA GLN D 8 8.64 -3.24 -29.68
C GLN D 8 9.10 -1.92 -30.29
N THR D 9 8.90 -1.77 -31.60
CA THR D 9 9.32 -0.59 -32.37
C THR D 9 8.26 -0.38 -33.45
N PRO D 10 7.69 0.83 -33.57
CA PRO D 10 7.91 1.93 -32.64
C PRO D 10 7.05 1.78 -31.39
N LEU D 11 7.23 2.63 -30.38
CA LEU D 11 6.37 2.59 -29.20
C LEU D 11 5.12 3.45 -29.37
N SER D 12 5.06 4.25 -30.44
CA SER D 12 3.88 5.05 -30.75
C SER D 12 3.92 5.37 -32.25
N LEU D 13 2.75 5.36 -32.88
CA LEU D 13 2.65 5.77 -34.27
C LEU D 13 1.23 6.23 -34.54
N SER D 14 1.11 7.16 -35.47
CA SER D 14 -0.18 7.67 -35.92
C SER D 14 -0.30 7.43 -37.42
N VAL D 15 -1.49 6.98 -37.85
CA VAL D 15 -1.69 6.55 -39.22
C VAL D 15 -3.05 7.07 -39.69
N THR D 16 -3.11 7.43 -40.97
CA THR D 16 -4.36 7.85 -41.58
C THR D 16 -5.24 6.65 -41.90
N ILE D 17 -6.55 6.83 -41.76
CA ILE D 17 -7.49 5.78 -42.16
C ILE D 17 -7.15 5.36 -43.59
N GLY D 18 -7.01 4.05 -43.82
CA GLY D 18 -6.70 3.52 -45.12
C GLY D 18 -5.23 3.26 -45.38
N GLN D 19 -4.33 3.80 -44.55
CA GLN D 19 -2.90 3.58 -44.73
C GLN D 19 -2.43 2.37 -43.94
N PRO D 20 -1.30 1.78 -44.34
CA PRO D 20 -0.77 0.63 -43.59
C PRO D 20 -0.03 1.05 -42.34
N ALA D 21 0.09 0.10 -41.42
CA ALA D 21 0.84 0.27 -40.19
C ALA D 21 1.67 -0.99 -39.95
N SER D 22 2.85 -0.80 -39.36
CA SER D 22 3.72 -1.93 -39.04
C SER D 22 4.27 -1.76 -37.63
N ILE D 23 4.29 -2.86 -36.88
CA ILE D 23 4.88 -2.88 -35.55
C ILE D 23 5.85 -4.04 -35.47
N SER D 24 7.03 -3.80 -34.94
CA SER D 24 8.08 -4.79 -34.85
C SER D 24 8.23 -5.24 -33.40
N CYS D 25 8.59 -6.51 -33.21
CA CYS D 25 8.90 -7.07 -31.90
C CYS D 25 10.20 -7.86 -32.02
N LYS D 26 11.13 -7.61 -31.12
CA LYS D 26 12.40 -8.34 -31.09
C LYS D 26 12.59 -8.97 -29.71
N SER D 27 12.92 -10.26 -29.69
CA SER D 27 13.11 -10.98 -28.43
C SER D 27 14.59 -11.24 -28.20
N SER D 28 14.97 -11.27 -26.92
CA SER D 28 16.37 -11.50 -26.53
C SER D 28 16.83 -12.93 -26.79
N GLN D 29 15.92 -13.87 -27.00
CA GLN D 29 16.31 -15.23 -27.38
C GLN D 29 15.30 -15.77 -28.39
N SER D 30 15.74 -16.76 -29.15
CA SER D 30 14.86 -17.38 -30.14
C SER D 30 13.62 -17.94 -29.48
N LEU D 31 12.46 -17.62 -30.04
CA LEU D 31 11.17 -18.10 -29.53
C LEU D 31 10.75 -19.44 -30.15
N LEU D 32 11.64 -20.09 -30.91
CA LEU D 32 11.36 -21.42 -31.46
C LEU D 32 11.51 -22.44 -30.33
N HIS D 33 10.39 -23.06 -29.93
CA HIS D 33 10.46 -24.06 -28.89
C HIS D 33 11.01 -25.37 -29.45
N SER D 34 11.52 -26.21 -28.54
CA SER D 34 12.05 -27.51 -28.95
C SER D 34 11.00 -28.37 -29.65
N ASN D 35 9.72 -28.13 -29.39
CA ASN D 35 8.68 -28.92 -30.04
C ASN D 35 8.35 -28.43 -31.45
N GLY D 36 9.07 -27.42 -31.95
CA GLY D 36 8.89 -26.93 -33.30
C GLY D 36 8.06 -25.66 -33.39
N LYS D 37 7.21 -25.41 -32.39
CA LYS D 37 6.34 -24.25 -32.42
C LYS D 37 7.03 -22.99 -31.89
N THR D 38 6.63 -21.84 -32.44
CA THR D 38 7.15 -20.52 -32.07
C THR D 38 6.02 -19.73 -31.43
N TYR D 39 6.05 -19.61 -30.10
CA TYR D 39 4.90 -19.08 -29.37
C TYR D 39 5.01 -17.56 -29.26
N LEU D 40 4.82 -16.91 -30.40
CA LEU D 40 4.71 -15.46 -30.43
C LEU D 40 3.26 -15.09 -30.68
N ASN D 41 2.71 -14.28 -29.79
CA ASN D 41 1.33 -13.81 -29.80
C ASN D 41 1.29 -12.30 -29.97
N TRP D 42 0.28 -11.81 -30.70
CA TRP D 42 0.00 -10.38 -30.80
C TRP D 42 -1.36 -10.07 -30.19
N LEU D 43 -1.44 -9.00 -29.42
CA LEU D 43 -2.67 -8.58 -28.76
C LEU D 43 -2.94 -7.11 -29.01
N GLN D 44 -4.22 -6.76 -29.02
CA GLN D 44 -4.71 -5.40 -29.11
C GLN D 44 -5.49 -5.09 -27.84
N GLN D 45 -5.25 -3.92 -27.26
CA GLN D 45 -6.01 -3.46 -26.10
C GLN D 45 -6.61 -2.11 -26.46
N ARG D 46 -7.92 -2.07 -26.62
CA ARG D 46 -8.61 -0.83 -26.92
C ARG D 46 -8.86 -0.08 -25.64
N PRO D 47 -9.01 1.25 -25.73
CA PRO D 47 -9.26 2.06 -24.54
C PRO D 47 -10.41 1.52 -23.70
N GLY D 48 -10.15 1.26 -22.42
CA GLY D 48 -11.14 0.79 -21.47
C GLY D 48 -11.43 -0.70 -21.48
N GLN D 49 -10.84 -1.47 -22.39
CA GLN D 49 -11.13 -2.89 -22.55
C GLN D 49 -9.90 -3.74 -22.18
N ALA D 50 -10.16 -5.02 -21.98
CA ALA D 50 -9.07 -5.95 -21.76
C ALA D 50 -8.31 -6.15 -23.06
N PRO D 51 -7.06 -6.61 -22.97
CA PRO D 51 -6.37 -7.02 -24.18
C PRO D 51 -7.12 -8.17 -24.85
N LYS D 52 -6.88 -8.30 -26.15
CA LYS D 52 -7.52 -9.32 -26.96
C LYS D 52 -6.50 -9.85 -27.96
N ILE D 53 -6.41 -11.17 -28.06
CA ILE D 53 -5.49 -11.79 -29.00
C ILE D 53 -5.91 -11.46 -30.43
N LEU D 54 -4.94 -11.07 -31.24
CA LEU D 54 -5.11 -10.96 -32.67
C LEU D 54 -4.61 -12.22 -33.37
N MET D 55 -3.41 -12.67 -33.03
CA MET D 55 -2.86 -13.86 -33.64
C MET D 55 -1.89 -14.51 -32.67
N TYR D 56 -1.67 -15.80 -32.91
CA TYR D 56 -0.82 -16.64 -32.09
C TYR D 56 0.06 -17.45 -33.03
N LEU D 57 1.10 -18.08 -32.48
CA LEU D 57 2.08 -18.80 -33.28
C LEU D 57 2.52 -17.96 -34.48
N VAL D 58 2.82 -16.70 -34.20
CA VAL D 58 3.44 -15.77 -35.14
C VAL D 58 2.43 -15.19 -36.12
N SER D 59 1.66 -16.05 -36.81
CA SER D 59 0.90 -15.58 -37.95
C SER D 59 -0.52 -16.14 -38.05
N LYS D 60 -1.00 -16.88 -37.05
CA LYS D 60 -2.34 -17.45 -37.11
C LYS D 60 -3.35 -16.49 -36.50
N LEU D 61 -4.32 -16.08 -37.33
CA LEU D 61 -5.37 -15.16 -36.88
C LEU D 61 -6.41 -15.91 -36.07
N ASP D 62 -6.76 -15.37 -34.91
CA ASP D 62 -7.92 -15.87 -34.22
C ASP D 62 -9.13 -15.67 -35.12
N PRO D 63 -9.94 -16.70 -35.36
CA PRO D 63 -11.12 -16.49 -36.21
C PRO D 63 -11.93 -15.33 -35.67
N GLY D 64 -12.56 -14.59 -36.58
CA GLY D 64 -13.27 -13.39 -36.21
C GLY D 64 -12.43 -12.13 -36.18
N ILE D 65 -11.12 -12.26 -36.33
CA ILE D 65 -10.20 -11.11 -36.44
C ILE D 65 -10.10 -10.72 -37.91
N PRO D 66 -10.28 -9.44 -38.25
CA PRO D 66 -10.29 -9.06 -39.68
C PRO D 66 -8.99 -9.42 -40.39
N ASP D 67 -9.13 -9.78 -41.67
CA ASP D 67 -8.00 -10.21 -42.50
C ASP D 67 -7.00 -9.09 -42.79
N ARG D 68 -7.29 -7.84 -42.44
CA ARG D 68 -6.27 -6.81 -42.64
C ARG D 68 -5.08 -6.97 -41.67
N PHE D 69 -5.23 -7.76 -40.60
CA PHE D 69 -4.12 -8.08 -39.72
C PHE D 69 -3.36 -9.30 -40.25
N SER D 70 -2.02 -9.22 -40.22
CA SER D 70 -1.17 -10.35 -40.58
C SER D 70 0.13 -10.27 -39.80
N GLY D 71 0.73 -11.42 -39.54
CA GLY D 71 1.98 -11.49 -38.82
C GLY D 71 2.99 -12.33 -39.57
N SER D 72 4.27 -12.04 -39.32
CA SER D 72 5.35 -12.83 -39.91
C SER D 72 6.58 -12.74 -39.01
N GLY D 73 7.67 -13.37 -39.45
CA GLY D 73 8.91 -13.42 -38.72
C GLY D 73 9.24 -14.82 -38.23
N SER D 74 10.41 -14.93 -37.61
CA SER D 74 10.82 -16.17 -36.98
C SER D 74 11.93 -15.87 -36.00
N GLU D 75 12.19 -16.84 -35.13
CA GLU D 75 13.28 -16.80 -34.16
C GLU D 75 13.23 -15.56 -33.28
N THR D 76 13.85 -14.44 -33.67
CA THR D 76 13.89 -13.27 -32.79
C THR D 76 13.23 -12.01 -33.35
N ASP D 77 12.75 -12.01 -34.60
CA ASP D 77 12.20 -10.79 -35.20
C ASP D 77 10.81 -11.08 -35.77
N PHE D 78 9.84 -10.27 -35.36
CA PHE D 78 8.45 -10.48 -35.72
C PHE D 78 7.81 -9.14 -36.05
N THR D 79 6.87 -9.17 -36.97
CA THR D 79 6.20 -7.95 -37.43
C THR D 79 4.70 -8.20 -37.49
N LEU D 80 3.95 -7.25 -36.92
CA LEU D 80 2.51 -7.18 -37.09
C LEU D 80 2.22 -6.10 -38.13
N LYS D 81 1.35 -6.43 -39.09
CA LYS D 81 1.00 -5.49 -40.13
C LYS D 81 -0.52 -5.35 -40.17
N ILE D 82 -0.96 -4.11 -40.36
CA ILE D 82 -2.35 -3.81 -40.68
C ILE D 82 -2.34 -3.25 -42.10
N SER D 83 -2.96 -3.98 -43.04
CA SER D 83 -2.87 -3.59 -44.45
C SER D 83 -3.50 -2.22 -44.68
N ARG D 84 -4.69 -1.98 -44.10
CA ARG D 84 -5.35 -0.69 -44.19
C ARG D 84 -5.97 -0.41 -42.83
N VAL D 85 -5.49 0.63 -42.16
CA VAL D 85 -5.96 0.91 -40.82
C VAL D 85 -7.40 1.41 -40.89
N GLU D 86 -8.23 0.96 -39.96
CA GLU D 86 -9.58 1.45 -39.78
C GLU D 86 -9.67 2.21 -38.45
N ALA D 87 -10.78 2.94 -38.28
CA ALA D 87 -10.92 3.81 -37.12
C ALA D 87 -10.90 3.02 -35.81
N GLU D 88 -11.46 1.80 -35.81
CA GLU D 88 -11.52 0.96 -34.61
C GLU D 88 -10.20 0.27 -34.28
N ASP D 89 -9.16 0.47 -35.09
CA ASP D 89 -7.87 -0.15 -34.82
C ASP D 89 -7.08 0.61 -33.76
N LEU D 90 -7.62 1.72 -33.25
CA LEU D 90 -6.94 2.52 -32.23
C LEU D 90 -6.77 1.73 -30.94
N GLY D 91 -5.65 1.94 -30.26
CA GLY D 91 -5.37 1.26 -29.03
C GLY D 91 -3.89 0.96 -28.92
N VAL D 92 -3.57 0.05 -28.01
CA VAL D 92 -2.20 -0.35 -27.72
C VAL D 92 -2.01 -1.80 -28.15
N TYR D 93 -0.88 -2.07 -28.80
CA TYR D 93 -0.55 -3.38 -29.32
C TYR D 93 0.61 -4.00 -28.56
N TYR D 94 0.51 -5.29 -28.26
CA TYR D 94 1.52 -5.98 -27.50
C TYR D 94 1.93 -7.28 -28.20
N CYS D 95 3.22 -7.57 -28.19
CA CYS D 95 3.65 -8.94 -28.44
C CYS D 95 3.79 -9.65 -27.10
N LEU D 96 3.57 -10.96 -27.12
CA LEU D 96 3.63 -11.80 -25.93
C LEU D 96 4.27 -13.11 -26.32
N GLN D 97 5.34 -13.50 -25.64
CA GLN D 97 6.04 -14.74 -25.93
C GLN D 97 5.58 -15.82 -24.96
N GLY D 98 5.32 -17.02 -25.48
CA GLY D 98 4.89 -18.12 -24.64
C GLY D 98 5.81 -19.33 -24.70
N THR D 99 7.06 -19.09 -25.08
CA THR D 99 8.06 -20.13 -25.24
C THR D 99 8.82 -20.43 -23.95
N TYR D 100 9.24 -19.38 -23.23
CA TYR D 100 10.08 -19.50 -22.04
C TYR D 100 9.31 -19.02 -20.82
N TYR D 101 9.28 -19.86 -19.79
CA TYR D 101 8.70 -19.44 -18.52
C TYR D 101 9.54 -18.31 -17.93
N PRO D 102 8.91 -17.22 -17.43
CA PRO D 102 7.47 -17.00 -17.47
C PRO D 102 7.06 -16.23 -18.73
N PHE D 103 5.78 -16.29 -19.10
CA PHE D 103 5.26 -15.39 -20.11
C PHE D 103 5.83 -13.99 -19.89
N THR D 104 6.24 -13.33 -20.98
CA THR D 104 6.61 -11.92 -20.93
C THR D 104 5.98 -11.16 -22.10
N PHE D 105 5.44 -9.99 -21.79
CA PHE D 105 4.90 -9.08 -22.78
C PHE D 105 5.93 -8.03 -23.16
N GLY D 106 5.75 -7.45 -24.34
CA GLY D 106 6.47 -6.25 -24.68
C GLY D 106 5.82 -5.03 -24.07
N SER D 107 6.57 -3.94 -24.05
CA SER D 107 5.96 -2.65 -23.75
C SER D 107 5.03 -2.28 -24.91
N GLY D 108 3.85 -1.77 -24.59
CA GLY D 108 2.86 -1.56 -25.63
C GLY D 108 3.30 -0.55 -26.69
N THR D 109 2.74 -0.71 -27.89
CA THR D 109 2.82 0.29 -28.95
C THR D 109 1.45 0.94 -29.10
N LYS D 110 1.38 2.26 -28.91
CA LYS D 110 0.13 2.98 -29.05
C LYS D 110 -0.09 3.40 -30.50
N LEU D 111 -1.26 3.05 -31.06
CA LEU D 111 -1.66 3.39 -32.42
C LEU D 111 -2.75 4.45 -32.35
N GLU D 112 -2.44 5.65 -32.83
CA GLU D 112 -3.40 6.75 -32.93
C GLU D 112 -3.78 6.97 -34.39
N ILE D 113 -4.99 7.47 -34.61
CA ILE D 113 -5.49 7.75 -35.95
C ILE D 113 -5.27 9.23 -36.29
N LYS D 114 -4.67 9.48 -37.46
CA LYS D 114 -4.63 10.83 -38.01
C LYS D 114 -5.91 11.06 -38.82
N ARG D 115 -6.52 12.23 -38.64
CA ARG D 115 -7.68 12.59 -39.44
C ARG D 115 -7.62 14.09 -39.73
N THR D 116 -8.61 14.59 -40.46
CA THR D 116 -8.65 15.99 -40.85
C THR D 116 -9.07 16.88 -39.68
N VAL D 117 -8.61 18.12 -39.67
CA VAL D 117 -9.05 19.08 -38.66
C VAL D 117 -10.57 19.08 -38.57
N ALA D 118 -11.09 19.18 -37.35
CA ALA D 118 -12.53 19.32 -37.13
C ALA D 118 -12.73 20.29 -35.98
N ALA D 119 -13.56 21.32 -36.19
CA ALA D 119 -13.75 22.34 -35.18
C ALA D 119 -14.70 21.84 -34.09
N PRO D 120 -14.45 22.18 -32.82
CA PRO D 120 -15.38 21.77 -31.77
C PRO D 120 -16.69 22.54 -31.79
N SER D 121 -17.75 21.87 -31.36
CA SER D 121 -18.91 22.55 -30.84
C SER D 121 -18.64 22.91 -29.37
N VAL D 122 -19.04 24.10 -28.96
CA VAL D 122 -18.71 24.59 -27.63
C VAL D 122 -19.99 24.82 -26.86
N PHE D 123 -20.05 24.31 -25.63
CA PHE D 123 -21.18 24.47 -24.75
C PHE D 123 -20.69 24.89 -23.38
N ILE D 124 -21.49 25.71 -22.69
CA ILE D 124 -21.12 26.14 -21.34
C ILE D 124 -22.30 25.83 -20.42
N PHE D 125 -21.99 25.35 -19.21
CA PHE D 125 -22.98 24.98 -18.23
C PHE D 125 -22.78 25.77 -16.95
N PRO D 126 -23.78 26.50 -16.47
CA PRO D 126 -23.67 27.18 -15.17
C PRO D 126 -23.72 26.17 -14.03
N PRO D 127 -23.32 26.57 -12.83
CA PRO D 127 -23.45 25.69 -11.66
C PRO D 127 -24.90 25.29 -11.44
N SER D 128 -25.09 24.10 -10.88
CA SER D 128 -26.43 23.68 -10.52
C SER D 128 -26.85 24.36 -9.22
N ASP D 129 -28.17 24.57 -9.08
CA ASP D 129 -28.70 25.08 -7.83
C ASP D 129 -28.42 24.13 -6.68
N GLU D 130 -28.58 22.82 -6.91
CA GLU D 130 -28.33 21.82 -5.89
C GLU D 130 -26.91 21.93 -5.36
N GLN D 131 -25.93 22.03 -6.26
CA GLN D 131 -24.53 22.16 -5.84
C GLN D 131 -24.31 23.45 -5.07
N LEU D 132 -24.92 24.55 -5.54
CA LEU D 132 -24.78 25.85 -4.88
C LEU D 132 -25.30 25.83 -3.44
N LYS D 133 -26.11 24.83 -3.08
CA LYS D 133 -26.61 24.75 -1.71
C LYS D 133 -25.47 24.52 -0.73
N SER D 134 -24.46 23.76 -1.13
CA SER D 134 -23.17 23.74 -0.47
C SER D 134 -22.36 24.97 -0.89
N GLY D 135 -21.10 25.06 -0.48
CA GLY D 135 -20.35 26.28 -0.68
C GLY D 135 -19.56 26.43 -1.96
N THR D 136 -19.84 25.62 -2.98
CA THR D 136 -19.00 25.59 -4.17
C THR D 136 -19.82 25.64 -5.45
N ALA D 137 -19.23 26.24 -6.48
CA ALA D 137 -19.81 26.34 -7.81
C ALA D 137 -18.82 25.86 -8.85
N SER D 138 -19.24 24.90 -9.69
CA SER D 138 -18.44 24.39 -10.80
C SER D 138 -19.11 24.84 -12.11
N VAL D 139 -18.35 25.53 -12.96
CA VAL D 139 -18.79 25.95 -14.28
C VAL D 139 -18.06 25.11 -15.31
N VAL D 140 -18.80 24.50 -16.22
CA VAL D 140 -18.23 23.51 -17.12
C VAL D 140 -18.30 24.02 -18.54
N CYS D 141 -17.18 23.98 -19.24
CA CYS D 141 -17.10 24.28 -20.65
C CYS D 141 -16.82 22.99 -21.39
N LEU D 142 -17.61 22.70 -22.42
CA LEU D 142 -17.49 21.48 -23.20
C LEU D 142 -17.08 21.79 -24.63
N LEU D 143 -16.04 21.10 -25.09
CA LEU D 143 -15.63 21.09 -26.50
C LEU D 143 -15.90 19.70 -27.03
N ASN D 144 -16.78 19.60 -28.03
CA ASN D 144 -17.27 18.31 -28.46
C ASN D 144 -16.79 17.99 -29.88
N ASN D 145 -16.18 16.82 -30.04
CA ASN D 145 -15.92 16.18 -31.34
C ASN D 145 -15.03 17.04 -32.24
N PHE D 146 -13.80 17.26 -31.79
CA PHE D 146 -12.86 18.08 -32.53
C PHE D 146 -11.57 17.30 -32.78
N TYR D 147 -10.73 17.85 -33.65
CA TYR D 147 -9.41 17.32 -33.97
C TYR D 147 -8.62 18.47 -34.55
N PRO D 148 -7.33 18.62 -34.21
CA PRO D 148 -6.58 17.72 -33.32
C PRO D 148 -6.87 18.01 -31.85
N ARG D 149 -6.14 17.30 -31.00
CA ARG D 149 -6.37 17.32 -29.56
C ARG D 149 -6.05 18.68 -28.95
N GLU D 150 -5.00 19.32 -29.45
CA GLU D 150 -4.52 20.58 -28.89
C GLU D 150 -5.60 21.66 -29.01
N ALA D 151 -5.88 22.32 -27.90
CA ALA D 151 -6.89 23.36 -27.86
C ALA D 151 -6.56 24.31 -26.73
N LYS D 152 -6.91 25.57 -26.88
CA LYS D 152 -6.74 26.55 -25.82
C LYS D 152 -8.12 26.94 -25.31
N VAL D 153 -8.39 26.68 -24.04
CA VAL D 153 -9.63 27.07 -23.41
C VAL D 153 -9.28 28.05 -22.30
N GLN D 154 -9.77 29.28 -22.41
CA GLN D 154 -9.51 30.29 -21.41
C GLN D 154 -10.81 30.70 -20.75
N TRP D 155 -10.78 30.82 -19.44
CA TRP D 155 -11.92 31.30 -18.67
C TRP D 155 -11.76 32.79 -18.43
N LYS D 156 -12.82 33.54 -18.68
CA LYS D 156 -12.88 34.96 -18.36
C LYS D 156 -14.14 35.15 -17.53
N VAL D 157 -13.97 35.77 -16.37
CA VAL D 157 -15.09 36.12 -15.50
C VAL D 157 -15.09 37.63 -15.38
N ASP D 158 -16.23 38.26 -15.72
CA ASP D 158 -16.29 39.71 -15.86
C ASP D 158 -15.11 40.22 -16.65
N ASN D 159 -14.73 39.47 -17.69
CA ASN D 159 -13.66 39.80 -18.60
C ASN D 159 -12.27 39.68 -17.98
N ALA D 160 -12.18 39.16 -16.75
CA ALA D 160 -10.89 38.94 -16.11
C ALA D 160 -10.44 37.51 -16.36
N LEU D 161 -9.30 37.34 -17.04
CA LEU D 161 -8.77 36.02 -17.33
C LEU D 161 -8.49 35.26 -16.03
N GLN D 162 -8.99 34.03 -15.96
CA GLN D 162 -8.81 33.18 -14.79
C GLN D 162 -7.55 32.34 -14.91
N SER D 163 -6.93 32.07 -13.76
CA SER D 163 -5.69 31.30 -13.74
C SER D 163 -5.66 30.45 -12.49
N GLY D 164 -5.38 29.16 -12.64
CA GLY D 164 -5.16 28.32 -11.48
C GLY D 164 -6.40 27.77 -10.81
N ASN D 165 -7.58 27.96 -11.41
CA ASN D 165 -8.82 27.49 -10.80
C ASN D 165 -9.64 26.65 -11.77
N SER D 166 -9.01 26.12 -12.82
CA SER D 166 -9.70 25.27 -13.77
C SER D 166 -8.86 24.04 -14.04
N GLN D 167 -9.53 22.99 -14.51
CA GLN D 167 -8.90 21.73 -14.85
C GLN D 167 -9.57 21.19 -16.09
N GLU D 168 -8.78 20.56 -16.94
CA GLU D 168 -9.27 20.01 -18.19
C GLU D 168 -9.22 18.49 -18.15
N SER D 169 -10.10 17.86 -18.92
CA SER D 169 -10.05 16.43 -19.17
C SER D 169 -10.37 16.21 -20.64
N VAL D 170 -9.67 15.26 -21.26
CA VAL D 170 -9.82 14.95 -22.68
C VAL D 170 -10.14 13.46 -22.82
N THR D 171 -11.17 13.13 -23.61
CA THR D 171 -11.47 11.73 -23.87
C THR D 171 -10.40 11.09 -24.74
N GLU D 172 -10.38 9.77 -24.75
CA GLU D 172 -9.60 9.07 -25.74
C GLU D 172 -10.21 9.31 -27.12
N GLN D 173 -9.41 9.06 -28.14
CA GLN D 173 -9.88 9.26 -29.50
C GLN D 173 -11.10 8.38 -29.78
N ASP D 174 -12.12 8.95 -30.40
CA ASP D 174 -13.35 8.21 -30.68
C ASP D 174 -13.08 7.07 -31.65
N SER D 175 -13.64 5.89 -31.36
CA SER D 175 -13.36 4.71 -32.17
C SER D 175 -14.13 4.69 -33.48
N LYS D 176 -15.02 5.64 -33.70
CA LYS D 176 -15.78 5.74 -34.95
C LYS D 176 -15.31 6.90 -35.82
N ASP D 177 -15.18 8.10 -35.26
CA ASP D 177 -14.81 9.27 -36.05
C ASP D 177 -13.44 9.83 -35.69
N SER D 178 -12.74 9.20 -34.74
CA SER D 178 -11.37 9.55 -34.38
C SER D 178 -11.24 10.96 -33.80
N THR D 179 -12.33 11.55 -33.31
CA THR D 179 -12.23 12.89 -32.74
C THR D 179 -12.04 12.81 -31.22
N TYR D 180 -11.80 13.97 -30.64
CA TYR D 180 -11.67 14.12 -29.20
C TYR D 180 -12.79 15.00 -28.68
N SER D 181 -13.02 14.91 -27.38
CA SER D 181 -13.84 15.86 -26.64
C SER D 181 -13.07 16.28 -25.40
N LEU D 182 -13.38 17.48 -24.92
CA LEU D 182 -12.62 18.09 -23.84
C LEU D 182 -13.59 18.83 -22.93
N SER D 183 -13.35 18.72 -21.64
CA SER D 183 -14.09 19.51 -20.66
C SER D 183 -13.12 20.43 -19.92
N SER D 184 -13.56 21.65 -19.65
CA SER D 184 -12.84 22.53 -18.76
C SER D 184 -13.78 22.91 -17.63
N THR D 185 -13.32 22.68 -16.40
CA THR D 185 -14.12 22.90 -15.20
C THR D 185 -13.51 24.02 -14.40
N LEU D 186 -14.25 25.12 -14.27
CA LEU D 186 -13.87 26.23 -13.40
C LEU D 186 -14.54 26.05 -12.06
N THR D 187 -13.75 25.94 -10.99
CA THR D 187 -14.30 25.69 -9.66
C THR D 187 -14.06 26.90 -8.77
N LEU D 188 -15.16 27.41 -8.19
CA LEU D 188 -15.11 28.58 -7.33
C LEU D 188 -15.97 28.32 -6.09
N SER D 189 -15.61 28.97 -4.98
CA SER D 189 -16.51 28.99 -3.84
C SER D 189 -17.79 29.75 -4.20
N LYS D 190 -18.87 29.43 -3.49
CA LYS D 190 -20.13 30.13 -3.75
C LYS D 190 -19.98 31.63 -3.57
N ALA D 191 -19.18 32.05 -2.57
CA ALA D 191 -19.00 33.47 -2.33
C ALA D 191 -18.32 34.15 -3.52
N ASP D 192 -17.27 33.52 -4.07
CA ASP D 192 -16.61 34.09 -5.24
C ASP D 192 -17.52 34.09 -6.46
N TYR D 193 -18.29 33.01 -6.65
CA TYR D 193 -19.19 32.92 -7.80
C TYR D 193 -20.24 34.02 -7.78
N GLU D 194 -20.79 34.33 -6.60
CA GLU D 194 -21.81 35.37 -6.49
C GLU D 194 -21.25 36.78 -6.64
N LYS D 195 -19.94 36.95 -6.51
CA LYS D 195 -19.31 38.26 -6.66
C LYS D 195 -19.15 38.70 -8.12
N HIS D 196 -19.52 37.89 -9.09
CA HIS D 196 -19.34 38.24 -10.48
C HIS D 196 -20.59 37.87 -11.26
N LYS D 197 -20.72 38.49 -12.45
CA LYS D 197 -21.92 38.37 -13.26
C LYS D 197 -21.72 37.49 -14.48
N VAL D 198 -20.75 37.83 -15.34
CA VAL D 198 -20.59 37.20 -16.65
C VAL D 198 -19.50 36.14 -16.59
N TYR D 199 -19.82 34.93 -17.01
CA TYR D 199 -18.87 33.83 -17.06
C TYR D 199 -18.71 33.37 -18.50
N ALA D 200 -17.46 33.28 -18.97
CA ALA D 200 -17.21 32.94 -20.37
C ALA D 200 -15.98 32.04 -20.50
N CYS D 201 -16.07 31.04 -21.38
CA CYS D 201 -14.89 30.32 -21.84
C CYS D 201 -14.68 30.67 -23.31
N GLU D 202 -13.43 30.95 -23.64
CA GLU D 202 -13.01 31.33 -24.97
C GLU D 202 -12.14 30.22 -25.54
N VAL D 203 -12.46 29.75 -26.74
CA VAL D 203 -11.82 28.57 -27.29
C VAL D 203 -11.03 28.95 -28.54
N THR D 204 -9.76 28.59 -28.54
CA THR D 204 -8.89 28.73 -29.70
C THR D 204 -8.52 27.35 -30.20
N HIS D 205 -8.70 27.11 -31.49
CA HIS D 205 -8.49 25.78 -32.05
C HIS D 205 -8.24 25.90 -33.55
N GLN D 206 -7.48 24.93 -34.08
CA GLN D 206 -7.07 24.94 -35.49
C GLN D 206 -8.26 25.01 -36.45
N GLY D 207 -9.37 24.39 -36.08
CA GLY D 207 -10.55 24.38 -36.95
C GLY D 207 -11.34 25.66 -36.93
N LEU D 208 -10.99 26.59 -36.05
CA LEU D 208 -11.71 27.84 -35.89
C LEU D 208 -10.88 28.96 -36.50
N SER D 209 -11.45 29.67 -37.47
CA SER D 209 -10.76 30.81 -38.06
C SER D 209 -10.53 31.91 -37.02
N SER D 210 -11.35 31.96 -35.97
CA SER D 210 -11.10 32.86 -34.86
C SER D 210 -11.74 32.29 -33.60
N PRO D 211 -11.33 32.75 -32.42
CA PRO D 211 -11.79 32.15 -31.18
C PRO D 211 -13.31 32.24 -31.03
N VAL D 212 -13.89 31.20 -30.43
CA VAL D 212 -15.33 31.12 -30.15
C VAL D 212 -15.52 31.33 -28.65
N THR D 213 -16.53 32.12 -28.29
CA THR D 213 -16.84 32.40 -26.89
C THR D 213 -18.27 32.00 -26.58
N LYS D 214 -18.44 31.25 -25.50
CA LYS D 214 -19.76 30.96 -24.93
C LYS D 214 -19.80 31.52 -23.54
N SER D 215 -20.91 32.17 -23.19
CA SER D 215 -20.99 32.87 -21.92
C SER D 215 -22.43 32.81 -21.39
N PHE D 216 -22.57 33.08 -20.10
CA PHE D 216 -23.88 33.25 -19.48
C PHE D 216 -23.75 34.32 -18.40
N ASN D 217 -24.90 34.89 -18.01
CA ASN D 217 -24.98 35.82 -16.90
C ASN D 217 -25.51 35.10 -15.66
N ARG D 218 -24.78 35.20 -14.55
CA ARG D 218 -25.18 34.51 -13.33
C ARG D 218 -26.62 34.87 -12.96
N GLY D 219 -27.51 33.88 -13.02
CA GLY D 219 -28.90 34.09 -12.67
C GLY D 219 -29.83 34.41 -13.81
N GLU D 220 -29.53 33.95 -15.03
CA GLU D 220 -30.37 34.29 -16.18
C GLU D 220 -30.12 33.37 -17.36
N ASP E 2 -11.67 -33.87 -19.99
CA ASP E 2 -10.49 -33.28 -20.62
C ASP E 2 -9.72 -32.38 -19.63
N ARG E 3 -8.40 -32.36 -19.76
CA ARG E 3 -7.54 -31.59 -18.88
C ARG E 3 -6.92 -30.43 -19.65
N ALA E 4 -6.56 -29.37 -18.91
CA ALA E 4 -6.02 -28.17 -19.53
C ALA E 4 -4.61 -28.39 -20.08
N ASP E 5 -4.32 -27.73 -21.21
CA ASP E 5 -2.97 -27.61 -21.72
C ASP E 5 -2.75 -26.14 -22.06
N GLY E 6 -1.52 -25.79 -22.41
CA GLY E 6 -1.25 -24.37 -22.61
C GLY E 6 0.14 -24.16 -23.15
N GLN E 7 0.45 -22.90 -23.42
CA GLN E 7 1.76 -22.55 -23.96
C GLN E 7 2.85 -22.83 -22.92
N PRO E 8 4.04 -23.23 -23.36
CA PRO E 8 5.07 -23.70 -22.42
C PRO E 8 5.50 -22.68 -21.39
N ALA E 9 5.39 -21.38 -21.69
CA ALA E 9 5.88 -20.34 -20.80
C ALA E 9 5.11 -20.28 -19.47
N GLY E 10 4.00 -21.00 -19.35
CA GLY E 10 3.22 -21.01 -18.14
C GLY E 10 3.69 -21.98 -17.08
N ASP E 11 4.76 -22.73 -17.36
CA ASP E 11 5.22 -23.76 -16.44
C ASP E 11 6.74 -23.86 -16.52
N ARG E 12 7.39 -23.82 -15.36
CA ARG E 12 8.85 -23.94 -15.35
C ARG E 12 9.33 -25.23 -16.01
N ALA E 13 8.51 -26.28 -15.98
CA ALA E 13 8.87 -27.52 -16.64
C ALA E 13 8.55 -27.46 -18.14
N GLN F 3 -18.41 -16.65 -20.56
CA GLN F 3 -17.37 -15.66 -20.44
C GLN F 3 -16.74 -15.65 -19.03
N LEU F 4 -16.06 -14.56 -18.70
CA LEU F 4 -15.38 -14.39 -17.43
C LEU F 4 -15.89 -13.11 -16.82
N GLN F 5 -16.42 -13.18 -15.59
CA GLN F 5 -17.01 -12.05 -14.90
C GLN F 5 -16.20 -11.77 -13.64
N GLN F 6 -15.46 -10.66 -13.64
CA GLN F 6 -14.60 -10.33 -12.50
C GLN F 6 -15.35 -9.50 -11.46
N SER F 7 -14.87 -9.59 -10.22
CA SER F 7 -15.48 -8.85 -9.11
C SER F 7 -15.14 -7.36 -9.19
N GLY F 8 -15.79 -6.58 -8.32
CA GLY F 8 -15.76 -5.13 -8.42
C GLY F 8 -14.50 -4.51 -7.85
N PRO F 9 -14.43 -3.18 -7.98
CA PRO F 9 -13.23 -2.45 -7.56
C PRO F 9 -12.99 -2.58 -6.05
N GLU F 10 -11.71 -2.50 -5.67
CA GLU F 10 -11.27 -2.74 -4.30
C GLU F 10 -10.42 -1.58 -3.79
N LEU F 11 -10.71 -1.13 -2.57
CA LEU F 11 -9.90 -0.16 -1.83
C LEU F 11 -9.27 -0.90 -0.67
N VAL F 12 -7.93 -0.91 -0.62
CA VAL F 12 -7.18 -1.76 0.31
C VAL F 12 -6.20 -0.91 1.11
N LYS F 13 -6.15 -1.14 2.41
CA LYS F 13 -5.17 -0.45 3.24
C LYS F 13 -3.79 -1.06 3.08
N PRO F 14 -2.73 -0.26 3.21
CA PRO F 14 -1.37 -0.82 3.17
C PRO F 14 -1.21 -1.92 4.20
N GLY F 15 -0.54 -2.99 3.79
CA GLY F 15 -0.31 -4.13 4.65
C GLY F 15 -1.44 -5.13 4.69
N ALA F 16 -2.65 -4.73 4.29
CA ALA F 16 -3.76 -5.67 4.27
C ALA F 16 -3.69 -6.57 3.04
N SER F 17 -4.60 -7.52 2.97
CA SER F 17 -4.73 -8.43 1.85
C SER F 17 -6.08 -8.21 1.20
N VAL F 18 -6.21 -8.73 -0.01
CA VAL F 18 -7.46 -8.63 -0.77
C VAL F 18 -7.59 -9.86 -1.65
N LYS F 19 -8.82 -10.34 -1.80
CA LYS F 19 -9.11 -11.48 -2.65
C LYS F 19 -10.10 -11.06 -3.71
N ILE F 20 -9.71 -11.18 -4.97
CA ILE F 20 -10.58 -10.86 -6.08
C ILE F 20 -10.91 -12.15 -6.82
N SER F 21 -12.00 -12.12 -7.55
CA SER F 21 -12.57 -13.36 -8.08
C SER F 21 -12.88 -13.19 -9.56
N CYS F 22 -13.01 -14.33 -10.23
CA CYS F 22 -13.27 -14.38 -11.66
C CYS F 22 -14.22 -15.55 -11.89
N LYS F 23 -15.48 -15.24 -12.15
CA LYS F 23 -16.52 -16.24 -12.32
C LYS F 23 -16.57 -16.67 -13.78
N ALA F 24 -16.41 -17.97 -14.02
CA ALA F 24 -16.43 -18.52 -15.37
C ALA F 24 -17.78 -19.13 -15.68
N SER F 25 -18.20 -18.99 -16.93
CA SER F 25 -19.47 -19.56 -17.34
C SER F 25 -19.40 -19.90 -18.82
N GLY F 26 -20.25 -20.86 -19.21
CA GLY F 26 -20.40 -21.25 -20.59
C GLY F 26 -19.35 -22.19 -21.13
N TYR F 27 -18.48 -22.74 -20.29
CA TYR F 27 -17.53 -23.74 -20.74
C TYR F 27 -17.18 -24.65 -19.57
N SER F 28 -16.42 -25.70 -19.87
CA SER F 28 -16.04 -26.72 -18.90
C SER F 28 -14.91 -26.16 -18.03
N PHE F 29 -15.28 -25.65 -16.86
CA PHE F 29 -14.37 -24.90 -15.98
C PHE F 29 -13.04 -25.62 -15.76
N THR F 30 -13.07 -26.93 -15.55
CA THR F 30 -11.88 -27.69 -15.20
C THR F 30 -11.05 -28.13 -16.42
N GLY F 31 -11.46 -27.77 -17.63
CA GLY F 31 -10.69 -28.12 -18.81
C GLY F 31 -9.73 -27.04 -19.30
N TYR F 32 -9.59 -25.93 -18.58
CA TYR F 32 -8.82 -24.79 -19.06
C TYR F 32 -8.10 -24.09 -17.93
N TYR F 33 -6.84 -23.73 -18.16
CA TYR F 33 -6.09 -22.89 -17.24
C TYR F 33 -6.73 -21.53 -17.11
N MET F 34 -6.77 -21.02 -15.89
CA MET F 34 -7.11 -19.62 -15.64
C MET F 34 -5.83 -18.88 -15.30
N HIS F 35 -5.51 -17.82 -16.05
CA HIS F 35 -4.32 -17.02 -15.83
C HIS F 35 -4.69 -15.65 -15.27
N TRP F 36 -3.71 -15.02 -14.63
CA TRP F 36 -3.88 -13.70 -14.05
C TRP F 36 -2.75 -12.81 -14.53
N VAL F 37 -3.11 -11.57 -14.89
CA VAL F 37 -2.22 -10.60 -15.50
C VAL F 37 -2.40 -9.26 -14.79
N LYS F 38 -1.29 -8.58 -14.53
CA LYS F 38 -1.28 -7.28 -13.87
C LYS F 38 -1.03 -6.19 -14.89
N GLN F 39 -1.82 -5.13 -14.86
CA GLN F 39 -1.59 -3.94 -15.67
C GLN F 39 -1.39 -2.76 -14.73
N SER F 40 -0.14 -2.33 -14.57
CA SER F 40 0.18 -1.29 -13.58
C SER F 40 0.21 0.11 -14.19
N HIS F 41 0.63 0.25 -15.45
CA HIS F 41 0.68 1.53 -16.13
C HIS F 41 -0.11 1.42 -17.43
N VAL F 42 -0.18 2.52 -18.17
CA VAL F 42 -1.01 2.57 -19.37
C VAL F 42 -0.61 1.48 -20.37
N LYS F 43 0.70 1.22 -20.51
CA LYS F 43 1.22 0.29 -21.52
C LYS F 43 2.12 -0.77 -20.87
N SER F 44 1.65 -1.41 -19.80
CA SER F 44 2.47 -2.36 -19.06
C SER F 44 1.65 -3.58 -18.69
N LEU F 45 2.09 -4.77 -19.10
CA LEU F 45 1.41 -6.02 -18.78
C LEU F 45 2.39 -7.02 -18.17
N GLU F 46 2.01 -7.63 -17.05
CA GLU F 46 2.80 -8.66 -16.39
C GLU F 46 1.96 -9.89 -16.09
N TRP F 47 2.44 -11.06 -16.51
CA TRP F 47 1.79 -12.33 -16.18
C TRP F 47 2.12 -12.74 -14.74
N ILE F 48 1.08 -13.03 -13.96
CA ILE F 48 1.26 -13.36 -12.54
C ILE F 48 1.40 -14.87 -12.35
N GLY F 49 0.53 -15.64 -12.98
CA GLY F 49 0.55 -17.08 -12.83
C GLY F 49 -0.73 -17.67 -13.37
N ARG F 50 -0.81 -19.00 -13.27
CA ARG F 50 -1.98 -19.72 -13.75
C ARG F 50 -2.38 -20.80 -12.75
N ILE F 51 -3.64 -21.21 -12.82
CA ILE F 51 -4.14 -22.29 -11.99
C ILE F 51 -4.89 -23.27 -12.88
N ASP F 52 -4.69 -24.56 -12.61
CA ASP F 52 -5.45 -25.63 -13.23
C ASP F 52 -6.66 -25.90 -12.34
N PRO F 53 -7.87 -25.52 -12.75
CA PRO F 53 -9.02 -25.68 -11.84
C PRO F 53 -9.37 -27.13 -11.51
N TYR F 54 -8.93 -28.11 -12.29
CA TYR F 54 -9.33 -29.48 -11.94
C TYR F 54 -8.73 -29.93 -10.61
N ASP F 55 -7.45 -29.65 -10.37
CA ASP F 55 -6.79 -30.08 -9.15
C ASP F 55 -6.22 -28.94 -8.32
N GLY F 56 -6.42 -27.69 -8.75
CA GLY F 56 -5.91 -26.58 -7.99
C GLY F 56 -4.42 -26.33 -8.13
N ALA F 57 -3.72 -27.08 -9.00
CA ALA F 57 -2.28 -26.90 -9.19
C ALA F 57 -2.00 -25.51 -9.76
N THR F 58 -0.96 -24.87 -9.23
CA THR F 58 -0.64 -23.49 -9.58
C THR F 58 0.78 -23.38 -10.09
N SER F 59 1.04 -22.29 -10.80
CA SER F 59 2.36 -21.97 -11.34
C SER F 59 2.49 -20.46 -11.34
N TYR F 60 3.52 -19.92 -10.69
CA TYR F 60 3.65 -18.48 -10.48
C TYR F 60 4.88 -17.94 -11.21
N ASN F 61 4.71 -16.76 -11.81
CA ASN F 61 5.86 -15.91 -12.09
C ASN F 61 6.64 -15.71 -10.80
N GLN F 62 7.97 -15.90 -10.88
CA GLN F 62 8.77 -15.85 -9.65
C GLN F 62 8.62 -14.52 -8.93
N ASN F 63 8.37 -13.44 -9.68
CA ASN F 63 8.16 -12.12 -9.07
C ASN F 63 6.89 -12.04 -8.23
N PHE F 64 5.97 -12.99 -8.37
CA PHE F 64 4.71 -12.93 -7.65
C PHE F 64 4.50 -14.11 -6.72
N LYS F 65 5.50 -14.99 -6.59
CA LYS F 65 5.30 -16.24 -5.85
C LYS F 65 4.93 -15.98 -4.39
N ASP F 66 5.33 -14.84 -3.85
CA ASP F 66 4.89 -14.46 -2.50
C ASP F 66 3.73 -13.48 -2.48
N LYS F 67 3.56 -12.66 -3.51
CA LYS F 67 2.51 -11.65 -3.49
C LYS F 67 1.12 -12.24 -3.73
N ALA F 68 1.01 -13.26 -4.56
CA ALA F 68 -0.28 -13.75 -5.02
C ALA F 68 -0.47 -15.22 -4.67
N SER F 69 -1.72 -15.58 -4.37
CA SER F 69 -2.15 -16.95 -4.16
C SER F 69 -3.39 -17.20 -5.01
N LEU F 70 -3.34 -18.23 -5.85
CA LEU F 70 -4.47 -18.60 -6.72
C LEU F 70 -5.21 -19.81 -6.16
N THR F 71 -6.53 -19.71 -6.10
CA THR F 71 -7.39 -20.83 -5.72
C THR F 71 -8.57 -20.86 -6.69
N VAL F 72 -9.34 -21.95 -6.62
CA VAL F 72 -10.61 -22.03 -7.32
C VAL F 72 -11.67 -22.59 -6.38
N ASP F 73 -12.92 -22.32 -6.74
CA ASP F 73 -14.11 -22.93 -6.15
C ASP F 73 -14.82 -23.64 -7.31
N LYS F 74 -14.71 -24.98 -7.36
CA LYS F 74 -15.30 -25.73 -8.45
C LYS F 74 -16.82 -25.65 -8.43
N SER F 75 -17.42 -25.55 -7.26
CA SER F 75 -18.89 -25.56 -7.20
C SER F 75 -19.46 -24.32 -7.90
N SER F 76 -18.85 -23.17 -7.66
CA SER F 76 -19.28 -21.92 -8.28
C SER F 76 -18.47 -21.57 -9.52
N THR F 77 -17.68 -22.51 -10.03
CA THR F 77 -16.82 -22.32 -11.20
C THR F 77 -16.22 -20.90 -11.21
N THR F 78 -15.53 -20.57 -10.11
CA THR F 78 -14.94 -19.25 -9.92
C THR F 78 -13.47 -19.40 -9.54
N GLY F 79 -12.62 -18.60 -10.16
CA GLY F 79 -11.22 -18.52 -9.79
C GLY F 79 -10.97 -17.30 -8.92
N PHE F 80 -9.96 -17.38 -8.05
CA PHE F 80 -9.65 -16.34 -7.09
C PHE F 80 -8.16 -16.05 -7.09
N MET F 81 -7.81 -14.77 -6.90
CA MET F 81 -6.45 -14.37 -6.62
C MET F 81 -6.44 -13.57 -5.33
N GLU F 82 -5.63 -14.01 -4.37
CA GLU F 82 -5.41 -13.23 -3.18
C GLU F 82 -4.05 -12.57 -3.30
N LEU F 83 -4.01 -11.26 -3.10
CA LEU F 83 -2.77 -10.51 -3.02
C LEU F 83 -2.50 -10.16 -1.56
N HIS F 84 -1.28 -10.41 -1.10
CA HIS F 84 -0.92 -10.27 0.31
C HIS F 84 -0.10 -9.02 0.56
N SER F 85 -0.29 -8.45 1.75
CA SER F 85 0.57 -7.39 2.29
C SER F 85 0.78 -6.27 1.28
N LEU F 86 -0.31 -5.63 0.90
CA LEU F 86 -0.27 -4.74 -0.26
C LEU F 86 0.49 -3.45 0.02
N THR F 87 1.24 -3.00 -0.99
CA THR F 87 1.89 -1.70 -1.01
C THR F 87 1.34 -0.90 -2.19
N SER F 88 1.77 0.36 -2.30
CA SER F 88 1.23 1.17 -3.39
C SER F 88 1.64 0.61 -4.74
N GLU F 89 2.75 -0.11 -4.80
CA GLU F 89 3.15 -0.78 -6.04
C GLU F 89 2.13 -1.83 -6.49
N ASP F 90 1.19 -2.22 -5.62
CA ASP F 90 0.18 -3.20 -5.96
C ASP F 90 -1.10 -2.57 -6.51
N SER F 91 -1.26 -1.25 -6.44
CA SER F 91 -2.37 -0.60 -7.12
C SER F 91 -2.25 -0.84 -8.61
N ALA F 92 -3.32 -1.35 -9.22
CA ALA F 92 -3.26 -1.76 -10.62
C ALA F 92 -4.63 -2.28 -11.05
N VAL F 93 -4.76 -2.55 -12.33
CA VAL F 93 -5.87 -3.33 -12.86
C VAL F 93 -5.38 -4.75 -13.03
N TYR F 94 -6.14 -5.71 -12.51
CA TYR F 94 -5.79 -7.13 -12.58
C TYR F 94 -6.78 -7.82 -13.51
N TYR F 95 -6.26 -8.59 -14.47
CA TYR F 95 -7.08 -9.31 -15.42
C TYR F 95 -7.00 -10.81 -15.18
N CYS F 96 -8.14 -11.49 -15.32
CA CYS F 96 -8.16 -12.94 -15.47
C CYS F 96 -8.38 -13.26 -16.95
N ALA F 97 -7.79 -14.37 -17.40
CA ALA F 97 -7.88 -14.82 -18.77
C ALA F 97 -7.97 -16.34 -18.81
N ARG F 98 -8.68 -16.86 -19.82
CA ARG F 98 -8.73 -18.28 -20.08
C ARG F 98 -7.78 -18.62 -21.20
N GLU F 99 -6.98 -19.68 -21.02
CA GLU F 99 -6.19 -20.22 -22.12
C GLU F 99 -7.05 -21.27 -22.80
N GLY F 100 -7.76 -20.86 -23.86
CA GLY F 100 -8.61 -21.76 -24.59
C GLY F 100 -7.89 -22.45 -25.76
N HIS F 101 -8.63 -23.25 -26.50
CA HIS F 101 -8.04 -24.04 -27.56
C HIS F 101 -8.87 -23.91 -28.82
N TRP F 102 -8.19 -23.68 -29.94
CA TRP F 102 -8.80 -23.64 -31.26
C TRP F 102 -7.94 -24.45 -32.21
N ASP F 103 -8.51 -25.53 -32.74
CA ASP F 103 -7.90 -26.25 -33.86
C ASP F 103 -6.47 -26.70 -33.52
N GLY F 104 -6.29 -27.24 -32.30
CA GLY F 104 -5.02 -27.77 -31.90
C GLY F 104 -4.08 -26.82 -31.21
N ASP F 105 -4.43 -25.53 -31.09
CA ASP F 105 -3.55 -24.54 -30.50
C ASP F 105 -4.20 -23.91 -29.28
N TRP F 106 -3.36 -23.42 -28.36
CA TRP F 106 -3.84 -22.82 -27.13
C TRP F 106 -3.41 -21.36 -27.10
N TYR F 107 -4.29 -20.50 -26.58
CA TYR F 107 -3.96 -19.09 -26.41
C TYR F 107 -5.04 -18.45 -25.55
N PHE F 108 -4.75 -17.24 -25.09
CA PHE F 108 -5.68 -16.46 -24.29
C PHE F 108 -6.83 -16.00 -25.16
N ASP F 109 -7.96 -16.70 -25.11
CA ASP F 109 -9.06 -16.40 -26.01
C ASP F 109 -10.25 -15.74 -25.33
N VAL F 110 -10.22 -15.58 -24.01
CA VAL F 110 -11.29 -14.92 -23.27
C VAL F 110 -10.67 -14.17 -22.11
N TRP F 111 -11.08 -12.93 -21.90
CA TRP F 111 -10.59 -12.12 -20.78
C TRP F 111 -11.76 -11.56 -19.98
N GLY F 112 -11.58 -11.51 -18.65
CA GLY F 112 -12.45 -10.72 -17.80
C GLY F 112 -12.20 -9.24 -18.04
N ALA F 113 -13.10 -8.42 -17.53
CA ALA F 113 -13.05 -6.99 -17.82
C ALA F 113 -12.10 -6.22 -16.92
N GLY F 114 -11.48 -6.87 -15.94
CA GLY F 114 -10.54 -6.19 -15.09
C GLY F 114 -11.13 -5.76 -13.76
N THR F 115 -10.29 -5.82 -12.73
CA THR F 115 -10.62 -5.35 -11.39
C THR F 115 -9.59 -4.28 -11.01
N THR F 116 -10.06 -3.10 -10.62
CA THR F 116 -9.16 -2.03 -10.20
C THR F 116 -8.95 -2.13 -8.69
N VAL F 117 -7.69 -2.31 -8.28
CA VAL F 117 -7.27 -2.39 -6.88
C VAL F 117 -6.49 -1.11 -6.58
N THR F 118 -6.94 -0.36 -5.57
CA THR F 118 -6.27 0.85 -5.10
C THR F 118 -5.83 0.61 -3.67
N VAL F 119 -4.52 0.62 -3.44
CA VAL F 119 -3.96 0.51 -2.09
C VAL F 119 -3.81 1.92 -1.52
N SER F 120 -4.47 2.18 -0.39
CA SER F 120 -4.52 3.54 0.15
C SER F 120 -4.94 3.51 1.61
N SER F 121 -4.40 4.46 2.39
CA SER F 121 -4.82 4.68 3.76
C SER F 121 -6.15 5.41 3.90
N ALA F 122 -6.65 6.03 2.84
CA ALA F 122 -7.81 6.90 2.97
C ALA F 122 -9.11 6.10 2.95
N SER F 123 -10.15 6.70 3.53
CA SER F 123 -11.42 6.00 3.50
C SER F 123 -12.12 6.29 2.19
N THR F 124 -13.06 5.42 1.84
CA THR F 124 -13.81 5.62 0.61
C THR F 124 -14.73 6.82 0.78
N LYS F 125 -14.95 7.54 -0.33
CA LYS F 125 -15.90 8.64 -0.35
C LYS F 125 -16.72 8.57 -1.64
N GLY F 126 -18.04 8.58 -1.50
CA GLY F 126 -18.94 8.55 -2.62
C GLY F 126 -19.15 9.93 -3.21
N PRO F 127 -19.48 9.99 -4.50
CA PRO F 127 -19.59 11.27 -5.20
C PRO F 127 -20.92 11.96 -4.98
N SER F 128 -20.89 13.28 -5.13
CA SER F 128 -22.10 14.04 -5.39
C SER F 128 -22.33 14.09 -6.90
N VAL F 129 -23.60 14.12 -7.31
CA VAL F 129 -23.94 14.06 -8.72
C VAL F 129 -24.81 15.27 -9.07
N PHE F 130 -24.29 16.13 -9.93
CA PHE F 130 -24.99 17.38 -10.23
C PHE F 130 -25.37 17.45 -11.70
N PRO F 131 -26.54 18.01 -12.02
CA PRO F 131 -26.93 18.13 -13.42
C PRO F 131 -26.19 19.25 -14.13
N LEU F 132 -25.82 18.98 -15.37
CA LEU F 132 -25.34 19.99 -16.32
C LEU F 132 -26.49 20.23 -17.29
N ALA F 133 -27.27 21.27 -17.04
CA ALA F 133 -28.58 21.41 -17.69
C ALA F 133 -28.43 22.08 -19.04
N PRO F 134 -29.14 21.54 -20.05
CA PRO F 134 -29.13 22.16 -21.38
C PRO F 134 -29.87 23.48 -21.36
N SER F 135 -29.56 24.32 -22.36
CA SER F 135 -30.25 25.59 -22.57
C SER F 135 -29.78 26.26 -23.86
N GLY F 142 -29.71 22.80 -33.94
CA GLY F 142 -30.65 21.73 -33.65
C GLY F 142 -30.18 20.73 -32.61
N THR F 143 -28.90 20.80 -32.24
CA THR F 143 -28.29 19.90 -31.27
C THR F 143 -28.09 20.60 -29.93
N ALA F 144 -28.46 19.90 -28.84
CA ALA F 144 -28.24 20.36 -27.47
C ALA F 144 -27.29 19.41 -26.75
N ALA F 145 -26.65 19.94 -25.71
CA ALA F 145 -25.77 19.13 -24.87
C ALA F 145 -26.24 19.20 -23.43
N LEU F 146 -26.21 18.05 -22.76
CA LEU F 146 -26.55 17.94 -21.36
C LEU F 146 -25.63 16.89 -20.76
N GLY F 147 -25.60 16.82 -19.44
CA GLY F 147 -24.65 15.91 -18.81
C GLY F 147 -24.82 15.84 -17.31
N CYS F 148 -23.86 15.19 -16.68
CA CYS F 148 -23.79 15.03 -15.24
C CYS F 148 -22.37 15.26 -14.78
N LEU F 149 -22.24 16.01 -13.68
CA LEU F 149 -20.99 16.23 -12.99
C LEU F 149 -20.93 15.30 -11.78
N VAL F 150 -19.89 14.47 -11.72
CA VAL F 150 -19.72 13.47 -10.67
C VAL F 150 -18.50 13.90 -9.85
N LYS F 151 -18.73 14.47 -8.68
CA LYS F 151 -17.70 15.23 -7.99
C LYS F 151 -17.32 14.63 -6.64
N ASP F 152 -16.01 14.60 -6.38
CA ASP F 152 -15.42 14.33 -5.06
C ASP F 152 -15.59 12.90 -4.60
N TYR F 153 -14.99 11.94 -5.30
CA TYR F 153 -15.08 10.55 -4.89
C TYR F 153 -13.69 9.95 -4.80
N PHE F 154 -13.58 8.83 -4.06
CA PHE F 154 -12.36 8.08 -3.93
C PHE F 154 -12.69 6.67 -3.48
N PRO F 155 -12.05 5.63 -4.06
CA PRO F 155 -11.10 5.72 -5.18
C PRO F 155 -11.82 5.63 -6.55
N GLU F 156 -11.04 5.46 -7.63
CA GLU F 156 -11.60 5.07 -8.93
C GLU F 156 -12.04 3.60 -8.92
N PRO F 157 -12.96 3.22 -9.81
CA PRO F 157 -13.68 4.05 -10.79
C PRO F 157 -15.13 4.34 -10.40
N VAL F 158 -15.76 5.22 -11.15
CA VAL F 158 -17.21 5.36 -11.19
C VAL F 158 -17.64 4.93 -12.57
N THR F 159 -18.83 4.35 -12.69
CA THR F 159 -19.44 4.11 -13.98
C THR F 159 -20.64 5.03 -14.17
N VAL F 160 -20.82 5.47 -15.42
CA VAL F 160 -21.93 6.33 -15.80
C VAL F 160 -22.59 5.73 -17.03
N SER F 161 -23.91 5.61 -17.00
CA SER F 161 -24.73 5.29 -18.16
C SER F 161 -25.87 6.30 -18.22
N TRP F 162 -26.55 6.34 -19.37
CA TRP F 162 -27.66 7.25 -19.57
C TRP F 162 -28.94 6.47 -19.87
N ASN F 163 -30.04 6.88 -19.23
CA ASN F 163 -31.34 6.23 -19.40
C ASN F 163 -31.23 4.72 -19.27
N SER F 164 -30.50 4.29 -18.25
CA SER F 164 -30.37 2.89 -17.89
C SER F 164 -29.77 2.07 -19.03
N GLY F 165 -28.95 2.72 -19.86
CA GLY F 165 -28.21 2.05 -20.91
C GLY F 165 -28.81 2.16 -22.30
N ALA F 166 -30.02 2.68 -22.44
CA ALA F 166 -30.63 2.77 -23.77
C ALA F 166 -30.08 3.91 -24.62
N LEU F 167 -29.49 4.93 -23.99
CA LEU F 167 -28.90 6.08 -24.69
C LEU F 167 -27.38 5.98 -24.64
N THR F 168 -26.76 5.75 -25.80
CA THR F 168 -25.31 5.58 -25.87
C THR F 168 -24.68 6.45 -26.96
N SER F 169 -25.42 6.72 -28.02
CA SER F 169 -24.89 7.49 -29.12
C SER F 169 -24.69 8.94 -28.71
N GLY F 170 -23.49 9.48 -28.95
CA GLY F 170 -23.17 10.83 -28.54
C GLY F 170 -22.80 11.01 -27.07
N VAL F 171 -22.60 9.92 -26.32
CA VAL F 171 -22.23 10.02 -24.92
C VAL F 171 -20.71 10.10 -24.81
N HIS F 172 -20.22 11.06 -24.03
CA HIS F 172 -18.82 11.12 -23.67
C HIS F 172 -18.69 11.19 -22.16
N THR F 173 -18.06 10.18 -21.56
CA THR F 173 -17.75 10.17 -20.13
C THR F 173 -16.26 10.41 -20.00
N PHE F 174 -15.91 11.52 -19.40
CA PHE F 174 -14.52 11.93 -19.38
C PHE F 174 -13.69 11.13 -18.38
N PRO F 175 -12.39 10.97 -18.66
CA PRO F 175 -11.49 10.46 -17.62
C PRO F 175 -11.56 11.34 -16.37
N ALA F 176 -11.49 10.69 -15.22
CA ALA F 176 -11.44 11.42 -13.96
C ALA F 176 -10.23 12.34 -13.92
N VAL F 177 -10.40 13.51 -13.34
CA VAL F 177 -9.23 14.31 -13.01
C VAL F 177 -9.07 14.28 -11.50
N LEU F 178 -7.83 14.32 -11.06
CA LEU F 178 -7.55 14.41 -9.65
C LEU F 178 -7.54 15.89 -9.26
N GLN F 179 -8.31 16.23 -8.23
CA GLN F 179 -8.39 17.59 -7.73
C GLN F 179 -7.35 17.84 -6.65
N SER F 180 -7.14 19.12 -6.33
CA SER F 180 -6.21 19.46 -5.27
C SER F 180 -6.67 18.92 -3.93
N SER F 181 -7.95 18.62 -3.78
CA SER F 181 -8.42 18.02 -2.53
C SER F 181 -7.99 16.56 -2.38
N GLY F 182 -7.38 15.97 -3.42
CA GLY F 182 -7.02 14.57 -3.42
C GLY F 182 -8.13 13.62 -3.83
N LEU F 183 -9.28 14.13 -4.23
CA LEU F 183 -10.43 13.34 -4.65
C LEU F 183 -10.63 13.51 -6.15
N TYR F 184 -11.21 12.48 -6.76
CA TYR F 184 -11.47 12.46 -8.20
C TYR F 184 -12.78 13.16 -8.54
N SER F 185 -12.87 13.59 -9.79
CA SER F 185 -14.10 14.15 -10.32
CA SER F 185 -14.09 14.17 -10.32
C SER F 185 -14.12 13.93 -11.82
N LEU F 186 -15.31 13.73 -12.36
CA LEU F 186 -15.46 13.60 -13.80
C LEU F 186 -16.84 14.10 -14.21
N SER F 187 -17.04 14.24 -15.51
CA SER F 187 -18.32 14.61 -16.08
C SER F 187 -18.70 13.64 -17.18
N SER F 188 -20.01 13.47 -17.38
CA SER F 188 -20.53 12.71 -18.49
C SER F 188 -21.51 13.61 -19.21
N VAL F 189 -21.36 13.71 -20.51
CA VAL F 189 -22.21 14.58 -21.31
C VAL F 189 -22.72 13.77 -22.48
N VAL F 190 -23.83 14.22 -23.06
CA VAL F 190 -24.40 13.62 -24.26
C VAL F 190 -25.01 14.75 -25.08
N THR F 191 -24.87 14.67 -26.41
CA THR F 191 -25.52 15.62 -27.30
C THR F 191 -26.74 14.94 -27.90
N VAL F 192 -27.87 15.66 -27.90
CA VAL F 192 -29.13 15.06 -28.33
C VAL F 192 -29.89 16.05 -29.20
N PRO F 193 -30.95 15.61 -29.89
CA PRO F 193 -31.79 16.56 -30.63
C PRO F 193 -32.40 17.58 -29.69
N SER F 194 -32.32 18.86 -30.09
CA SER F 194 -32.97 19.91 -29.34
C SER F 194 -34.49 19.72 -29.28
N SER F 195 -35.10 19.20 -30.35
CA SER F 195 -36.54 18.96 -30.36
C SER F 195 -36.97 17.89 -29.38
N SER F 196 -36.04 17.20 -28.71
CA SER F 196 -36.38 16.16 -27.75
C SER F 196 -36.43 16.66 -26.30
N LEU F 197 -35.81 17.78 -25.99
CA LEU F 197 -35.83 18.32 -24.62
C LEU F 197 -37.24 18.64 -24.12
N THR F 201 -36.82 12.47 -22.04
CA THR F 201 -36.32 12.38 -20.67
C THR F 201 -34.89 11.82 -20.63
N TYR F 202 -34.01 12.47 -19.87
CA TYR F 202 -32.59 12.09 -19.82
C TYR F 202 -32.18 11.88 -18.37
N ILE F 203 -31.66 10.69 -18.06
CA ILE F 203 -31.24 10.32 -16.71
C ILE F 203 -29.83 9.72 -16.79
N CYS F 204 -28.90 10.28 -16.02
CA CYS F 204 -27.57 9.68 -15.91
C CYS F 204 -27.55 8.77 -14.69
N ASN F 205 -27.09 7.55 -14.88
CA ASN F 205 -27.03 6.56 -13.81
C ASN F 205 -25.58 6.47 -13.35
N VAL F 206 -25.33 6.82 -12.10
CA VAL F 206 -23.98 6.88 -11.56
C VAL F 206 -23.81 5.78 -10.54
N ASN F 207 -22.70 5.06 -10.62
CA ASN F 207 -22.43 3.96 -9.69
C ASN F 207 -21.00 4.07 -9.23
N HIS F 208 -20.80 4.15 -7.91
CA HIS F 208 -19.47 4.16 -7.31
C HIS F 208 -19.44 2.99 -6.33
N LYS F 209 -19.03 1.82 -6.83
CA LYS F 209 -19.12 0.60 -6.03
C LYS F 209 -18.33 0.63 -4.73
N PRO F 210 -17.13 1.22 -4.65
CA PRO F 210 -16.39 1.17 -3.38
C PRO F 210 -17.16 1.76 -2.21
N SER F 211 -18.05 2.72 -2.45
CA SER F 211 -18.84 3.34 -1.39
C SER F 211 -20.31 2.96 -1.42
N ASN F 212 -20.70 2.05 -2.33
CA ASN F 212 -22.09 1.63 -2.47
C ASN F 212 -23.00 2.80 -2.84
N THR F 213 -22.50 3.67 -3.71
CA THR F 213 -23.25 4.82 -4.18
C THR F 213 -23.85 4.49 -5.55
N LYS F 214 -25.19 4.52 -5.62
CA LYS F 214 -25.92 4.41 -6.86
C LYS F 214 -26.87 5.59 -6.94
N VAL F 215 -26.65 6.46 -7.92
CA VAL F 215 -27.46 7.66 -8.11
C VAL F 215 -28.00 7.67 -9.53
N ASP F 216 -29.30 7.97 -9.66
CA ASP F 216 -29.94 8.18 -10.95
C ASP F 216 -30.45 9.61 -10.94
N LYS F 217 -29.84 10.48 -11.75
CA LYS F 217 -30.13 11.90 -11.77
C LYS F 217 -30.76 12.30 -13.10
N LYS F 218 -32.01 12.77 -13.03
CA LYS F 218 -32.69 13.29 -14.21
C LYS F 218 -32.19 14.71 -14.50
N VAL F 219 -31.88 14.98 -15.77
CA VAL F 219 -31.34 16.26 -16.22
C VAL F 219 -32.40 16.93 -17.09
N GLU F 220 -32.82 18.13 -16.71
CA GLU F 220 -33.88 18.82 -17.46
C GLU F 220 -33.58 20.31 -17.71
N ASP G 3 -29.72 -42.42 16.52
CA ASP G 3 -28.65 -41.97 15.63
C ASP G 3 -27.76 -43.13 15.22
N ILE G 4 -27.17 -43.01 14.02
CA ILE G 4 -26.25 -44.03 13.55
C ILE G 4 -24.94 -43.94 14.33
N VAL G 5 -24.48 -45.08 14.82
CA VAL G 5 -23.17 -45.20 15.46
C VAL G 5 -22.16 -45.56 14.39
N MET G 6 -21.11 -44.76 14.24
CA MET G 6 -20.04 -45.06 13.29
C MET G 6 -18.80 -45.48 14.08
N THR G 7 -18.34 -46.70 13.83
CA THR G 7 -17.21 -47.29 14.55
C THR G 7 -16.02 -47.43 13.62
N GLN G 8 -14.90 -46.79 13.98
CA GLN G 8 -13.69 -46.79 13.17
C GLN G 8 -12.64 -47.69 13.80
N THR G 9 -11.82 -48.32 12.94
CA THR G 9 -10.80 -49.29 13.29
C THR G 9 -9.62 -49.16 12.34
N PRO G 10 -8.39 -48.99 12.84
CA PRO G 10 -8.12 -48.77 14.27
C PRO G 10 -8.35 -47.31 14.66
N LEU G 11 -8.28 -46.99 15.94
CA LEU G 11 -8.42 -45.60 16.38
C LEU G 11 -7.11 -44.86 16.32
N SER G 12 -6.00 -45.57 16.12
CA SER G 12 -4.69 -44.97 15.98
C SER G 12 -3.81 -45.93 15.21
N LEU G 13 -3.00 -45.40 14.31
CA LEU G 13 -2.05 -46.26 13.62
C LEU G 13 -0.85 -45.44 13.17
N SER G 14 0.27 -46.14 13.07
CA SER G 14 1.52 -45.57 12.60
C SER G 14 1.87 -46.27 11.30
N VAL G 15 2.30 -45.50 10.30
CA VAL G 15 2.60 -46.04 8.98
C VAL G 15 3.86 -45.38 8.47
N THR G 16 4.73 -46.19 7.88
CA THR G 16 5.96 -45.72 7.27
C THR G 16 5.68 -45.06 5.92
N ILE G 17 6.39 -43.96 5.64
CA ILE G 17 6.29 -43.30 4.34
C ILE G 17 6.53 -44.32 3.24
N GLY G 18 5.64 -44.36 2.26
CA GLY G 18 5.75 -45.27 1.15
C GLY G 18 4.96 -46.56 1.30
N GLN G 19 4.52 -46.89 2.53
CA GLN G 19 3.74 -48.08 2.84
C GLN G 19 2.23 -47.78 2.79
N PRO G 20 1.41 -48.82 2.62
CA PRO G 20 -0.04 -48.63 2.59
C PRO G 20 -0.63 -48.49 3.98
N ALA G 21 -1.83 -47.91 4.01
CA ALA G 21 -2.60 -47.73 5.24
C ALA G 21 -4.06 -48.07 4.97
N SER G 22 -4.73 -48.63 5.98
CA SER G 22 -6.14 -48.99 5.85
C SER G 22 -6.89 -48.56 7.10
N ILE G 23 -8.07 -47.98 6.91
CA ILE G 23 -8.95 -47.64 8.01
C ILE G 23 -10.33 -48.18 7.69
N SER G 24 -10.94 -48.85 8.66
CA SER G 24 -12.26 -49.40 8.46
C SER G 24 -13.28 -48.56 9.21
N CYS G 25 -14.48 -48.50 8.65
CA CYS G 25 -15.61 -47.86 9.29
C CYS G 25 -16.77 -48.83 9.19
N LYS G 26 -17.43 -49.07 10.32
CA LYS G 26 -18.61 -49.91 10.36
C LYS G 26 -19.76 -49.12 10.95
N SER G 27 -20.92 -49.18 10.31
CA SER G 27 -22.10 -48.48 10.74
C SER G 27 -23.08 -49.43 11.41
N SER G 28 -23.83 -48.91 12.38
CA SER G 28 -24.82 -49.72 13.09
C SER G 28 -26.01 -50.07 12.20
N GLN G 29 -26.21 -49.35 11.10
CA GLN G 29 -27.23 -49.74 10.13
C GLN G 29 -26.70 -49.51 8.72
N SER G 30 -27.29 -50.24 7.77
CA SER G 30 -26.92 -50.09 6.38
C SER G 30 -27.10 -48.64 5.91
N LEU G 31 -26.06 -48.10 5.27
CA LEU G 31 -26.08 -46.74 4.77
C LEU G 31 -26.67 -46.63 3.38
N LEU G 32 -27.22 -47.71 2.84
CA LEU G 32 -27.93 -47.65 1.57
C LEU G 32 -29.26 -46.95 1.78
N HIS G 33 -29.41 -45.77 1.18
CA HIS G 33 -30.65 -45.00 1.20
C HIS G 33 -31.66 -45.59 0.21
N SER G 34 -32.94 -45.26 0.41
CA SER G 34 -33.98 -45.76 -0.50
C SER G 34 -33.76 -45.32 -1.94
N ASN G 35 -33.06 -44.21 -2.16
CA ASN G 35 -32.87 -43.70 -3.51
C ASN G 35 -31.70 -44.34 -4.26
N GLY G 36 -31.00 -45.32 -3.66
CA GLY G 36 -29.92 -46.03 -4.33
C GLY G 36 -28.52 -45.61 -3.94
N LYS G 37 -28.34 -44.38 -3.50
CA LYS G 37 -27.00 -43.92 -3.17
C LYS G 37 -26.64 -44.36 -1.75
N THR G 38 -25.34 -44.54 -1.52
CA THR G 38 -24.80 -44.87 -0.22
C THR G 38 -23.95 -43.70 0.26
N TYR G 39 -24.48 -42.93 1.22
CA TYR G 39 -23.90 -41.65 1.60
C TYR G 39 -22.85 -41.83 2.71
N LEU G 40 -21.73 -42.42 2.31
CA LEU G 40 -20.57 -42.54 3.18
C LEU G 40 -19.47 -41.58 2.74
N ASN G 41 -19.02 -40.74 3.66
CA ASN G 41 -18.00 -39.73 3.40
C ASN G 41 -16.77 -40.02 4.26
N TRP G 42 -15.59 -39.76 3.71
CA TRP G 42 -14.34 -39.79 4.46
C TRP G 42 -13.75 -38.38 4.48
N LEU G 43 -13.24 -37.97 5.65
CA LEU G 43 -12.60 -36.68 5.83
C LEU G 43 -11.25 -36.84 6.51
N GLN G 44 -10.34 -35.94 6.17
CA GLN G 44 -9.05 -35.81 6.82
C GLN G 44 -8.99 -34.47 7.52
N GLN G 45 -8.52 -34.44 8.77
CA GLN G 45 -8.30 -33.18 9.49
C GLN G 45 -6.85 -33.10 9.92
N ARG G 46 -6.10 -32.17 9.33
CA ARG G 46 -4.72 -31.98 9.73
C ARG G 46 -4.66 -31.11 10.98
N PRO G 47 -3.58 -31.20 11.74
CA PRO G 47 -3.45 -30.42 12.99
C PRO G 47 -3.69 -28.94 12.75
N GLY G 48 -4.59 -28.37 13.53
CA GLY G 48 -4.86 -26.95 13.44
C GLY G 48 -5.79 -26.54 12.32
N GLN G 49 -6.22 -27.44 11.44
CA GLN G 49 -7.09 -27.09 10.33
C GLN G 49 -8.48 -27.68 10.47
N ALA G 50 -9.41 -27.16 9.68
CA ALA G 50 -10.73 -27.73 9.61
C ALA G 50 -10.68 -29.09 8.92
N PRO G 51 -11.67 -29.93 9.17
CA PRO G 51 -11.79 -31.17 8.40
C PRO G 51 -11.99 -30.86 6.93
N LYS G 52 -11.64 -31.84 6.07
CA LYS G 52 -11.69 -31.72 4.62
C LYS G 52 -12.16 -33.04 4.02
N ILE G 53 -13.15 -32.98 3.12
CA ILE G 53 -13.66 -34.18 2.47
C ILE G 53 -12.57 -34.77 1.59
N LEU G 54 -12.38 -36.08 1.70
CA LEU G 54 -11.54 -36.82 0.78
C LEU G 54 -12.36 -37.49 -0.31
N MET G 55 -13.43 -38.18 0.07
CA MET G 55 -14.30 -38.79 -0.90
C MET G 55 -15.70 -38.87 -0.33
N TYR G 56 -16.66 -38.98 -1.24
CA TYR G 56 -18.08 -39.04 -0.96
C TYR G 56 -18.68 -40.20 -1.74
N LEU G 57 -19.91 -40.57 -1.40
CA LEU G 57 -20.58 -41.72 -1.99
C LEU G 57 -19.63 -42.93 -2.04
N VAL G 58 -18.97 -43.20 -0.90
CA VAL G 58 -18.15 -44.38 -0.67
C VAL G 58 -16.76 -44.26 -1.29
N SER G 59 -16.69 -43.96 -2.59
CA SER G 59 -15.45 -44.10 -3.32
C SER G 59 -15.19 -42.98 -4.33
N LYS G 60 -15.98 -41.92 -4.36
CA LYS G 60 -15.78 -40.85 -5.33
C LYS G 60 -14.84 -39.80 -4.72
N LEU G 61 -13.68 -39.61 -5.33
CA LEU G 61 -12.68 -38.66 -4.84
C LEU G 61 -13.06 -37.24 -5.22
N ASP G 62 -12.97 -36.32 -4.27
CA ASP G 62 -13.01 -34.91 -4.63
C ASP G 62 -11.84 -34.62 -5.57
N PRO G 63 -12.09 -33.94 -6.70
CA PRO G 63 -11.02 -33.73 -7.71
C PRO G 63 -9.67 -33.22 -7.19
N GLY G 64 -9.62 -32.48 -6.10
CA GLY G 64 -8.29 -32.06 -5.64
C GLY G 64 -7.49 -33.09 -4.83
N ILE G 65 -8.07 -34.25 -4.55
CA ILE G 65 -7.47 -35.26 -3.69
C ILE G 65 -6.55 -36.21 -4.46
N PRO G 66 -5.33 -36.47 -3.99
CA PRO G 66 -4.41 -37.34 -4.74
C PRO G 66 -4.97 -38.75 -4.92
N ASP G 67 -4.60 -39.37 -6.05
CA ASP G 67 -5.12 -40.69 -6.42
C ASP G 67 -4.69 -41.79 -5.47
N ARG G 68 -3.75 -41.56 -4.55
CA ARG G 68 -3.38 -42.65 -3.65
C ARG G 68 -4.49 -42.97 -2.65
N PHE G 69 -5.46 -42.07 -2.47
CA PHE G 69 -6.63 -42.34 -1.65
C PHE G 69 -7.71 -43.05 -2.45
N SER G 70 -8.32 -44.07 -1.86
CA SER G 70 -9.47 -44.73 -2.45
C SER G 70 -10.34 -45.28 -1.32
N GLY G 71 -11.62 -45.43 -1.63
CA GLY G 71 -12.56 -45.99 -0.69
C GLY G 71 -13.31 -47.15 -1.31
N SER G 72 -13.81 -48.04 -0.45
CA SER G 72 -14.63 -49.16 -0.89
C SER G 72 -15.57 -49.55 0.24
N GLY G 73 -16.34 -50.61 0.01
CA GLY G 73 -17.30 -51.10 0.97
C GLY G 73 -18.72 -50.91 0.46
N SER G 74 -19.67 -51.39 1.26
CA SER G 74 -21.08 -51.16 0.97
C SER G 74 -21.87 -51.50 2.23
N GLU G 75 -23.13 -51.08 2.25
CA GLU G 75 -24.04 -51.41 3.34
C GLU G 75 -23.54 -50.90 4.70
N THR G 76 -22.84 -51.74 5.44
CA THR G 76 -22.40 -51.40 6.79
C THR G 76 -20.90 -51.40 6.98
N ASP G 77 -20.11 -51.78 5.96
CA ASP G 77 -18.67 -51.92 6.11
C ASP G 77 -17.95 -51.15 5.02
N PHE G 78 -17.04 -50.28 5.40
CA PHE G 78 -16.38 -49.40 4.46
C PHE G 78 -14.91 -49.29 4.84
N THR G 79 -14.06 -49.12 3.83
CA THR G 79 -12.62 -48.98 4.04
C THR G 79 -12.07 -47.82 3.23
N LEU G 80 -11.23 -47.02 3.88
CA LEU G 80 -10.41 -46.03 3.23
C LEU G 80 -8.99 -46.58 3.14
N LYS G 81 -8.37 -46.46 1.98
CA LYS G 81 -7.02 -46.95 1.77
C LYS G 81 -6.13 -45.85 1.21
N ILE G 82 -4.89 -45.81 1.67
CA ILE G 82 -3.84 -45.00 1.07
C ILE G 82 -2.81 -45.96 0.50
N SER G 83 -2.66 -45.97 -0.83
CA SER G 83 -1.78 -46.95 -1.45
C SER G 83 -0.35 -46.81 -0.94
N ARG G 84 0.15 -45.58 -0.91
CA ARG G 84 1.48 -45.28 -0.39
C ARG G 84 1.38 -43.99 0.41
N VAL G 85 1.67 -44.08 1.71
CA VAL G 85 1.52 -42.94 2.60
C VAL G 85 2.59 -41.90 2.32
N GLU G 86 2.19 -40.62 2.34
CA GLU G 86 3.13 -39.52 2.19
C GLU G 86 3.19 -38.72 3.49
N ALA G 87 4.20 -37.86 3.59
CA ALA G 87 4.42 -37.14 4.83
C ALA G 87 3.21 -36.30 5.21
N GLU G 88 2.54 -35.71 4.22
CA GLU G 88 1.38 -34.84 4.44
C GLU G 88 0.11 -35.61 4.79
N ASP G 89 0.14 -36.94 4.84
CA ASP G 89 -1.08 -37.69 5.15
C ASP G 89 -1.36 -37.81 6.64
N LEU G 90 -0.51 -37.27 7.51
CA LEU G 90 -0.78 -37.34 8.94
C LEU G 90 -2.00 -36.49 9.30
N GLY G 91 -2.71 -36.92 10.34
CA GLY G 91 -3.86 -36.22 10.82
C GLY G 91 -4.86 -37.21 11.38
N VAL G 92 -6.10 -36.75 11.51
CA VAL G 92 -7.19 -37.56 12.05
C VAL G 92 -8.18 -37.80 10.91
N TYR G 93 -8.60 -39.04 10.73
CA TYR G 93 -9.50 -39.43 9.67
C TYR G 93 -10.86 -39.79 10.25
N TYR G 94 -11.92 -39.29 9.61
CA TYR G 94 -13.29 -39.52 10.07
C TYR G 94 -14.16 -40.08 8.95
N CYS G 95 -15.00 -41.05 9.28
CA CYS G 95 -16.10 -41.39 8.39
C CYS G 95 -17.33 -40.61 8.85
N LEU G 96 -18.19 -40.29 7.89
CA LEU G 96 -19.38 -39.49 8.13
C LEU G 96 -20.49 -40.06 7.30
N GLN G 97 -21.60 -40.40 7.95
CA GLN G 97 -22.76 -40.93 7.24
C GLN G 97 -23.75 -39.81 7.02
N GLY G 98 -24.29 -39.72 5.80
CA GLY G 98 -25.27 -38.72 5.45
C GLY G 98 -26.57 -39.34 4.95
N THR G 99 -26.82 -40.58 5.36
CA THR G 99 -28.01 -41.34 4.93
C THR G 99 -29.19 -41.12 5.87
N TYR G 100 -28.94 -41.17 7.17
CA TYR G 100 -29.97 -41.09 8.19
C TYR G 100 -29.79 -39.81 9.01
N TYR G 101 -30.86 -39.06 9.17
CA TYR G 101 -30.84 -37.91 10.06
C TYR G 101 -30.68 -38.42 11.49
N PRO G 102 -29.76 -37.83 12.28
CA PRO G 102 -28.85 -36.77 11.84
C PRO G 102 -27.49 -37.27 11.36
N PHE G 103 -26.78 -36.47 10.57
CA PHE G 103 -25.38 -36.74 10.26
C PHE G 103 -24.65 -37.23 11.50
N THR G 104 -23.85 -38.29 11.36
CA THR G 104 -22.98 -38.71 12.46
C THR G 104 -21.60 -39.04 11.93
N PHE G 105 -20.60 -38.63 12.69
CA PHE G 105 -19.20 -38.96 12.46
C PHE G 105 -18.78 -40.12 13.33
N GLY G 106 -17.76 -40.81 12.87
CA GLY G 106 -17.08 -41.74 13.73
C GLY G 106 -16.13 -40.99 14.61
N SER G 107 -15.65 -41.68 15.64
CA SER G 107 -14.49 -41.20 16.37
C SER G 107 -13.31 -41.23 15.42
N GLY G 108 -12.50 -40.18 15.43
CA GLY G 108 -11.42 -40.10 14.47
C GLY G 108 -10.36 -41.17 14.65
N THR G 109 -9.68 -41.48 13.55
CA THR G 109 -8.47 -42.31 13.56
C THR G 109 -7.26 -41.42 13.35
N LYS G 110 -6.31 -41.47 14.30
CA LYS G 110 -5.08 -40.70 14.22
C LYS G 110 -4.06 -41.47 13.39
N LEU G 111 -3.54 -40.85 12.34
CA LEU G 111 -2.52 -41.46 11.50
C LEU G 111 -1.20 -40.75 11.80
N GLU G 112 -0.26 -41.48 12.38
CA GLU G 112 1.07 -40.96 12.66
C GLU G 112 2.02 -41.58 11.65
N ILE G 113 3.03 -40.82 11.27
CA ILE G 113 4.02 -41.33 10.32
C ILE G 113 5.18 -41.89 11.13
N LYS G 114 5.59 -43.10 10.79
CA LYS G 114 6.86 -43.65 11.26
C LYS G 114 7.96 -43.24 10.30
N ARG G 115 9.10 -42.85 10.87
CA ARG G 115 10.28 -42.53 10.10
C ARG G 115 11.50 -42.98 10.89
N THR G 116 12.68 -42.76 10.31
CA THR G 116 13.89 -43.19 10.98
C THR G 116 14.18 -42.32 12.20
N VAL G 117 14.85 -42.92 13.18
CA VAL G 117 15.28 -42.17 14.35
C VAL G 117 16.04 -40.92 13.90
N ALA G 118 15.80 -39.81 14.60
CA ALA G 118 16.52 -38.56 14.33
C ALA G 118 16.79 -37.85 15.65
N ALA G 119 18.03 -37.47 15.85
CA ALA G 119 18.49 -36.85 17.08
C ALA G 119 18.11 -35.37 17.12
N PRO G 120 17.74 -34.85 18.26
CA PRO G 120 17.44 -33.41 18.32
C PRO G 120 18.68 -32.55 18.25
N SER G 121 18.53 -31.38 17.65
CA SER G 121 19.45 -30.27 17.85
CA SER G 121 19.46 -30.29 17.86
C SER G 121 19.00 -29.53 19.09
N VAL G 122 19.90 -29.31 20.04
CA VAL G 122 19.53 -28.78 21.34
C VAL G 122 20.00 -27.33 21.45
N PHE G 123 19.11 -26.45 21.91
CA PHE G 123 19.43 -25.04 22.09
C PHE G 123 18.94 -24.59 23.46
N ILE G 124 19.65 -23.66 24.07
CA ILE G 124 19.25 -23.11 25.36
C ILE G 124 19.19 -21.60 25.23
N PHE G 125 18.16 -21.01 25.80
CA PHE G 125 17.95 -19.56 25.73
C PHE G 125 17.92 -18.97 27.14
N PRO G 126 18.78 -18.02 27.47
CA PRO G 126 18.68 -17.37 28.78
C PRO G 126 17.44 -16.51 28.87
N PRO G 127 17.01 -16.14 30.07
CA PRO G 127 15.93 -15.16 30.21
C PRO G 127 16.30 -13.87 29.52
N SER G 128 15.28 -13.17 29.02
CA SER G 128 15.47 -11.84 28.46
C SER G 128 15.58 -10.82 29.60
N ASP G 129 16.31 -9.73 29.35
CA ASP G 129 16.34 -8.67 30.34
C ASP G 129 14.93 -8.12 30.54
N GLU G 130 14.17 -7.97 29.45
CA GLU G 130 12.82 -7.43 29.56
C GLU G 130 11.99 -8.23 30.56
N GLN G 131 12.01 -9.56 30.45
CA GLN G 131 11.27 -10.37 31.42
C GLN G 131 11.87 -10.24 32.81
N LEU G 132 13.21 -10.21 32.91
CA LEU G 132 13.83 -10.09 34.23
C LEU G 132 13.43 -8.79 34.92
N LYS G 133 13.03 -7.76 34.17
CA LYS G 133 12.57 -6.53 34.81
C LYS G 133 11.23 -6.73 35.51
N SER G 134 10.38 -7.62 35.01
CA SER G 134 9.33 -8.13 35.88
C SER G 134 9.98 -9.08 36.89
N GLY G 135 9.17 -9.73 37.71
CA GLY G 135 9.79 -10.48 38.80
C GLY G 135 10.14 -11.92 38.51
N THR G 136 10.21 -12.32 37.23
CA THR G 136 10.28 -13.73 36.84
C THR G 136 11.39 -14.01 35.84
N ALA G 137 11.93 -15.23 35.87
CA ALA G 137 12.93 -15.70 34.93
C ALA G 137 12.51 -17.04 34.31
N SER G 138 12.40 -17.07 32.99
CA SER G 138 12.08 -18.28 32.24
C SER G 138 13.29 -18.66 31.42
N VAL G 139 13.78 -19.90 31.60
CA VAL G 139 14.88 -20.45 30.83
C VAL G 139 14.30 -21.53 29.91
N VAL G 140 14.60 -21.44 28.62
CA VAL G 140 13.96 -22.28 27.61
C VAL G 140 15.00 -23.20 26.99
N CYS G 141 14.70 -24.49 26.94
CA CYS G 141 15.48 -25.50 26.24
C CYS G 141 14.69 -25.97 25.03
N LEU G 142 15.32 -25.94 23.85
CA LEU G 142 14.66 -26.33 22.62
C LEU G 142 15.31 -27.58 22.07
N LEU G 143 14.49 -28.58 21.77
CA LEU G 143 14.91 -29.78 21.05
C LEU G 143 14.21 -29.75 19.70
N ASN G 144 14.99 -29.65 18.63
CA ASN G 144 14.45 -29.39 17.30
C ASN G 144 14.60 -30.59 16.38
N ASN G 145 13.48 -30.98 15.75
CA ASN G 145 13.45 -31.90 14.61
C ASN G 145 14.00 -33.29 14.96
N PHE G 146 13.33 -33.96 15.89
CA PHE G 146 13.77 -35.28 16.30
C PHE G 146 12.65 -36.31 16.12
N TYR G 147 13.01 -37.59 16.25
CA TYR G 147 12.11 -38.72 16.17
C TYR G 147 12.81 -39.89 16.84
N PRO G 148 12.13 -40.69 17.69
CA PRO G 148 10.70 -40.59 18.00
C PRO G 148 10.38 -39.46 18.98
N ARG G 149 9.11 -39.43 19.37
CA ARG G 149 8.57 -38.34 20.19
C ARG G 149 9.14 -38.36 21.60
N GLU G 150 9.34 -39.53 22.18
CA GLU G 150 9.81 -39.63 23.56
C GLU G 150 11.18 -38.99 23.73
N ALA G 151 11.32 -38.17 24.76
CA ALA G 151 12.58 -37.51 25.06
C ALA G 151 12.61 -37.16 26.54
N LYS G 152 13.81 -37.19 27.14
CA LYS G 152 13.98 -36.79 28.54
C LYS G 152 14.80 -35.50 28.62
N VAL G 153 14.23 -34.49 29.25
CA VAL G 153 14.90 -33.23 29.52
C VAL G 153 14.99 -33.01 31.02
N GLN G 154 16.20 -32.90 31.54
CA GLN G 154 16.42 -32.59 32.95
C GLN G 154 17.12 -31.25 33.07
N TRP G 155 16.66 -30.43 34.01
CA TRP G 155 17.28 -29.14 34.27
C TRP G 155 18.24 -29.25 35.46
N LYS G 156 19.44 -28.72 35.31
CA LYS G 156 20.42 -28.64 36.38
C LYS G 156 20.83 -27.19 36.53
N VAL G 157 20.74 -26.68 37.76
CA VAL G 157 21.18 -25.35 38.11
C VAL G 157 22.29 -25.49 39.15
N ASP G 158 23.47 -24.96 38.83
CA ASP G 158 24.65 -25.21 39.66
C ASP G 158 24.75 -26.69 40.05
N ASN G 159 24.45 -27.57 39.09
CA ASN G 159 24.55 -29.01 39.20
C ASN G 159 23.47 -29.65 40.06
N ALA G 160 22.48 -28.88 40.50
CA ALA G 160 21.38 -29.41 41.31
C ALA G 160 20.21 -29.77 40.41
N LEU G 161 19.82 -31.04 40.41
CA LEU G 161 18.71 -31.47 39.60
C LEU G 161 17.44 -30.72 40.00
N GLN G 162 16.78 -30.12 39.02
CA GLN G 162 15.57 -29.35 39.25
C GLN G 162 14.36 -30.23 39.12
N SER G 163 13.33 -29.94 39.91
CA SER G 163 12.11 -30.73 39.87
C SER G 163 10.92 -29.83 40.20
N GLY G 164 9.87 -29.95 39.40
CA GLY G 164 8.62 -29.30 39.73
C GLY G 164 8.50 -27.85 39.33
N ASN G 165 9.49 -27.30 38.61
CA ASN G 165 9.43 -25.90 38.18
C ASN G 165 9.65 -25.77 36.68
N SER G 166 9.45 -26.85 35.92
CA SER G 166 9.61 -26.82 34.47
C SER G 166 8.40 -27.48 33.81
N GLN G 167 8.19 -27.13 32.55
CA GLN G 167 7.05 -27.61 31.77
C GLN G 167 7.48 -27.87 30.33
N GLU G 168 6.96 -28.93 29.74
CA GLU G 168 7.31 -29.30 28.38
C GLU G 168 6.13 -29.09 27.44
N SER G 169 6.44 -28.80 26.20
CA SER G 169 5.44 -28.76 25.14
C SER G 169 6.05 -29.41 23.91
N VAL G 170 5.24 -30.22 23.23
CA VAL G 170 5.68 -30.96 22.05
C VAL G 170 4.81 -30.55 20.88
N THR G 171 5.44 -30.25 19.74
CA THR G 171 4.65 -29.94 18.56
C THR G 171 3.96 -31.19 18.04
N GLU G 172 2.99 -30.97 17.16
CA GLU G 172 2.49 -32.05 16.34
C GLU G 172 3.59 -32.52 15.40
N GLN G 173 3.40 -33.71 14.85
CA GLN G 173 4.36 -34.21 13.87
C GLN G 173 4.42 -33.26 12.66
N ASP G 174 5.63 -32.98 12.19
CA ASP G 174 5.82 -32.12 11.01
C ASP G 174 5.28 -32.77 9.74
N SER G 175 4.53 -32.01 8.94
CA SER G 175 3.90 -32.55 7.74
C SER G 175 4.87 -32.72 6.57
N LYS G 176 6.13 -32.30 6.71
CA LYS G 176 7.12 -32.48 5.66
C LYS G 176 8.19 -33.50 6.01
N ASP G 177 8.80 -33.42 7.18
CA ASP G 177 9.89 -34.33 7.53
C ASP G 177 9.52 -35.30 8.65
N SER G 178 8.28 -35.23 9.16
CA SER G 178 7.70 -36.18 10.11
C SER G 178 8.41 -36.21 11.47
N THR G 179 9.15 -35.17 11.81
CA THR G 179 9.82 -35.06 13.11
C THR G 179 8.96 -34.28 14.12
N TYR G 180 9.44 -34.27 15.36
CA TYR G 180 8.86 -33.50 16.43
C TYR G 180 9.85 -32.44 16.91
N SER G 181 9.32 -31.45 17.62
CA SER G 181 10.12 -30.52 18.38
C SER G 181 9.54 -30.37 19.77
N LEU G 182 10.39 -30.04 20.73
CA LEU G 182 9.99 -30.00 22.13
C LEU G 182 10.63 -28.79 22.80
N SER G 183 9.87 -28.11 23.65
CA SER G 183 10.40 -27.04 24.48
C SER G 183 10.27 -27.40 25.95
N SER G 184 11.30 -27.09 26.74
CA SER G 184 11.23 -27.23 28.18
C SER G 184 11.53 -25.88 28.79
N THR G 185 10.60 -25.36 29.59
CA THR G 185 10.70 -24.01 30.15
C THR G 185 10.85 -24.11 31.66
N LEU G 186 12.00 -23.69 32.16
CA LEU G 186 12.28 -23.57 33.59
C LEU G 186 11.92 -22.16 34.04
N THR G 187 10.98 -22.05 34.99
CA THR G 187 10.55 -20.76 35.50
C THR G 187 10.90 -20.63 36.97
N LEU G 188 11.67 -19.61 37.31
CA LEU G 188 12.02 -19.30 38.70
C LEU G 188 11.91 -17.80 38.88
N SER G 189 11.70 -17.38 40.12
CA SER G 189 11.70 -15.95 40.39
C SER G 189 13.04 -15.35 40.02
N LYS G 190 13.01 -14.04 39.71
CA LYS G 190 14.27 -13.37 39.40
C LYS G 190 15.24 -13.47 40.57
N ALA G 191 14.72 -13.46 41.80
CA ALA G 191 15.59 -13.55 42.96
C ALA G 191 16.34 -14.87 42.97
N ASP G 192 15.63 -15.97 42.77
CA ASP G 192 16.26 -17.29 42.74
C ASP G 192 17.22 -17.41 41.56
N TYR G 193 16.86 -16.84 40.40
CA TYR G 193 17.71 -16.91 39.22
C TYR G 193 19.07 -16.27 39.46
N GLU G 194 19.09 -15.11 40.12
CA GLU G 194 20.33 -14.40 40.36
C GLU G 194 21.22 -15.08 41.39
N LYS G 195 20.67 -16.00 42.18
CA LYS G 195 21.42 -16.74 43.18
C LYS G 195 22.30 -17.85 42.58
N HIS G 196 22.29 -18.05 41.27
CA HIS G 196 23.04 -19.15 40.67
C HIS G 196 23.76 -18.69 39.42
N LYS G 197 24.73 -19.50 38.99
CA LYS G 197 25.62 -19.17 37.89
C LYS G 197 25.32 -19.96 36.62
N VAL G 198 25.41 -21.30 36.69
CA VAL G 198 25.35 -22.15 35.49
C VAL G 198 23.95 -22.75 35.34
N TYR G 199 23.34 -22.54 34.17
CA TYR G 199 22.05 -23.14 33.84
C TYR G 199 22.21 -24.07 32.66
N ALA G 200 21.74 -25.31 32.83
CA ALA G 200 21.95 -26.34 31.81
C ALA G 200 20.72 -27.23 31.73
N CYS G 201 20.38 -27.64 30.51
CA CYS G 201 19.45 -28.73 30.28
C CYS G 201 20.18 -29.93 29.68
N GLU G 202 19.87 -31.12 30.19
CA GLU G 202 20.48 -32.35 29.74
C GLU G 202 19.41 -33.19 29.04
N VAL G 203 19.71 -33.63 27.81
CA VAL G 203 18.74 -34.28 26.94
C VAL G 203 19.18 -35.72 26.70
N THR G 204 18.25 -36.64 26.95
CA THR G 204 18.43 -38.04 26.64
C THR G 204 17.43 -38.41 25.54
N HIS G 205 17.90 -39.08 24.49
CA HIS G 205 17.00 -39.39 23.39
C HIS G 205 17.54 -40.59 22.61
N GLN G 206 16.62 -41.35 22.01
CA GLN G 206 17.03 -42.54 21.25
C GLN G 206 18.08 -42.23 20.21
N GLY G 207 18.02 -41.04 19.59
CA GLY G 207 18.99 -40.72 18.56
C GLY G 207 20.35 -40.24 19.04
N LEU G 208 20.53 -40.01 20.34
CA LEU G 208 21.77 -39.47 20.89
C LEU G 208 22.58 -40.62 21.48
N SER G 209 23.84 -40.74 21.08
CA SER G 209 24.67 -41.80 21.61
C SER G 209 24.75 -41.74 23.13
N SER G 210 24.71 -40.54 23.70
CA SER G 210 24.65 -40.36 25.15
C SER G 210 24.11 -38.97 25.43
N PRO G 211 23.66 -38.71 26.65
CA PRO G 211 22.93 -37.45 26.90
C PRO G 211 23.77 -36.23 26.53
N VAL G 212 23.10 -35.23 25.96
CA VAL G 212 23.71 -33.98 25.55
C VAL G 212 23.31 -32.91 26.55
N THR G 213 24.26 -32.06 26.92
CA THR G 213 24.02 -30.97 27.86
C THR G 213 24.32 -29.65 27.17
N LYS G 214 23.40 -28.69 27.29
CA LYS G 214 23.59 -27.31 26.89
C LYS G 214 23.49 -26.43 28.12
N SER G 215 24.41 -25.49 28.26
CA SER G 215 24.50 -24.66 29.45
C SER G 215 24.96 -23.26 29.09
N PHE G 216 24.70 -22.32 30.00
CA PHE G 216 25.24 -20.97 29.89
C PHE G 216 25.56 -20.46 31.30
N ASN G 217 26.45 -19.46 31.36
CA ASN G 217 26.75 -18.78 32.62
C ASN G 217 25.98 -17.47 32.64
N ARG G 218 25.20 -17.25 33.70
CA ARG G 218 24.41 -16.03 33.81
C ARG G 218 25.23 -14.73 33.71
N ASP H 2 -30.86 -20.96 -8.37
CA ASP H 2 -30.92 -22.33 -7.85
C ASP H 2 -31.07 -22.44 -6.35
N ARG H 3 -31.58 -23.60 -5.94
CA ARG H 3 -31.84 -23.93 -4.55
C ARG H 3 -30.83 -24.97 -4.07
N ALA H 4 -30.60 -24.95 -2.76
CA ALA H 4 -29.68 -25.88 -2.13
C ALA H 4 -30.26 -27.30 -2.15
N ASP H 5 -29.38 -28.29 -2.27
CA ASP H 5 -29.71 -29.69 -2.01
C ASP H 5 -28.60 -30.25 -1.13
N GLY H 6 -28.79 -31.46 -0.61
CA GLY H 6 -27.80 -31.97 0.31
C GLY H 6 -28.06 -33.42 0.63
N GLN H 7 -27.13 -34.00 1.39
CA GLN H 7 -27.28 -35.39 1.78
C GLN H 7 -28.50 -35.51 2.70
N PRO H 8 -29.20 -36.64 2.63
CA PRO H 8 -30.50 -36.77 3.30
C PRO H 8 -30.46 -36.63 4.81
N ALA H 9 -29.32 -36.90 5.45
CA ALA H 9 -29.22 -36.84 6.91
C ALA H 9 -29.35 -35.43 7.47
N GLY H 10 -29.36 -34.42 6.61
CA GLY H 10 -29.55 -33.08 7.13
C GLY H 10 -30.99 -32.70 7.40
N ASP H 11 -31.94 -33.60 7.15
CA ASP H 11 -33.37 -33.28 7.34
C ASP H 11 -34.13 -34.50 7.86
N ARG H 12 -34.93 -34.29 8.90
CA ARG H 12 -35.71 -35.38 9.51
C ARG H 12 -36.64 -36.08 8.52
N ALA H 13 -37.11 -35.38 7.48
CA ALA H 13 -37.95 -36.06 6.52
C ALA H 13 -37.11 -36.82 5.50
N ASP H 14 -35.95 -36.28 5.11
CA ASP H 14 -35.11 -36.94 4.12
C ASP H 14 -34.49 -38.22 4.66
N GLY H 15 -34.17 -38.27 5.95
CA GLY H 15 -33.60 -39.45 6.57
C GLY H 15 -34.40 -40.73 6.39
N GLN I 3 -13.68 -19.22 1.03
CA GLN I 3 -15.08 -18.76 0.86
C GLN I 3 -15.90 -18.50 2.16
N LEU I 4 -15.45 -19.02 3.31
CA LEU I 4 -16.18 -18.90 4.57
C LEU I 4 -15.27 -18.29 5.62
N GLN I 5 -15.66 -17.17 6.17
CA GLN I 5 -14.85 -16.45 7.14
C GLN I 5 -15.64 -16.38 8.45
N GLN I 6 -15.14 -17.08 9.46
CA GLN I 6 -15.81 -17.12 10.75
C GLN I 6 -15.31 -15.97 11.63
N SER I 7 -16.14 -15.58 12.59
CA SER I 7 -15.77 -14.54 13.55
C SER I 7 -14.72 -15.05 14.56
N GLY I 8 -14.22 -14.13 15.40
CA GLY I 8 -13.09 -14.41 16.28
C GLY I 8 -13.47 -15.17 17.55
N PRO I 9 -12.44 -15.55 18.31
CA PRO I 9 -12.66 -16.34 19.54
C PRO I 9 -13.47 -15.59 20.59
N GLU I 10 -14.21 -16.36 21.39
CA GLU I 10 -15.14 -15.79 22.36
C GLU I 10 -14.86 -16.33 23.76
N LEU I 11 -14.85 -15.43 24.74
CA LEU I 11 -14.82 -15.80 26.14
C LEU I 11 -16.22 -15.50 26.69
N VAL I 12 -16.93 -16.52 27.16
CA VAL I 12 -18.34 -16.40 27.49
C VAL I 12 -18.52 -16.84 28.94
N LYS I 13 -19.29 -16.05 29.72
CA LYS I 13 -19.55 -16.46 31.09
C LYS I 13 -20.63 -17.52 31.15
N PRO I 14 -20.56 -18.43 32.13
CA PRO I 14 -21.61 -19.44 32.27
C PRO I 14 -22.98 -18.80 32.39
N GLY I 15 -23.95 -19.39 31.70
CA GLY I 15 -25.29 -18.87 31.65
C GLY I 15 -25.53 -17.80 30.61
N ALA I 16 -24.47 -17.18 30.09
CA ALA I 16 -24.65 -16.18 29.04
C ALA I 16 -24.85 -16.88 27.70
N SER I 17 -25.17 -16.07 26.68
CA SER I 17 -25.31 -16.57 25.32
C SER I 17 -24.31 -15.86 24.42
N VAL I 18 -24.11 -16.43 23.24
CA VAL I 18 -23.13 -15.87 22.31
C VAL I 18 -23.62 -16.12 20.89
N LYS I 19 -23.35 -15.17 20.00
CA LYS I 19 -23.70 -15.32 18.59
C LYS I 19 -22.42 -15.25 17.78
N ILE I 20 -22.12 -16.32 17.06
CA ILE I 20 -20.93 -16.34 16.23
C ILE I 20 -21.39 -16.34 14.77
N SER I 21 -20.50 -15.93 13.88
CA SER I 21 -20.93 -15.63 12.52
C SER I 21 -19.99 -16.28 11.51
N CYS I 22 -20.49 -16.36 10.28
CA CYS I 22 -19.76 -16.99 9.19
C CYS I 22 -20.09 -16.22 7.92
N LYS I 23 -19.13 -15.46 7.41
CA LYS I 23 -19.32 -14.62 6.23
C LYS I 23 -18.97 -15.42 4.99
N ALA I 24 -19.91 -15.53 4.06
CA ALA I 24 -19.70 -16.26 2.82
C ALA I 24 -19.34 -15.32 1.69
N SER I 25 -18.45 -15.76 0.80
CA SER I 25 -18.03 -14.95 -0.35
C SER I 25 -17.63 -15.87 -1.49
N GLY I 26 -17.70 -15.34 -2.72
CA GLY I 26 -17.20 -16.09 -3.85
C GLY I 26 -18.10 -17.18 -4.36
N TYR I 27 -19.35 -17.25 -3.88
CA TYR I 27 -20.35 -18.14 -4.42
C TYR I 27 -21.70 -17.52 -4.15
N SER I 28 -22.74 -18.13 -4.74
CA SER I 28 -24.10 -17.63 -4.63
C SER I 28 -24.66 -18.08 -3.28
N PHE I 29 -24.69 -17.13 -2.33
CA PHE I 29 -24.98 -17.43 -0.92
C PHE I 29 -26.23 -18.28 -0.75
N THR I 30 -27.30 -17.97 -1.48
CA THR I 30 -28.57 -18.63 -1.25
C THR I 30 -28.71 -19.95 -2.01
N GLY I 31 -27.67 -20.40 -2.72
CA GLY I 31 -27.70 -21.66 -3.44
C GLY I 31 -27.20 -22.87 -2.69
N TYR I 32 -26.81 -22.72 -1.41
CA TYR I 32 -26.14 -23.79 -0.68
C TYR I 32 -26.56 -23.80 0.78
N TYR I 33 -26.73 -25.00 1.31
CA TYR I 33 -26.89 -25.17 2.75
C TYR I 33 -25.63 -24.72 3.47
N MET I 34 -25.81 -24.03 4.59
CA MET I 34 -24.74 -23.77 5.54
C MET I 34 -24.98 -24.64 6.78
N HIS I 35 -23.99 -25.45 7.14
CA HIS I 35 -24.05 -26.34 8.29
C HIS I 35 -23.07 -25.88 9.36
N TRP I 36 -23.33 -26.30 10.60
CA TRP I 36 -22.43 -25.99 11.70
C TRP I 36 -22.04 -27.28 12.41
N VAL I 37 -20.75 -27.39 12.77
CA VAL I 37 -20.18 -28.61 13.32
C VAL I 37 -19.42 -28.26 14.59
N LYS I 38 -19.63 -29.05 15.64
CA LYS I 38 -18.99 -28.85 16.92
C LYS I 38 -17.84 -29.83 17.10
N GLN I 39 -16.68 -29.33 17.48
CA GLN I 39 -15.53 -30.16 17.84
C GLN I 39 -15.17 -29.84 19.29
N SER I 40 -15.50 -30.75 20.21
CA SER I 40 -15.29 -30.50 21.62
C SER I 40 -13.96 -31.06 22.12
N HIS I 41 -13.57 -32.24 21.65
CA HIS I 41 -12.25 -32.77 21.97
C HIS I 41 -11.59 -33.27 20.69
N VAL I 42 -10.32 -33.65 20.85
CA VAL I 42 -9.57 -34.19 19.72
C VAL I 42 -10.26 -35.47 19.28
N LYS I 43 -10.56 -35.56 17.99
CA LYS I 43 -11.24 -36.74 17.42
C LYS I 43 -12.73 -36.79 17.78
N SER I 44 -13.39 -35.64 17.81
CA SER I 44 -14.82 -35.62 18.15
C SER I 44 -15.50 -34.55 17.32
N LEU I 45 -16.40 -34.96 16.43
CA LEU I 45 -17.15 -34.05 15.59
C LEU I 45 -18.63 -34.36 15.72
N GLU I 46 -19.45 -33.34 15.95
CA GLU I 46 -20.90 -33.49 16.06
C GLU I 46 -21.59 -32.49 15.12
N TRP I 47 -22.55 -32.97 14.34
CA TRP I 47 -23.33 -32.09 13.46
C TRP I 47 -24.42 -31.39 14.27
N ILE I 48 -24.46 -30.07 14.17
CA ILE I 48 -25.41 -29.28 14.96
C ILE I 48 -26.71 -29.06 14.20
N GLY I 49 -26.61 -28.68 12.93
CA GLY I 49 -27.77 -28.33 12.15
C GLY I 49 -27.36 -27.63 10.85
N ARG I 50 -28.37 -27.31 10.05
CA ARG I 50 -28.11 -26.62 8.79
C ARG I 50 -29.19 -25.58 8.58
N ILE I 51 -28.88 -24.60 7.75
CA ILE I 51 -29.84 -23.57 7.39
C ILE I 51 -29.82 -23.38 5.89
N ASP I 52 -30.99 -23.18 5.30
CA ASP I 52 -31.10 -22.81 3.89
C ASP I 52 -31.13 -21.28 3.81
N PRO I 53 -30.05 -20.62 3.38
CA PRO I 53 -30.07 -19.15 3.38
C PRO I 53 -31.13 -18.58 2.46
N TYR I 54 -31.66 -19.36 1.52
CA TYR I 54 -32.64 -18.84 0.57
C TYR I 54 -33.93 -18.44 1.29
N ASP I 55 -34.44 -19.30 2.17
CA ASP I 55 -35.68 -19.02 2.86
C ASP I 55 -35.55 -19.04 4.38
N GLY I 56 -34.35 -19.24 4.92
CA GLY I 56 -34.19 -19.25 6.36
C GLY I 56 -34.63 -20.53 7.03
N ALA I 57 -34.98 -21.57 6.26
CA ALA I 57 -35.39 -22.86 6.82
C ALA I 57 -34.21 -23.56 7.51
N THR I 58 -34.47 -24.12 8.68
CA THR I 58 -33.44 -24.74 9.50
C THR I 58 -33.80 -26.17 9.82
N SER I 59 -32.78 -26.95 10.15
CA SER I 59 -32.92 -28.33 10.56
C SER I 59 -31.82 -28.61 11.58
N TYR I 60 -32.21 -29.06 12.78
CA TYR I 60 -31.29 -29.23 13.91
C TYR I 60 -31.21 -30.69 14.30
N ASN I 61 -29.99 -31.13 14.62
CA ASN I 61 -29.76 -32.27 15.48
C ASN I 61 -30.57 -32.11 16.77
N GLN I 62 -31.29 -33.16 17.17
CA GLN I 62 -32.14 -33.07 18.36
C GLN I 62 -31.37 -32.69 19.61
N ASN I 63 -30.09 -33.08 19.69
CA ASN I 63 -29.26 -32.74 20.85
C ASN I 63 -28.98 -31.24 20.96
N PHE I 64 -29.24 -30.47 19.91
CA PHE I 64 -28.92 -29.04 19.90
C PHE I 64 -30.15 -28.20 19.67
N LYS I 65 -31.34 -28.80 19.65
CA LYS I 65 -32.55 -28.06 19.25
C LYS I 65 -32.84 -26.90 20.18
N ASP I 66 -32.44 -26.98 21.44
CA ASP I 66 -32.56 -25.87 22.38
C ASP I 66 -31.25 -25.10 22.56
N LYS I 67 -30.11 -25.72 22.29
CA LYS I 67 -28.82 -25.09 22.52
C LYS I 67 -28.44 -24.08 21.43
N ALA I 68 -28.80 -24.34 20.16
CA ALA I 68 -28.34 -23.56 19.02
C ALA I 68 -29.50 -22.97 18.23
N SER I 69 -29.30 -21.76 17.69
CA SER I 69 -30.26 -21.12 16.78
C SER I 69 -29.52 -20.61 15.56
N LEU I 70 -29.95 -21.04 14.38
CA LEU I 70 -29.32 -20.62 13.12
C LEU I 70 -30.16 -19.54 12.41
N THR I 71 -29.50 -18.48 11.98
CA THR I 71 -30.13 -17.45 11.18
C THR I 71 -29.17 -17.06 10.06
N VAL I 72 -29.66 -16.29 9.09
CA VAL I 72 -28.79 -15.66 8.11
C VAL I 72 -29.20 -14.21 7.94
N ASP I 73 -28.25 -13.42 7.43
CA ASP I 73 -28.49 -12.05 6.98
C ASP I 73 -28.11 -12.03 5.50
N LYS I 74 -29.10 -11.92 4.61
CA LYS I 74 -28.83 -12.03 3.18
C LYS I 74 -28.00 -10.88 2.64
N SER I 75 -28.16 -9.67 3.18
CA SER I 75 -27.47 -8.51 2.62
C SER I 75 -25.95 -8.66 2.76
N SER I 76 -25.50 -9.17 3.89
CA SER I 76 -24.09 -9.37 4.17
C SER I 76 -23.64 -10.81 3.92
N THR I 77 -24.45 -11.61 3.25
CA THR I 77 -24.18 -13.03 2.99
C THR I 77 -23.46 -13.66 4.18
N THR I 78 -24.11 -13.60 5.33
CA THR I 78 -23.51 -14.09 6.57
C THR I 78 -24.49 -15.01 7.28
N GLY I 79 -23.98 -16.13 7.76
CA GLY I 79 -24.73 -17.01 8.63
C GLY I 79 -24.31 -16.78 10.07
N PHE I 80 -25.23 -17.03 10.99
CA PHE I 80 -24.98 -16.85 12.41
C PHE I 80 -25.45 -18.08 13.16
N MET I 81 -24.72 -18.43 14.23
CA MET I 81 -25.20 -19.41 15.20
C MET I 81 -25.16 -18.80 16.59
N GLU I 82 -26.29 -18.81 17.28
CA GLU I 82 -26.37 -18.37 18.66
C GLU I 82 -26.46 -19.59 19.60
N LEU I 83 -25.58 -19.63 20.58
CA LEU I 83 -25.60 -20.66 21.63
C LEU I 83 -26.16 -20.04 22.89
N HIS I 84 -27.13 -20.73 23.50
CA HIS I 84 -27.86 -20.21 24.65
C HIS I 84 -27.45 -20.92 25.94
N SER I 85 -27.47 -20.17 27.04
CA SER I 85 -27.30 -20.69 28.39
C SER I 85 -26.07 -21.61 28.48
N LEU I 86 -24.92 -21.01 28.26
CA LEU I 86 -23.71 -21.79 28.05
C LEU I 86 -23.23 -22.43 29.34
N THR I 87 -22.75 -23.67 29.24
CA THR I 87 -22.07 -24.41 30.29
C THR I 87 -20.66 -24.77 29.80
N SER I 88 -19.90 -25.43 30.68
CA SER I 88 -18.55 -25.84 30.31
C SER I 88 -18.57 -26.87 29.19
N GLU I 89 -19.65 -27.64 29.07
CA GLU I 89 -19.76 -28.58 27.95
C GLU I 89 -19.85 -27.86 26.61
N ASP I 90 -20.06 -26.54 26.61
CA ASP I 90 -20.14 -25.78 25.37
C ASP I 90 -18.80 -25.21 24.93
N SER I 91 -17.78 -25.27 25.76
CA SER I 91 -16.44 -24.89 25.30
C SER I 91 -16.00 -25.83 24.19
N ALA I 92 -15.63 -25.26 23.04
CA ALA I 92 -15.32 -26.09 21.87
C ALA I 92 -14.92 -25.18 20.72
N VAL I 93 -14.44 -25.81 19.65
CA VAL I 93 -14.27 -25.17 18.37
C VAL I 93 -15.51 -25.45 17.53
N TYR I 94 -16.08 -24.40 16.97
CA TYR I 94 -17.28 -24.50 16.15
C TYR I 94 -16.95 -24.13 14.70
N TYR I 95 -17.32 -25.00 13.77
CA TYR I 95 -17.07 -24.81 12.35
C TYR I 95 -18.38 -24.58 11.61
N CYS I 96 -18.35 -23.72 10.58
CA CYS I 96 -19.40 -23.64 9.57
C CYS I 96 -18.88 -24.33 8.31
N ALA I 97 -19.79 -24.94 7.56
CA ALA I 97 -19.41 -25.65 6.36
C ALA I 97 -20.46 -25.42 5.30
N ARG I 98 -20.02 -25.39 4.05
CA ARG I 98 -20.94 -25.29 2.92
C ARG I 98 -21.15 -26.69 2.36
N GLU I 99 -22.40 -27.06 2.11
CA GLU I 99 -22.68 -28.26 1.32
C GLU I 99 -22.74 -27.84 -0.15
N GLY I 100 -21.61 -27.99 -0.85
CA GLY I 100 -21.52 -27.70 -2.26
C GLY I 100 -21.82 -28.89 -3.14
N HIS I 101 -21.67 -28.68 -4.45
CA HIS I 101 -22.05 -29.67 -5.47
C HIS I 101 -20.97 -29.84 -6.50
N TRP I 102 -20.68 -31.11 -6.84
CA TRP I 102 -19.75 -31.43 -7.91
C TRP I 102 -20.36 -32.53 -8.77
N ASP I 103 -20.62 -32.24 -10.02
CA ASP I 103 -20.99 -33.28 -10.98
C ASP I 103 -22.23 -34.06 -10.53
N GLY I 104 -23.23 -33.35 -10.01
CA GLY I 104 -24.48 -33.96 -9.63
C GLY I 104 -24.57 -34.45 -8.19
N ASP I 105 -23.49 -34.39 -7.42
CA ASP I 105 -23.50 -34.88 -6.03
C ASP I 105 -23.19 -33.72 -5.07
N TRP I 106 -23.65 -33.85 -3.83
CA TRP I 106 -23.50 -32.83 -2.81
C TRP I 106 -22.67 -33.38 -1.65
N TYR I 107 -21.79 -32.54 -1.11
CA TYR I 107 -21.00 -32.87 0.07
C TYR I 107 -20.39 -31.58 0.64
N PHE I 108 -19.83 -31.67 1.86
CA PHE I 108 -19.19 -30.53 2.54
C PHE I 108 -17.88 -30.22 1.83
N ASP I 109 -17.87 -29.17 1.01
CA ASP I 109 -16.69 -28.89 0.21
C ASP I 109 -15.94 -27.63 0.62
N VAL I 110 -16.46 -26.86 1.58
CA VAL I 110 -15.79 -25.67 2.08
C VAL I 110 -16.08 -25.53 3.57
N TRP I 111 -15.05 -25.24 4.36
CA TRP I 111 -15.20 -25.07 5.79
C TRP I 111 -14.60 -23.73 6.21
N GLY I 112 -15.22 -23.11 7.21
CA GLY I 112 -14.55 -22.04 7.91
C GLY I 112 -13.39 -22.59 8.73
N ALA I 113 -12.54 -21.67 9.22
CA ALA I 113 -11.35 -22.08 9.97
C ALA I 113 -11.66 -22.39 11.43
N GLY I 114 -12.91 -22.25 11.88
CA GLY I 114 -13.23 -22.58 13.26
C GLY I 114 -13.29 -21.34 14.15
N THR I 115 -14.20 -21.35 15.11
CA THR I 115 -14.28 -20.30 16.12
C THR I 115 -14.12 -20.98 17.47
N THR I 116 -13.17 -20.51 18.28
CA THR I 116 -12.95 -21.08 19.60
C THR I 116 -13.81 -20.37 20.63
N VAL I 117 -14.69 -21.13 21.28
CA VAL I 117 -15.56 -20.59 22.32
C VAL I 117 -15.11 -21.17 23.66
N THR I 118 -14.81 -20.28 24.61
CA THR I 118 -14.42 -20.68 25.97
C THR I 118 -15.45 -20.18 26.96
N VAL I 119 -16.14 -21.09 27.62
CA VAL I 119 -17.10 -20.73 28.67
C VAL I 119 -16.34 -20.70 29.99
N SER I 120 -16.33 -19.55 30.65
CA SER I 120 -15.50 -19.37 31.84
C SER I 120 -15.95 -18.15 32.62
N SER I 121 -15.82 -18.25 33.95
CA SER I 121 -16.04 -17.10 34.81
C SER I 121 -14.85 -16.16 34.88
N ALA I 122 -13.66 -16.61 34.47
CA ALA I 122 -12.47 -15.80 34.66
C ALA I 122 -12.37 -14.73 33.57
N SER I 123 -11.69 -13.65 33.89
CA SER I 123 -11.55 -12.58 32.91
C SER I 123 -10.36 -12.83 31.98
N THR I 124 -10.38 -12.13 30.85
CA THR I 124 -9.34 -12.28 29.85
C THR I 124 -8.02 -11.68 30.34
N LYS I 125 -6.92 -12.26 29.87
CA LYS I 125 -5.60 -11.71 30.15
C LYS I 125 -4.75 -11.86 28.91
N GLY I 126 -4.16 -10.74 28.45
CA GLY I 126 -3.29 -10.77 27.30
C GLY I 126 -1.88 -11.20 27.66
N PRO I 127 -1.15 -11.77 26.70
CA PRO I 127 0.18 -12.30 27.00
C PRO I 127 1.25 -11.22 27.03
N SER I 128 2.31 -11.52 27.78
CA SER I 128 3.59 -10.85 27.63
C SER I 128 4.42 -11.62 26.61
N VAL I 129 5.19 -10.89 25.82
CA VAL I 129 5.94 -11.44 24.71
C VAL I 129 7.41 -11.12 24.92
N PHE I 130 8.22 -12.15 25.11
CA PHE I 130 9.62 -11.95 25.40
C PHE I 130 10.48 -12.58 24.32
N PRO I 131 11.62 -11.98 23.99
CA PRO I 131 12.50 -12.57 22.96
C PRO I 131 13.24 -13.79 23.47
N LEU I 132 13.39 -14.77 22.58
CA LEU I 132 14.29 -15.92 22.75
C LEU I 132 15.45 -15.66 21.81
N ALA I 133 16.57 -15.13 22.36
CA ALA I 133 17.59 -14.51 21.54
C ALA I 133 18.62 -15.54 21.12
N PRO I 134 18.99 -15.57 19.84
CA PRO I 134 20.06 -16.46 19.41
C PRO I 134 21.40 -15.98 19.93
N SER I 135 22.26 -16.93 20.28
CA SER I 135 23.62 -16.61 20.71
C SER I 135 24.58 -17.55 19.99
N SER I 136 25.71 -17.87 20.63
CA SER I 136 26.50 -19.02 20.22
C SER I 136 25.98 -20.31 20.85
N LYS I 137 25.07 -20.22 21.82
CA LYS I 137 24.42 -21.37 22.45
C LYS I 137 23.11 -21.74 21.76
N SER I 138 22.73 -21.02 20.71
CA SER I 138 21.59 -21.35 19.85
C SER I 138 22.04 -21.57 18.41
N THR I 139 23.27 -22.04 18.23
CA THR I 139 23.85 -22.28 16.91
C THR I 139 24.26 -23.75 16.79
N SER I 140 24.26 -24.24 15.55
CA SER I 140 24.67 -25.62 15.26
C SER I 140 25.08 -25.67 13.80
N GLY I 141 26.38 -25.82 13.55
CA GLY I 141 26.90 -25.92 12.19
C GLY I 141 26.32 -24.91 11.22
N GLY I 142 26.32 -23.63 11.61
CA GLY I 142 25.81 -22.58 10.76
C GLY I 142 24.34 -22.28 10.90
N THR I 143 23.59 -23.12 11.61
CA THR I 143 22.16 -22.92 11.82
C THR I 143 21.93 -22.33 13.21
N ALA I 144 21.09 -21.30 13.29
CA ALA I 144 20.73 -20.68 14.55
C ALA I 144 19.24 -20.86 14.83
N ALA I 145 18.89 -20.80 16.10
CA ALA I 145 17.51 -20.88 16.52
C ALA I 145 17.16 -19.64 17.33
N LEU I 146 15.97 -19.09 17.08
CA LEU I 146 15.48 -17.94 17.83
C LEU I 146 13.96 -18.06 17.93
N GLY I 147 13.37 -17.22 18.78
CA GLY I 147 11.95 -17.38 19.00
C GLY I 147 11.37 -16.30 19.87
N CYS I 148 10.11 -16.54 20.26
CA CYS I 148 9.34 -15.65 21.11
C CYS I 148 8.66 -16.50 22.16
N LEU I 149 8.71 -16.04 23.40
CA LEU I 149 7.96 -16.65 24.49
C LEU I 149 6.72 -15.79 24.73
N VAL I 150 5.55 -16.42 24.61
CA VAL I 150 4.26 -15.76 24.74
C VAL I 150 3.65 -16.27 26.04
N LYS I 151 3.68 -15.47 27.10
CA LYS I 151 3.49 -15.99 28.45
C LYS I 151 2.29 -15.37 29.15
N ASP I 152 1.46 -16.24 29.78
CA ASP I 152 0.42 -15.84 30.72
C ASP I 152 -0.80 -15.18 30.07
N TYR I 153 -1.54 -15.92 29.24
CA TYR I 153 -2.75 -15.41 28.64
C TYR I 153 -3.92 -16.34 28.89
N PHE I 154 -5.12 -15.79 28.75
CA PHE I 154 -6.37 -16.53 28.85
C PHE I 154 -7.45 -15.75 28.14
N PRO I 155 -8.33 -16.41 27.37
CA PRO I 155 -8.30 -17.83 27.03
C PRO I 155 -7.46 -18.14 25.77
N GLU I 156 -7.59 -19.36 25.26
CA GLU I 156 -7.10 -19.68 23.93
C GLU I 156 -7.99 -19.04 22.88
N PRO I 157 -7.48 -18.84 21.65
CA PRO I 157 -6.12 -19.12 21.20
C PRO I 157 -5.23 -17.88 21.10
N VAL I 158 -3.95 -18.11 20.85
CA VAL I 158 -3.02 -17.09 20.38
C VAL I 158 -2.59 -17.50 18.99
N THR I 159 -2.41 -16.53 18.09
CA THR I 159 -1.76 -16.79 16.81
C THR I 159 -0.42 -16.08 16.72
N VAL I 160 0.56 -16.75 16.11
CA VAL I 160 1.91 -16.25 15.94
C VAL I 160 2.31 -16.39 14.49
N SER I 161 2.90 -15.35 13.93
CA SER I 161 3.53 -15.42 12.63
C SER I 161 4.92 -14.82 12.73
N TRP I 162 5.74 -15.03 11.71
CA TRP I 162 7.07 -14.43 11.66
C TRP I 162 7.16 -13.54 10.44
N ASN I 163 7.66 -12.32 10.65
CA ASN I 163 7.82 -11.32 9.59
C ASN I 163 6.53 -11.21 8.77
N SER I 164 5.40 -11.16 9.48
CA SER I 164 4.10 -10.90 8.87
C SER I 164 3.70 -11.96 7.84
N GLY I 165 4.14 -13.20 8.03
CA GLY I 165 3.74 -14.30 7.17
C GLY I 165 4.73 -14.64 6.08
N ALA I 166 5.76 -13.83 5.88
CA ALA I 166 6.76 -14.11 4.86
C ALA I 166 7.73 -15.21 5.28
N LEU I 167 7.90 -15.46 6.58
CA LEU I 167 8.81 -16.49 7.09
C LEU I 167 8.02 -17.65 7.69
N THR I 168 8.08 -18.81 7.04
CA THR I 168 7.36 -20.00 7.49
C THR I 168 8.30 -21.22 7.58
N SER I 169 9.36 -21.23 6.77
CA SER I 169 10.25 -22.38 6.74
C SER I 169 11.03 -22.49 8.05
N GLY I 170 10.97 -23.66 8.68
CA GLY I 170 11.66 -23.83 9.95
C GLY I 170 10.96 -23.24 11.16
N VAL I 171 9.71 -22.80 11.03
CA VAL I 171 8.97 -22.25 12.16
C VAL I 171 8.25 -23.37 12.90
N HIS I 172 8.34 -23.38 14.21
CA HIS I 172 7.52 -24.26 15.05
C HIS I 172 6.87 -23.41 16.12
N THR I 173 5.54 -23.34 16.09
CA THR I 173 4.77 -22.72 17.17
C THR I 173 4.17 -23.83 18.01
N PHE I 174 4.60 -23.92 19.26
CA PHE I 174 4.23 -25.01 20.14
C PHE I 174 2.78 -24.86 20.64
N PRO I 175 2.11 -25.98 20.90
CA PRO I 175 0.81 -25.92 21.55
C PRO I 175 0.93 -25.22 22.90
N ALA I 176 -0.09 -24.44 23.25
CA ALA I 176 -0.14 -23.84 24.56
C ALA I 176 -0.12 -24.92 25.64
N VAL I 177 0.58 -24.64 26.73
CA VAL I 177 0.50 -25.44 27.96
C VAL I 177 -0.12 -24.59 29.05
N LEU I 178 -0.78 -25.26 30.00
CA LEU I 178 -1.31 -24.61 31.19
C LEU I 178 -0.24 -24.52 32.25
N GLN I 179 -0.09 -23.34 32.83
CA GLN I 179 0.80 -23.18 33.95
C GLN I 179 0.03 -23.34 35.26
N SER I 180 0.77 -23.50 36.37
CA SER I 180 0.13 -23.65 37.68
C SER I 180 -0.72 -22.45 38.05
N SER I 181 -0.49 -21.30 37.40
CA SER I 181 -1.32 -20.13 37.59
C SER I 181 -2.68 -20.24 36.91
N GLY I 182 -2.90 -21.27 36.09
CA GLY I 182 -4.13 -21.37 35.33
C GLY I 182 -4.15 -20.61 34.02
N LEU I 183 -3.03 -20.03 33.63
CA LEU I 183 -2.90 -19.27 32.40
C LEU I 183 -2.04 -20.06 31.42
N TYR I 184 -2.28 -19.82 30.13
CA TYR I 184 -1.54 -20.52 29.09
C TYR I 184 -0.24 -19.80 28.81
N SER I 185 0.75 -20.57 28.39
CA SER I 185 1.96 -20.02 27.83
C SER I 185 2.37 -20.87 26.63
N LEU I 186 2.93 -20.23 25.62
CA LEU I 186 3.48 -20.94 24.48
C LEU I 186 4.73 -20.23 24.02
N SER I 187 5.48 -20.92 23.17
CA SER I 187 6.58 -20.28 22.47
C SER I 187 6.50 -20.63 21.00
N SER I 188 7.08 -19.76 20.21
CA SER I 188 7.25 -19.96 18.78
C SER I 188 8.74 -19.80 18.49
N VAL I 189 9.31 -20.75 17.76
CA VAL I 189 10.73 -20.74 17.44
C VAL I 189 10.90 -20.89 15.95
N VAL I 190 12.07 -20.48 15.45
CA VAL I 190 12.42 -20.69 14.06
C VAL I 190 13.93 -20.88 14.02
N THR I 191 14.38 -21.74 13.11
CA THR I 191 15.79 -21.92 12.85
C THR I 191 16.16 -21.27 11.51
N VAL I 192 17.27 -20.56 11.49
CA VAL I 192 17.70 -19.82 10.29
C VAL I 192 19.21 -19.95 10.14
N PRO I 193 19.77 -19.57 9.00
CA PRO I 193 21.24 -19.50 8.90
C PRO I 193 21.81 -18.50 9.89
N SER I 194 22.89 -18.91 10.57
CA SER I 194 23.59 -17.99 11.47
C SER I 194 24.09 -16.76 10.70
N SER I 195 24.46 -16.94 9.44
CA SER I 195 24.94 -15.83 8.63
C SER I 195 23.89 -14.75 8.39
N SER I 196 22.64 -14.99 8.81
CA SER I 196 21.56 -14.02 8.64
C SER I 196 21.34 -13.14 9.87
N LEU I 197 21.81 -13.57 11.05
CA LEU I 197 21.65 -12.77 12.26
C LEU I 197 22.33 -11.42 12.09
N GLY I 198 21.59 -10.34 12.29
CA GLY I 198 22.16 -9.01 12.16
C GLY I 198 21.81 -8.33 10.86
N THR I 199 21.98 -9.05 9.74
CA THR I 199 21.60 -8.51 8.45
C THR I 199 20.13 -8.74 8.14
N GLN I 200 19.59 -9.88 8.59
CA GLN I 200 18.19 -10.21 8.39
C GLN I 200 17.41 -9.99 9.67
N THR I 201 16.29 -9.26 9.56
CA THR I 201 15.48 -8.90 10.71
C THR I 201 14.42 -9.97 10.97
N TYR I 202 14.25 -10.32 12.25
CA TYR I 202 13.28 -11.35 12.63
C TYR I 202 12.32 -10.77 13.65
N ILE I 203 11.03 -10.76 13.30
CA ILE I 203 9.96 -10.24 14.12
C ILE I 203 8.87 -11.29 14.23
N CYS I 204 8.47 -11.60 15.46
CA CYS I 204 7.32 -12.45 15.68
C CYS I 204 6.10 -11.56 15.91
N ASN I 205 5.01 -11.85 15.21
CA ASN I 205 3.76 -11.13 15.32
C ASN I 205 2.80 -11.99 16.12
N VAL I 206 2.36 -11.47 17.26
CA VAL I 206 1.50 -12.19 18.19
C VAL I 206 0.17 -11.47 18.26
N ASN I 207 -0.91 -12.24 18.19
CA ASN I 207 -2.27 -11.70 18.24
C ASN I 207 -3.10 -12.56 19.19
N HIS I 208 -3.67 -11.93 20.22
CA HIS I 208 -4.58 -12.58 21.18
C HIS I 208 -5.88 -11.78 21.14
N LYS I 209 -6.78 -12.19 20.25
CA LYS I 209 -8.00 -11.40 20.03
C LYS I 209 -8.87 -11.23 21.27
N PRO I 210 -9.04 -12.23 22.15
CA PRO I 210 -9.93 -12.02 23.30
C PRO I 210 -9.57 -10.81 24.16
N SER I 211 -8.29 -10.42 24.21
CA SER I 211 -7.87 -9.26 25.00
C SER I 211 -7.45 -8.09 24.12
N ASN I 212 -7.55 -8.22 22.80
CA ASN I 212 -7.16 -7.17 21.87
C ASN I 212 -5.69 -6.83 22.00
N THR I 213 -4.86 -7.85 22.18
CA THR I 213 -3.41 -7.71 22.27
C THR I 213 -2.78 -8.08 20.94
N LYS I 214 -2.07 -7.13 20.34
CA LYS I 214 -1.27 -7.37 19.15
C LYS I 214 0.15 -6.89 19.44
N VAL I 215 1.11 -7.80 19.43
CA VAL I 215 2.49 -7.50 19.79
C VAL I 215 3.39 -7.87 18.63
N ASP I 216 4.32 -6.99 18.32
CA ASP I 216 5.39 -7.24 17.35
C ASP I 216 6.70 -7.08 18.08
N LYS I 217 7.44 -8.18 18.21
CA LYS I 217 8.67 -8.20 18.97
C LYS I 217 9.83 -8.55 18.04
N LYS I 218 10.77 -7.63 17.89
CA LYS I 218 11.99 -7.90 17.13
C LYS I 218 12.95 -8.71 18.00
N VAL I 219 13.48 -9.79 17.44
CA VAL I 219 14.38 -10.68 18.15
C VAL I 219 15.75 -10.59 17.51
N GLU I 220 16.76 -10.20 18.29
CA GLU I 220 18.10 -10.12 17.75
C GLU I 220 19.11 -10.65 18.76
N PRO I 221 20.36 -10.90 18.34
CA PRO I 221 21.43 -11.39 19.23
C PRO I 221 21.71 -10.43 20.39
#